data_3EH2
#
_entry.id   3EH2
#
_cell.length_a   69.690
_cell.length_b   182.980
_cell.length_c   201.830
_cell.angle_alpha   90.00
_cell.angle_beta   90.00
_cell.angle_gamma   90.00
#
_symmetry.space_group_name_H-M   'P 21 21 21'
#
loop_
_entity.id
_entity.type
_entity.pdbx_description
1 polymer 'Protein transport protein Sec24C'
2 non-polymer 'ZINC ION'
3 water water
#
_entity_poly.entity_id   1
_entity_poly.type   'polypeptide(L)'
_entity_poly.pdbx_seq_one_letter_code
;PIQVIEDDRNNRGTEPFVTGVRGQVPPLVTTNFLVKDQGNASPRYIRCTSYNIPCTSDMAKQAQVPLAAVIKPLARLPPE
EASPYVVDHGESGPLRCNRCKAYMCPFMQFIEGGRRFQCCFCSCINDVPPQYFQHLDHTGKRVDAYDRPELSLGSYEFLA
TVDYCKNNKFPSPPAFIFMIDVSYNAIRTGLVRLLCEELKSLLDFLPREGGAEESAIRVGFVTYNKVLHFYNVKSSLAQP
QMMVVSDVADMFVPLLDGFLVNVNESRAVITSLLDQIPEMFADTRETETVFVPVIQAGMEALKAAECAGKLFLFHTSLPI
AEAPGKLKNRDDRKLINTDKEKTLFQPQTGAYQTLAKECVAQGCCVDLFLFPNQYVDVATLSVVPQLTGGSVYKYASFQV
ENDQERFLSDLRRDVQKVVGFDAVMRVRTSTGIRAVDFFGAFYMSNTTDVELAGLDGDKTVTVEFKHDDRLNEESGALLQ
CALLYTSCAGQRRLRIHNLALNCCTQLADLYRNCETDTLINYMAKFAYRGVLNSPVKAVRDTLITQCAQILACYRKNCAS
PSSAGQLILPECMKLLPVYLNCVLKSDVLQPGAEVTTDDRAYVRQLVTSMDVTETNVFFYPRLLPLTKSPVESTTEPPAV
RASEERLSNGDIYLLENGLNLFLWVGASVQQGVVQSLFSVSSFSQITSGLSVLPVLDNPLSKKVRGLIDSLRAQRSRYMK
LTVVKQEDKMEMLFKHFLVEDKSLSGGASYVDFLCHMHKEIRQLLS
;
_entity_poly.pdbx_strand_id   A,B,C
#
# COMPACT_ATOMS: atom_id res chain seq x y z
N PRO A 1 -26.79 -10.39 20.63
CA PRO A 1 -25.50 -10.41 21.38
C PRO A 1 -24.30 -10.74 20.49
N ILE A 2 -23.10 -10.72 21.10
CA ILE A 2 -21.83 -11.00 20.44
C ILE A 2 -21.56 -10.19 19.19
N GLN A 3 -22.27 -10.52 18.10
CA GLN A 3 -22.12 -9.83 16.83
C GLN A 3 -22.32 -8.33 16.97
N VAL A 4 -23.46 -7.93 17.54
CA VAL A 4 -23.81 -6.52 17.70
C VAL A 4 -22.98 -5.79 18.76
N ILE A 5 -22.56 -6.52 19.79
CA ILE A 5 -21.76 -5.94 20.86
C ILE A 5 -20.45 -5.39 20.27
N GLU A 6 -19.70 -6.26 19.59
CA GLU A 6 -18.44 -5.87 18.98
C GLU A 6 -18.64 -4.78 17.94
N ASP A 7 -19.80 -4.77 17.28
CA ASP A 7 -20.07 -3.75 16.28
C ASP A 7 -20.46 -2.42 16.91
N ASP A 8 -21.04 -2.46 18.11
CA ASP A 8 -21.43 -1.22 18.80
C ASP A 8 -20.14 -0.49 19.18
N ARG A 9 -19.23 -1.19 19.84
CA ARG A 9 -17.96 -0.61 20.25
C ARG A 9 -17.20 -0.17 18.99
N ASN A 10 -17.27 -1.00 17.97
CA ASN A 10 -16.60 -0.73 16.70
C ASN A 10 -17.03 0.63 16.11
N ASN A 11 -18.27 1.02 16.39
CA ASN A 11 -18.79 2.29 15.87
C ASN A 11 -18.68 3.43 16.87
N ARG A 12 -18.49 3.09 18.15
CA ARG A 12 -18.38 4.12 19.18
C ARG A 12 -16.95 4.31 19.69
N GLY A 13 -15.98 3.69 19.03
CA GLY A 13 -14.59 3.81 19.46
C GLY A 13 -13.56 3.61 18.36
N THR A 14 -13.76 4.27 17.22
CA THR A 14 -12.83 4.17 16.09
C THR A 14 -11.78 5.28 16.14
N GLU A 15 -12.00 6.27 16.99
CA GLU A 15 -11.07 7.38 17.16
C GLU A 15 -9.91 6.94 18.09
N PRO A 16 -9.04 7.87 18.51
CA PRO A 16 -7.96 7.44 19.40
C PRO A 16 -8.35 7.33 20.86
N PHE A 17 -7.77 6.34 21.53
CA PHE A 17 -8.04 6.15 22.95
C PHE A 17 -6.86 6.82 23.64
N VAL A 18 -7.12 7.92 24.34
CA VAL A 18 -6.10 8.67 25.07
C VAL A 18 -6.19 8.24 26.53
N THR A 19 -5.08 7.79 27.09
CA THR A 19 -5.08 7.30 28.47
C THR A 19 -4.85 8.35 29.55
N GLY A 20 -5.61 9.45 29.48
CA GLY A 20 -5.47 10.51 30.46
C GLY A 20 -6.48 10.47 31.60
N VAL A 21 -7.51 9.64 31.49
CA VAL A 21 -8.52 9.53 32.52
C VAL A 21 -8.34 8.31 33.42
N ARG A 22 -8.40 8.54 34.73
CA ARG A 22 -8.19 7.49 35.73
C ARG A 22 -8.72 6.08 35.39
N GLY A 23 -9.92 5.74 35.84
CA GLY A 23 -10.47 4.41 35.57
C GLY A 23 -11.32 4.33 34.31
N GLN A 24 -10.73 4.71 33.19
CA GLN A 24 -11.41 4.71 31.90
C GLN A 24 -11.40 3.30 31.27
N VAL A 25 -12.58 2.74 31.02
CA VAL A 25 -12.67 1.42 30.42
C VAL A 25 -12.19 1.54 28.97
N PRO A 26 -11.20 0.70 28.58
CA PRO A 26 -10.68 0.76 27.20
C PRO A 26 -11.67 0.17 26.21
N PRO A 27 -11.41 0.33 24.90
CA PRO A 27 -12.33 -0.24 23.90
C PRO A 27 -12.27 -1.77 23.97
N LEU A 28 -13.22 -2.44 23.33
CA LEU A 28 -13.26 -3.90 23.35
C LEU A 28 -12.08 -4.45 22.54
N VAL A 29 -11.58 -5.64 22.89
CA VAL A 29 -10.43 -6.21 22.18
C VAL A 29 -10.73 -6.44 20.69
N THR A 30 -12.02 -6.54 20.37
CA THR A 30 -12.45 -6.79 19.01
C THR A 30 -12.57 -5.50 18.20
N THR A 31 -12.16 -4.39 18.81
CA THR A 31 -12.23 -3.09 18.13
C THR A 31 -10.83 -2.57 17.83
N ASN A 32 -10.62 -2.15 16.59
CA ASN A 32 -9.33 -1.60 16.19
C ASN A 32 -9.30 -0.15 16.63
N PHE A 33 -8.20 0.24 17.27
CA PHE A 33 -8.07 1.62 17.73
C PHE A 33 -6.62 1.97 17.95
N LEU A 34 -6.36 3.27 18.06
CA LEU A 34 -5.01 3.75 18.27
C LEU A 34 -4.91 4.26 19.70
N VAL A 35 -3.82 3.91 20.37
CA VAL A 35 -3.64 4.35 21.75
C VAL A 35 -2.60 5.46 21.87
N LYS A 36 -2.97 6.50 22.60
CA LYS A 36 -2.07 7.61 22.87
C LYS A 36 -1.93 7.61 24.39
N ASP A 37 -0.71 7.40 24.88
CA ASP A 37 -0.47 7.33 26.30
C ASP A 37 -1.05 8.52 27.10
N GLN A 38 -0.23 9.48 27.46
CA GLN A 38 -0.71 10.64 28.26
C GLN A 38 -1.02 10.38 29.76
N GLY A 39 -0.38 9.37 30.37
CA GLY A 39 -0.62 9.17 31.80
C GLY A 39 -0.91 7.80 32.36
N ASN A 40 -1.75 7.02 31.70
CA ASN A 40 -2.12 5.68 32.16
C ASN A 40 -1.49 4.66 31.23
N ALA A 41 -1.25 3.46 31.76
CA ALA A 41 -0.67 2.40 30.96
C ALA A 41 -1.67 2.08 29.87
N SER A 42 -1.18 1.89 28.66
CA SER A 42 -2.03 1.56 27.54
C SER A 42 -2.69 0.22 27.77
N PRO A 43 -3.89 0.03 27.23
CA PRO A 43 -4.57 -1.26 27.42
C PRO A 43 -3.79 -2.43 26.79
N ARG A 44 -2.79 -2.13 25.98
CA ARG A 44 -2.01 -3.21 25.37
C ARG A 44 -1.06 -3.84 26.37
N TYR A 45 -0.76 -3.08 27.42
CA TYR A 45 0.13 -3.53 28.48
C TYR A 45 -0.66 -4.13 29.65
N ILE A 46 -1.83 -3.54 29.95
CA ILE A 46 -2.65 -4.00 31.06
C ILE A 46 -4.16 -3.83 30.86
N ARG A 47 -4.92 -4.86 31.22
CA ARG A 47 -6.37 -4.80 31.14
C ARG A 47 -6.90 -5.38 32.45
N CYS A 48 -7.93 -4.74 33.01
CA CYS A 48 -8.52 -5.16 34.28
C CYS A 48 -9.94 -5.66 34.12
N THR A 49 -10.38 -6.47 35.08
CA THR A 49 -11.73 -7.01 35.11
C THR A 49 -12.64 -5.90 35.58
N SER A 50 -12.09 -5.02 36.41
CA SER A 50 -12.83 -3.91 36.99
C SER A 50 -12.00 -2.62 36.98
N TYR A 51 -12.58 -1.54 36.46
CA TYR A 51 -11.90 -0.26 36.40
C TYR A 51 -12.35 0.72 37.48
N ASN A 52 -13.32 0.31 38.29
CA ASN A 52 -13.81 1.13 39.40
C ASN A 52 -14.00 0.15 40.56
N ILE A 53 -12.92 -0.02 41.32
CA ILE A 53 -12.83 -0.95 42.44
C ILE A 53 -13.64 -0.60 43.68
N PRO A 54 -14.28 -1.61 44.30
CA PRO A 54 -15.05 -1.32 45.51
C PRO A 54 -14.06 -0.85 46.57
N CYS A 55 -14.47 0.12 47.38
CA CYS A 55 -13.58 0.65 48.39
C CYS A 55 -13.24 -0.26 49.56
N THR A 56 -14.10 -1.22 49.87
CA THR A 56 -13.85 -2.10 51.00
C THR A 56 -14.04 -3.56 50.65
N SER A 57 -13.63 -4.43 51.56
CA SER A 57 -13.78 -5.86 51.39
C SER A 57 -15.26 -6.28 51.49
N ASP A 58 -16.04 -5.64 52.36
CA ASP A 58 -17.45 -6.00 52.52
C ASP A 58 -18.23 -5.70 51.25
N MET A 59 -17.99 -4.52 50.68
CA MET A 59 -18.66 -4.12 49.45
C MET A 59 -18.29 -5.07 48.32
N ALA A 60 -17.03 -5.46 48.26
CA ALA A 60 -16.57 -6.38 47.23
C ALA A 60 -17.29 -7.72 47.35
N LYS A 61 -17.34 -8.25 48.57
CA LYS A 61 -18.00 -9.53 48.80
C LYS A 61 -19.47 -9.49 48.43
N GLN A 62 -20.02 -8.29 48.33
CA GLN A 62 -21.42 -8.15 47.97
C GLN A 62 -21.64 -8.41 46.49
N ALA A 63 -20.60 -8.20 45.69
CA ALA A 63 -20.72 -8.40 44.25
C ALA A 63 -20.05 -9.69 43.77
N GLN A 64 -19.06 -10.16 44.52
CA GLN A 64 -18.37 -11.39 44.16
C GLN A 64 -17.65 -11.28 42.81
N VAL A 65 -17.35 -10.05 42.39
CA VAL A 65 -16.65 -9.87 41.12
C VAL A 65 -15.12 -9.88 41.35
N PRO A 66 -14.43 -10.91 40.84
CA PRO A 66 -12.98 -10.98 41.02
C PRO A 66 -12.30 -9.73 40.46
N LEU A 67 -11.30 -9.25 41.19
CA LEU A 67 -10.57 -8.06 40.78
C LEU A 67 -9.23 -8.54 40.24
N ALA A 68 -9.07 -8.52 38.92
CA ALA A 68 -7.86 -9.02 38.32
C ALA A 68 -7.31 -8.17 37.18
N ALA A 69 -6.02 -8.34 36.92
CA ALA A 69 -5.37 -7.60 35.87
C ALA A 69 -4.57 -8.56 35.01
N VAL A 70 -4.70 -8.41 33.69
CA VAL A 70 -3.97 -9.26 32.76
C VAL A 70 -2.88 -8.34 32.22
N ILE A 71 -1.64 -8.66 32.56
CA ILE A 71 -0.48 -7.85 32.19
C ILE A 71 0.43 -8.48 31.14
N LYS A 72 0.84 -7.65 30.18
CA LYS A 72 1.70 -8.04 29.05
C LYS A 72 2.82 -7.01 29.03
N PRO A 73 3.81 -7.14 29.92
CA PRO A 73 4.96 -6.22 30.05
C PRO A 73 5.64 -5.72 28.78
N LEU A 74 6.00 -6.62 27.88
CA LEU A 74 6.67 -6.21 26.66
C LEU A 74 5.83 -6.34 25.39
N ALA A 75 4.53 -6.07 25.53
CA ALA A 75 3.60 -6.14 24.39
C ALA A 75 4.17 -5.45 23.15
N ARG A 76 4.00 -6.10 22.00
CA ARG A 76 4.46 -5.54 20.74
C ARG A 76 3.43 -4.47 20.37
N LEU A 77 3.90 -3.28 20.01
CA LEU A 77 2.99 -2.21 19.67
C LEU A 77 2.90 -1.94 18.19
N PRO A 78 1.74 -1.45 17.73
CA PRO A 78 1.57 -1.15 16.31
C PRO A 78 2.60 -0.08 15.99
N PRO A 79 3.06 -0.01 14.74
CA PRO A 79 4.07 0.98 14.34
C PRO A 79 3.78 2.41 14.79
N GLU A 80 2.52 2.81 14.72
CA GLU A 80 2.13 4.17 15.07
C GLU A 80 2.15 4.49 16.56
N GLU A 81 2.19 3.48 17.41
CA GLU A 81 2.21 3.72 18.84
C GLU A 81 3.64 3.72 19.37
N ALA A 82 3.98 4.80 20.07
CA ALA A 82 5.32 4.99 20.62
C ALA A 82 5.70 4.00 21.70
N SER A 83 6.94 3.52 21.62
CA SER A 83 7.48 2.59 22.59
C SER A 83 7.86 3.38 23.84
N PRO A 84 8.05 2.68 24.96
CA PRO A 84 8.41 3.34 26.22
C PRO A 84 9.75 4.08 26.11
N TYR A 85 9.81 5.31 26.64
CA TYR A 85 11.05 6.08 26.61
C TYR A 85 11.97 5.53 27.69
N VAL A 86 13.27 5.53 27.42
CA VAL A 86 14.24 5.05 28.39
C VAL A 86 14.83 6.26 29.13
N VAL A 87 14.67 6.26 30.44
CA VAL A 87 15.19 7.35 31.27
C VAL A 87 16.47 6.91 31.97
N ASP A 88 17.49 7.75 31.86
CA ASP A 88 18.79 7.46 32.45
C ASP A 88 19.15 8.43 33.57
N HIS A 89 19.02 7.97 34.80
CA HIS A 89 19.32 8.78 35.98
C HIS A 89 20.74 8.63 36.50
N GLY A 90 21.61 8.02 35.70
CA GLY A 90 22.99 7.87 36.13
C GLY A 90 23.18 6.88 37.28
N GLU A 91 24.24 7.07 38.05
CA GLU A 91 24.55 6.17 39.16
C GLU A 91 23.55 6.11 40.30
N SER A 92 22.82 7.20 40.54
CA SER A 92 21.87 7.17 41.64
C SER A 92 20.64 6.32 41.29
N GLY A 93 20.42 6.09 40.00
CA GLY A 93 19.27 5.30 39.58
C GLY A 93 17.96 6.05 39.84
N PRO A 94 16.81 5.44 39.54
CA PRO A 94 15.47 6.03 39.72
C PRO A 94 15.07 6.25 41.18
N LEU A 95 14.37 7.35 41.44
CA LEU A 95 13.91 7.68 42.78
C LEU A 95 12.73 6.78 43.12
N ARG A 96 12.72 6.21 44.32
CA ARG A 96 11.66 5.29 44.73
C ARG A 96 11.15 5.63 46.11
N CYS A 97 9.94 5.17 46.42
CA CYS A 97 9.40 5.44 47.74
C CYS A 97 10.24 4.71 48.78
N ASN A 98 10.73 5.48 49.74
CA ASN A 98 11.58 4.95 50.79
C ASN A 98 10.91 3.87 51.62
N ARG A 99 9.58 3.86 51.63
CA ARG A 99 8.84 2.86 52.39
C ARG A 99 8.39 1.66 51.57
N CYS A 100 7.49 1.88 50.62
CA CYS A 100 6.98 0.77 49.81
C CYS A 100 7.83 0.45 48.57
N LYS A 101 8.79 1.31 48.27
CA LYS A 101 9.69 1.13 47.11
C LYS A 101 9.05 1.26 45.74
N ALA A 102 7.93 1.96 45.65
CA ALA A 102 7.28 2.18 44.36
C ALA A 102 8.17 3.18 43.63
N TYR A 103 8.18 3.14 42.31
CA TYR A 103 9.01 4.05 41.53
C TYR A 103 8.29 5.37 41.24
N MET A 104 9.07 6.44 41.06
CA MET A 104 8.51 7.75 40.73
C MET A 104 7.64 7.54 39.49
N CYS A 105 6.45 8.12 39.50
CA CYS A 105 5.53 7.95 38.39
C CYS A 105 4.63 9.19 38.29
N PRO A 106 3.78 9.25 37.25
CA PRO A 106 2.88 10.40 37.08
C PRO A 106 1.91 10.63 38.22
N PHE A 107 1.76 9.67 39.12
CA PHE A 107 0.81 9.79 40.23
C PHE A 107 1.39 10.35 41.53
N MET A 108 2.72 10.34 41.67
CA MET A 108 3.31 10.86 42.88
C MET A 108 2.89 12.33 43.05
N GLN A 109 2.48 12.68 44.26
CA GLN A 109 2.04 14.03 44.58
C GLN A 109 3.18 14.83 45.19
N PHE A 110 3.63 15.86 44.48
CA PHE A 110 4.70 16.70 44.99
C PHE A 110 4.11 17.70 45.96
N ILE A 111 4.85 18.02 47.02
CA ILE A 111 4.36 18.93 48.05
C ILE A 111 5.45 19.88 48.54
N GLU A 112 5.01 20.87 49.31
CA GLU A 112 5.92 21.84 49.93
C GLU A 112 6.95 22.38 48.95
N GLY A 113 6.48 23.08 47.93
CA GLY A 113 7.39 23.67 46.97
C GLY A 113 8.22 22.68 46.19
N GLY A 114 7.75 21.43 46.14
CA GLY A 114 8.47 20.41 45.41
C GLY A 114 9.70 19.81 46.08
N ARG A 115 9.97 20.17 47.34
CA ARG A 115 11.13 19.62 48.02
C ARG A 115 10.87 18.18 48.45
N ARG A 116 9.59 17.80 48.45
CA ARG A 116 9.20 16.44 48.82
C ARG A 116 8.04 15.97 47.95
N PHE A 117 7.73 14.67 48.06
CA PHE A 117 6.59 14.13 47.33
C PHE A 117 5.93 13.10 48.25
N GLN A 118 4.61 13.05 48.20
CA GLN A 118 3.88 12.10 49.01
C GLN A 118 3.66 10.88 48.10
N CYS A 119 3.98 9.69 48.59
CA CYS A 119 3.80 8.50 47.79
C CYS A 119 2.32 8.20 47.61
N CYS A 120 1.88 8.06 46.37
CA CYS A 120 0.47 7.81 46.09
C CYS A 120 0.04 6.40 46.45
N PHE A 121 1.00 5.51 46.60
CA PHE A 121 0.70 4.13 46.93
C PHE A 121 0.59 3.83 48.42
N CYS A 122 1.48 4.40 49.23
CA CYS A 122 1.44 4.14 50.67
C CYS A 122 1.40 5.41 51.51
N SER A 123 1.47 6.55 50.83
CA SER A 123 1.42 7.88 51.45
C SER A 123 2.65 8.28 52.26
N CYS A 124 3.74 7.53 52.12
CA CYS A 124 4.96 7.87 52.83
C CYS A 124 5.48 9.18 52.22
N ILE A 125 6.04 10.05 53.06
CA ILE A 125 6.60 11.32 52.58
C ILE A 125 8.08 11.10 52.25
N ASN A 126 8.51 11.58 51.10
CA ASN A 126 9.88 11.38 50.65
C ASN A 126 10.54 12.65 50.13
N ASP A 127 11.82 12.80 50.42
CA ASP A 127 12.57 13.96 49.95
C ASP A 127 12.85 13.85 48.48
N VAL A 128 12.91 14.99 47.81
CA VAL A 128 13.22 15.01 46.39
C VAL A 128 14.67 15.47 46.29
N PRO A 129 15.56 14.60 45.77
CA PRO A 129 16.96 15.01 45.64
C PRO A 129 17.00 16.28 44.81
N PRO A 130 17.86 17.24 45.19
CA PRO A 130 17.98 18.51 44.48
C PRO A 130 18.38 18.48 43.00
N GLN A 131 19.06 17.42 42.59
CA GLN A 131 19.49 17.29 41.20
C GLN A 131 18.87 16.08 40.51
N TYR A 132 17.87 15.47 41.14
CA TYR A 132 17.25 14.31 40.55
C TYR A 132 16.77 14.54 39.12
N PHE A 133 15.89 15.52 38.93
CA PHE A 133 15.35 15.81 37.60
C PHE A 133 16.30 16.56 36.66
N GLN A 134 17.09 17.47 37.21
CA GLN A 134 18.03 18.24 36.40
C GLN A 134 19.03 17.30 35.74
N HIS A 135 19.31 16.16 36.37
CA HIS A 135 20.25 15.20 35.82
C HIS A 135 19.84 14.75 34.43
N LEU A 136 18.53 14.59 34.22
CA LEU A 136 18.00 14.17 32.92
C LEU A 136 18.35 15.15 31.80
N ASP A 137 18.58 16.42 32.16
CA ASP A 137 18.91 17.44 31.17
C ASP A 137 20.38 17.57 30.80
N HIS A 138 21.23 16.73 31.39
CA HIS A 138 22.65 16.85 31.12
C HIS A 138 23.30 15.59 30.55
N THR A 139 22.48 14.80 29.88
CA THR A 139 22.93 13.61 29.19
C THR A 139 22.87 14.13 27.74
N GLY A 140 23.40 13.40 26.78
CA GLY A 140 23.36 13.92 25.42
C GLY A 140 22.00 13.93 24.74
N LYS A 141 20.92 13.88 25.50
CA LYS A 141 19.58 13.86 24.90
C LYS A 141 19.01 15.26 24.70
N ARG A 142 18.09 15.40 23.75
CA ARG A 142 17.45 16.69 23.52
C ARG A 142 16.61 17.01 24.75
N VAL A 143 16.50 18.29 25.10
CA VAL A 143 15.75 18.68 26.28
C VAL A 143 14.63 19.69 26.06
N ASP A 144 14.21 19.90 24.81
CA ASP A 144 13.16 20.87 24.54
C ASP A 144 11.79 20.53 25.11
N ALA A 145 11.43 19.24 25.14
CA ALA A 145 10.13 18.82 25.66
C ALA A 145 9.89 19.33 27.09
N TYR A 146 8.63 19.62 27.38
CA TYR A 146 8.23 20.09 28.69
C TYR A 146 8.13 18.89 29.66
N ASP A 147 7.45 17.86 29.19
CA ASP A 147 7.19 16.65 29.94
C ASP A 147 8.38 15.72 30.09
N ARG A 148 8.42 15.04 31.22
CA ARG A 148 9.48 14.06 31.49
C ARG A 148 8.70 12.75 31.60
N PRO A 149 9.09 11.75 30.80
CA PRO A 149 8.45 10.43 30.77
C PRO A 149 7.96 9.88 32.10
N GLU A 150 8.86 9.76 33.07
CA GLU A 150 8.50 9.19 34.36
C GLU A 150 7.44 9.97 35.13
N LEU A 151 7.24 11.24 34.77
CA LEU A 151 6.25 12.06 35.46
C LEU A 151 4.98 12.28 34.66
N SER A 152 4.97 11.90 33.40
CA SER A 152 3.77 12.18 32.61
C SER A 152 3.20 11.01 31.82
N LEU A 153 3.96 9.94 31.65
CA LEU A 153 3.47 8.80 30.89
C LEU A 153 3.21 7.56 31.73
N GLY A 154 2.24 6.76 31.33
CA GLY A 154 1.91 5.55 32.07
C GLY A 154 2.98 4.47 32.01
N SER A 155 3.71 4.42 30.90
CA SER A 155 4.76 3.42 30.70
C SER A 155 6.07 4.06 30.24
N TYR A 156 7.16 3.67 30.88
CA TYR A 156 8.50 4.18 30.57
C TYR A 156 9.52 3.24 31.18
N GLU A 157 10.78 3.34 30.74
CA GLU A 157 11.81 2.49 31.27
C GLU A 157 12.91 3.30 31.95
N PHE A 158 13.63 2.66 32.86
CA PHE A 158 14.76 3.29 33.58
C PHE A 158 16.02 2.42 33.32
N LEU A 159 17.18 3.05 33.08
CA LEU A 159 18.40 2.25 32.95
C LEU A 159 18.66 1.84 34.41
N ALA A 160 18.96 0.57 34.65
CA ALA A 160 19.21 0.11 36.01
C ALA A 160 20.68 0.20 36.45
N THR A 161 20.92 0.44 37.74
CA THR A 161 22.28 0.51 38.30
C THR A 161 22.72 -0.90 38.71
N VAL A 162 23.98 -1.06 39.10
CA VAL A 162 24.49 -2.38 39.50
C VAL A 162 23.73 -2.99 40.66
N ASP A 163 23.11 -2.15 41.48
CA ASP A 163 22.35 -2.62 42.63
C ASP A 163 21.20 -3.52 42.21
N TYR A 164 20.86 -3.48 40.93
CA TYR A 164 19.76 -4.27 40.41
C TYR A 164 20.24 -5.55 39.71
N CYS A 165 21.53 -5.85 39.80
CA CYS A 165 22.08 -7.03 39.12
C CYS A 165 22.76 -8.03 40.05
N LYS A 166 22.76 -9.29 39.63
CA LYS A 166 23.37 -10.39 40.36
C LYS A 166 24.83 -10.11 40.64
N ASN A 167 25.25 -10.32 41.90
CA ASN A 167 26.63 -10.11 42.30
C ASN A 167 27.05 -8.66 42.12
N ASN A 168 26.07 -7.78 42.03
CA ASN A 168 26.38 -6.36 41.90
C ASN A 168 27.31 -6.11 40.71
N LYS A 169 27.03 -6.77 39.59
CA LYS A 169 27.85 -6.63 38.38
C LYS A 169 26.91 -6.63 37.17
N PHE A 170 27.18 -5.76 36.20
CA PHE A 170 26.34 -5.68 35.00
C PHE A 170 26.34 -7.00 34.24
N PRO A 171 25.19 -7.36 33.67
CA PRO A 171 25.12 -8.63 32.92
C PRO A 171 25.81 -8.61 31.57
N SER A 172 26.07 -9.80 31.06
CA SER A 172 26.69 -9.99 29.77
C SER A 172 25.61 -10.33 28.73
N PRO A 173 25.93 -10.17 27.44
CA PRO A 173 24.92 -10.50 26.43
C PRO A 173 24.43 -11.94 26.57
N PRO A 174 23.13 -12.17 26.36
CA PRO A 174 22.57 -13.52 26.46
C PRO A 174 22.93 -14.34 25.22
N ALA A 175 22.67 -15.65 25.27
CA ALA A 175 23.00 -16.49 24.13
C ALA A 175 21.87 -17.45 23.80
N PHE A 176 21.89 -17.97 22.58
CA PHE A 176 20.88 -18.92 22.10
C PHE A 176 21.57 -20.26 21.81
N ILE A 177 20.93 -21.35 22.22
CA ILE A 177 21.47 -22.67 21.98
C ILE A 177 20.39 -23.48 21.32
N PHE A 178 20.68 -23.96 20.11
CA PHE A 178 19.75 -24.77 19.34
C PHE A 178 20.06 -26.23 19.63
N MET A 179 19.06 -26.95 20.09
CA MET A 179 19.23 -28.35 20.46
C MET A 179 18.30 -29.23 19.64
N ILE A 180 18.94 -29.99 18.75
CA ILE A 180 18.25 -30.83 17.78
C ILE A 180 18.28 -32.34 17.97
N ASP A 181 17.08 -32.92 17.90
CA ASP A 181 16.88 -34.35 18.01
C ASP A 181 17.25 -34.93 16.64
N VAL A 182 18.28 -35.77 16.58
CA VAL A 182 18.67 -36.35 15.30
C VAL A 182 18.41 -37.86 15.28
N SER A 183 17.40 -38.30 16.02
CA SER A 183 17.04 -39.71 16.05
C SER A 183 16.38 -40.03 14.71
N TYR A 184 16.15 -41.31 14.46
CA TYR A 184 15.53 -41.75 13.22
C TYR A 184 14.26 -40.99 12.86
N ASN A 185 13.38 -40.84 13.85
CA ASN A 185 12.11 -40.17 13.63
C ASN A 185 12.23 -38.74 13.12
N ALA A 186 13.27 -38.04 13.56
CA ALA A 186 13.49 -36.67 13.16
C ALA A 186 14.14 -36.57 11.79
N ILE A 187 15.04 -37.51 11.50
CA ILE A 187 15.74 -37.52 10.22
C ILE A 187 14.88 -37.96 9.05
N ARG A 188 14.03 -38.96 9.28
CA ARG A 188 13.19 -39.53 8.23
C ARG A 188 12.13 -38.66 7.58
N THR A 189 11.61 -37.67 8.30
CA THR A 189 10.61 -36.79 7.72
C THR A 189 11.31 -35.66 6.98
N GLY A 190 12.59 -35.46 7.28
CA GLY A 190 13.32 -34.39 6.63
C GLY A 190 13.35 -33.16 7.54
N LEU A 191 12.87 -33.34 8.76
CA LEU A 191 12.85 -32.24 9.71
C LEU A 191 14.23 -31.69 9.98
N VAL A 192 15.20 -32.59 10.22
CA VAL A 192 16.55 -32.14 10.52
C VAL A 192 17.06 -31.29 9.37
N ARG A 193 16.96 -31.82 8.15
CA ARG A 193 17.42 -31.08 6.98
C ARG A 193 16.75 -29.71 6.88
N LEU A 194 15.43 -29.68 6.98
CA LEU A 194 14.68 -28.43 6.87
C LEU A 194 15.17 -27.40 7.89
N LEU A 195 15.28 -27.83 9.14
CA LEU A 195 15.73 -26.96 10.22
C LEU A 195 17.14 -26.44 10.02
N CYS A 196 18.07 -27.33 9.66
CA CYS A 196 19.46 -26.89 9.44
C CYS A 196 19.57 -25.89 8.31
N GLU A 197 18.86 -26.16 7.22
CA GLU A 197 18.87 -25.27 6.06
C GLU A 197 18.33 -23.89 6.41
N GLU A 198 17.21 -23.84 7.15
CA GLU A 198 16.61 -22.57 7.52
C GLU A 198 17.55 -21.76 8.42
N LEU A 199 18.16 -22.44 9.38
CA LEU A 199 19.08 -21.81 10.30
C LEU A 199 20.23 -21.08 9.59
N LYS A 200 20.61 -21.56 8.40
CA LYS A 200 21.70 -20.93 7.64
C LYS A 200 21.36 -19.48 7.35
N SER A 201 20.08 -19.23 7.14
CA SER A 201 19.58 -17.90 6.84
C SER A 201 19.07 -17.17 8.08
N LEU A 202 18.40 -17.91 8.96
CA LEU A 202 17.81 -17.31 10.16
C LEU A 202 18.82 -16.72 11.16
N LEU A 203 19.92 -17.41 11.41
CA LEU A 203 20.92 -16.91 12.37
C LEU A 203 21.41 -15.48 12.10
N ASP A 204 21.11 -14.93 10.91
CA ASP A 204 21.51 -13.56 10.59
C ASP A 204 20.47 -12.55 11.11
N PHE A 205 19.34 -13.05 11.61
CA PHE A 205 18.29 -12.17 12.12
C PHE A 205 18.04 -12.29 13.62
N LEU A 206 19.11 -12.46 14.38
CA LEU A 206 18.97 -12.56 15.82
C LEU A 206 18.61 -11.17 16.37
N PRO A 207 17.83 -11.11 17.45
CA PRO A 207 17.43 -9.83 18.04
C PRO A 207 18.55 -8.83 18.28
N ARG A 208 18.29 -7.58 17.86
CA ARG A 208 19.22 -6.45 17.95
C ARG A 208 18.55 -5.30 18.70
N GLU A 209 19.36 -4.40 19.24
CA GLU A 209 18.81 -3.29 19.99
C GLU A 209 19.04 -1.91 19.38
N GLY A 210 19.50 -0.98 20.21
CA GLY A 210 19.70 0.40 19.82
C GLY A 210 20.64 0.74 18.68
N GLY A 211 20.21 0.45 17.45
CA GLY A 211 21.04 0.75 16.31
C GLY A 211 22.18 -0.22 16.12
N ALA A 212 22.29 -1.21 17.01
CA ALA A 212 23.34 -2.22 16.86
C ALA A 212 23.11 -2.81 15.47
N GLU A 213 24.15 -2.86 14.65
CA GLU A 213 24.02 -3.39 13.30
C GLU A 213 24.01 -4.90 13.35
N GLU A 214 24.83 -5.43 14.24
CA GLU A 214 24.98 -6.86 14.44
C GLU A 214 24.35 -7.24 15.78
N SER A 215 23.79 -8.44 15.86
CA SER A 215 23.21 -8.89 17.12
C SER A 215 24.37 -9.27 18.05
N ALA A 216 24.16 -9.12 19.34
CA ALA A 216 25.20 -9.47 20.31
C ALA A 216 24.93 -10.87 20.87
N ILE A 217 23.88 -11.52 20.38
CA ILE A 217 23.54 -12.86 20.86
C ILE A 217 24.44 -13.90 20.17
N ARG A 218 25.22 -14.64 20.94
CA ARG A 218 26.09 -15.68 20.37
C ARG A 218 25.27 -16.98 20.32
N VAL A 219 25.69 -17.92 19.47
CA VAL A 219 24.94 -19.15 19.33
C VAL A 219 25.75 -20.41 19.63
N GLY A 220 25.02 -21.46 20.00
CA GLY A 220 25.61 -22.76 20.30
C GLY A 220 24.77 -23.82 19.61
N PHE A 221 25.38 -24.96 19.29
CA PHE A 221 24.66 -26.03 18.60
C PHE A 221 24.87 -27.38 19.25
N VAL A 222 23.78 -28.12 19.44
CA VAL A 222 23.84 -29.44 20.05
C VAL A 222 22.79 -30.36 19.44
N THR A 223 23.20 -31.58 19.11
CA THR A 223 22.26 -32.56 18.55
C THR A 223 22.22 -33.69 19.57
N TYR A 224 21.26 -34.60 19.45
CA TYR A 224 21.18 -35.68 20.43
C TYR A 224 20.15 -36.75 20.09
N ASN A 225 20.39 -37.95 20.62
CA ASN A 225 19.47 -39.09 20.51
C ASN A 225 19.38 -39.61 21.94
N LYS A 226 20.24 -40.56 22.32
CA LYS A 226 20.22 -41.04 23.71
C LYS A 226 21.51 -40.51 24.34
N VAL A 227 22.31 -39.86 23.51
CA VAL A 227 23.57 -39.25 23.90
C VAL A 227 23.52 -37.82 23.33
N LEU A 228 24.44 -36.95 23.74
CA LEU A 228 24.43 -35.56 23.22
C LEU A 228 25.70 -35.29 22.43
N HIS A 229 25.58 -34.47 21.39
CA HIS A 229 26.72 -34.11 20.55
C HIS A 229 26.95 -32.59 20.60
N PHE A 230 28.02 -32.16 21.28
CA PHE A 230 28.36 -30.75 21.38
C PHE A 230 29.31 -30.43 20.23
N TYR A 231 29.04 -29.32 19.55
CA TYR A 231 29.86 -28.93 18.43
C TYR A 231 30.71 -27.72 18.72
N ASN A 232 31.96 -27.77 18.28
CA ASN A 232 32.86 -26.65 18.47
C ASN A 232 32.88 -25.95 17.12
N VAL A 233 32.53 -24.67 17.11
CA VAL A 233 32.52 -23.92 15.86
C VAL A 233 33.32 -22.63 16.02
N LYS A 234 34.51 -22.74 16.60
CA LYS A 234 35.34 -21.56 16.76
C LYS A 234 35.67 -21.04 15.36
N SER A 235 35.69 -19.71 15.20
CA SER A 235 35.94 -19.09 13.90
C SER A 235 37.22 -19.54 13.19
N SER A 236 38.21 -20.02 13.95
CA SER A 236 39.46 -20.45 13.34
C SER A 236 39.51 -21.95 13.04
N LEU A 237 38.35 -22.51 12.69
CA LEU A 237 38.24 -23.92 12.32
C LEU A 237 37.58 -23.82 10.96
N ALA A 238 37.87 -24.75 10.05
CA ALA A 238 37.21 -24.68 8.75
C ALA A 238 36.15 -25.77 8.79
N GLN A 239 36.27 -26.62 9.79
CA GLN A 239 35.36 -27.74 10.00
C GLN A 239 35.01 -27.82 11.48
N PRO A 240 33.73 -28.12 11.79
CA PRO A 240 33.25 -28.23 13.18
C PRO A 240 33.75 -29.49 13.88
N GLN A 241 34.16 -29.36 15.13
CA GLN A 241 34.64 -30.51 15.89
C GLN A 241 33.58 -30.98 16.91
N MET A 242 33.29 -32.27 16.90
CA MET A 242 32.29 -32.87 17.78
C MET A 242 32.84 -33.53 19.02
N MET A 243 32.23 -33.22 20.15
CA MET A 243 32.62 -33.78 21.43
C MET A 243 31.36 -34.45 21.98
N VAL A 244 31.39 -35.77 22.10
CA VAL A 244 30.24 -36.52 22.57
C VAL A 244 30.18 -36.75 24.07
N VAL A 245 28.97 -36.67 24.61
CA VAL A 245 28.75 -36.88 26.03
C VAL A 245 27.78 -38.04 26.16
N SER A 246 28.31 -39.23 26.42
CA SER A 246 27.49 -40.43 26.55
C SER A 246 27.03 -40.69 27.97
N ASP A 247 27.76 -40.11 28.92
CA ASP A 247 27.43 -40.30 30.33
C ASP A 247 26.24 -39.46 30.78
N VAL A 248 25.04 -39.94 30.50
CA VAL A 248 23.85 -39.25 30.95
C VAL A 248 23.71 -39.70 32.41
N ALA A 249 23.00 -38.92 33.21
CA ALA A 249 22.80 -39.20 34.64
C ALA A 249 23.86 -38.46 35.46
N ASP A 250 25.13 -38.68 35.10
CA ASP A 250 26.23 -38.04 35.79
C ASP A 250 26.73 -36.87 34.95
N MET A 251 26.23 -36.79 33.73
CA MET A 251 26.57 -35.73 32.79
C MET A 251 28.05 -35.34 32.72
N PHE A 252 28.31 -34.06 32.93
CA PHE A 252 29.64 -33.45 32.90
C PHE A 252 29.89 -32.91 31.50
N VAL A 253 29.60 -31.64 31.30
CA VAL A 253 29.80 -31.02 30.00
C VAL A 253 30.94 -30.00 30.06
N PRO A 254 32.14 -30.40 29.63
CA PRO A 254 33.33 -29.55 29.63
C PRO A 254 33.26 -28.32 28.73
N LEU A 255 34.02 -27.30 29.09
CA LEU A 255 34.09 -26.03 28.37
C LEU A 255 33.97 -26.13 26.87
N LEU A 256 35.08 -26.46 26.22
CA LEU A 256 35.10 -26.54 24.76
C LEU A 256 34.82 -25.11 24.32
N ASP A 257 35.71 -24.19 24.68
CA ASP A 257 35.57 -22.78 24.36
C ASP A 257 35.49 -22.45 22.87
N GLY A 258 34.70 -23.22 22.15
CA GLY A 258 34.48 -23.02 20.73
C GLY A 258 32.97 -23.13 20.54
N PHE A 259 32.31 -23.20 21.69
CA PHE A 259 30.86 -23.31 21.81
C PHE A 259 30.44 -21.86 22.04
N LEU A 260 29.27 -21.47 21.55
CA LEU A 260 28.83 -20.08 21.71
C LEU A 260 29.75 -19.14 20.94
N VAL A 261 29.34 -18.80 19.71
CA VAL A 261 30.14 -17.93 18.86
C VAL A 261 29.32 -16.84 18.18
N ASN A 262 30.01 -15.79 17.73
CA ASN A 262 29.39 -14.68 17.00
C ASN A 262 29.07 -15.25 15.62
N VAL A 263 27.83 -15.09 15.18
CA VAL A 263 27.42 -15.63 13.89
C VAL A 263 28.18 -15.09 12.67
N ASN A 264 28.59 -13.83 12.71
CA ASN A 264 29.32 -13.25 11.58
C ASN A 264 30.72 -13.86 11.45
N GLU A 265 31.43 -13.95 12.56
CA GLU A 265 32.78 -14.48 12.59
C GLU A 265 32.89 -15.96 12.21
N SER A 266 31.92 -16.77 12.63
CA SER A 266 31.95 -18.20 12.33
C SER A 266 31.02 -18.64 11.21
N ARG A 267 30.64 -17.69 10.37
CA ARG A 267 29.73 -17.96 9.26
C ARG A 267 30.03 -19.21 8.46
N ALA A 268 31.28 -19.36 8.02
CA ALA A 268 31.66 -20.52 7.21
C ALA A 268 31.56 -21.86 7.95
N VAL A 269 32.14 -21.91 9.15
CA VAL A 269 32.11 -23.15 9.93
C VAL A 269 30.70 -23.52 10.35
N ILE A 270 29.90 -22.52 10.70
CA ILE A 270 28.52 -22.78 11.08
C ILE A 270 27.81 -23.39 9.88
N THR A 271 27.97 -22.76 8.72
CA THR A 271 27.36 -23.26 7.48
C THR A 271 27.78 -24.71 7.25
N SER A 272 29.08 -24.99 7.39
CA SER A 272 29.58 -26.35 7.20
C SER A 272 28.89 -27.32 8.19
N LEU A 273 28.78 -26.90 9.45
CA LEU A 273 28.13 -27.69 10.47
C LEU A 273 26.68 -28.00 10.11
N LEU A 274 25.98 -27.00 9.57
CA LEU A 274 24.59 -27.21 9.21
C LEU A 274 24.42 -28.06 7.94
N ASP A 275 25.50 -28.24 7.19
CA ASP A 275 25.48 -29.09 5.99
C ASP A 275 25.72 -30.53 6.46
N GLN A 276 26.63 -30.64 7.43
CA GLN A 276 27.06 -31.90 8.00
C GLN A 276 26.01 -32.64 8.84
N ILE A 277 25.41 -31.96 9.81
CA ILE A 277 24.45 -32.58 10.69
C ILE A 277 23.45 -33.52 10.02
N PRO A 278 22.83 -33.08 8.91
CA PRO A 278 21.87 -33.98 8.26
C PRO A 278 22.58 -35.21 7.66
N GLU A 279 23.73 -34.98 7.02
CA GLU A 279 24.47 -36.08 6.42
C GLU A 279 24.95 -37.06 7.48
N MET A 280 25.55 -36.52 8.54
CA MET A 280 26.10 -37.34 9.61
C MET A 280 25.15 -38.32 10.27
N PHE A 281 23.87 -37.99 10.30
CA PHE A 281 22.92 -38.89 10.95
C PHE A 281 21.93 -39.55 10.01
N ALA A 282 22.11 -39.31 8.71
CA ALA A 282 21.25 -39.85 7.65
C ALA A 282 20.81 -41.29 7.80
N ASP A 283 21.75 -42.19 8.12
CA ASP A 283 21.41 -43.61 8.24
C ASP A 283 21.13 -44.07 9.66
N THR A 284 20.88 -43.15 10.58
CA THR A 284 20.64 -43.53 11.96
C THR A 284 19.41 -44.42 12.13
N ARG A 285 19.46 -45.24 13.17
CA ARG A 285 18.36 -46.14 13.47
C ARG A 285 17.94 -45.96 14.93
N GLU A 286 18.63 -45.06 15.62
CA GLU A 286 18.33 -44.77 17.02
C GLU A 286 16.89 -44.26 17.14
N THR A 287 16.14 -44.83 18.08
CA THR A 287 14.76 -44.45 18.27
C THR A 287 14.49 -43.91 19.67
N GLU A 288 15.37 -44.25 20.60
CA GLU A 288 15.25 -43.81 21.98
C GLU A 288 16.04 -42.54 22.21
N THR A 289 15.42 -41.58 22.88
CA THR A 289 16.07 -40.29 23.13
C THR A 289 15.93 -39.85 24.57
N VAL A 290 16.74 -38.88 24.97
CA VAL A 290 16.69 -38.30 26.31
C VAL A 290 16.04 -36.92 26.15
N PHE A 291 15.74 -36.25 27.27
CA PHE A 291 15.15 -34.91 27.22
C PHE A 291 15.77 -34.05 28.33
N VAL A 292 15.54 -34.44 29.58
CA VAL A 292 16.10 -33.70 30.72
C VAL A 292 17.60 -33.37 30.57
N PRO A 293 18.41 -34.36 30.18
CA PRO A 293 19.86 -34.13 30.01
C PRO A 293 20.19 -33.03 29.01
N VAL A 294 19.34 -32.89 27.99
CA VAL A 294 19.54 -31.89 26.95
C VAL A 294 19.40 -30.52 27.59
N ILE A 295 18.29 -30.34 28.30
CA ILE A 295 18.05 -29.07 28.96
C ILE A 295 19.11 -28.82 30.04
N GLN A 296 19.57 -29.87 30.69
CA GLN A 296 20.61 -29.70 31.70
C GLN A 296 21.90 -29.20 31.05
N ALA A 297 22.28 -29.83 29.94
CA ALA A 297 23.50 -29.45 29.23
C ALA A 297 23.46 -28.00 28.75
N GLY A 298 22.39 -27.62 28.04
CA GLY A 298 22.29 -26.26 27.55
C GLY A 298 22.34 -25.25 28.69
N MET A 299 21.63 -25.53 29.77
CA MET A 299 21.59 -24.63 30.92
C MET A 299 22.97 -24.54 31.57
N GLU A 300 23.61 -25.69 31.71
CA GLU A 300 24.94 -25.74 32.32
C GLU A 300 25.89 -24.93 31.42
N ALA A 301 25.67 -25.02 30.12
CA ALA A 301 26.51 -24.29 29.18
C ALA A 301 26.36 -22.79 29.40
N LEU A 302 25.12 -22.32 29.55
CA LEU A 302 24.91 -20.89 29.78
C LEU A 302 25.57 -20.46 31.10
N LYS A 303 25.43 -21.29 32.13
CA LYS A 303 26.05 -21.02 33.44
C LYS A 303 27.57 -20.87 33.32
N ALA A 304 28.18 -21.82 32.64
CA ALA A 304 29.63 -21.80 32.44
C ALA A 304 30.02 -20.49 31.74
N ALA A 305 29.15 -20.01 30.85
CA ALA A 305 29.43 -18.78 30.11
C ALA A 305 29.04 -17.55 30.91
N GLU A 306 28.45 -17.77 32.09
CA GLU A 306 28.04 -16.68 32.97
C GLU A 306 27.13 -15.65 32.28
N CYS A 307 26.19 -16.14 31.49
CA CYS A 307 25.26 -15.25 30.80
C CYS A 307 23.90 -15.95 30.82
N ALA A 308 22.84 -15.20 30.61
CA ALA A 308 21.51 -15.81 30.55
C ALA A 308 21.29 -16.17 29.08
N GLY A 309 20.16 -16.80 28.77
CA GLY A 309 19.90 -17.16 27.40
C GLY A 309 18.70 -18.05 27.21
N LYS A 310 18.57 -18.60 26.01
CA LYS A 310 17.45 -19.48 25.65
C LYS A 310 17.93 -20.78 25.02
N LEU A 311 17.15 -21.83 25.21
CA LEU A 311 17.43 -23.12 24.60
C LEU A 311 16.24 -23.37 23.68
N PHE A 312 16.50 -23.70 22.43
CA PHE A 312 15.44 -24.00 21.48
C PHE A 312 15.53 -25.51 21.16
N LEU A 313 14.58 -26.29 21.68
CA LEU A 313 14.56 -27.74 21.46
C LEU A 313 13.61 -28.16 20.35
N PHE A 314 14.01 -29.18 19.61
CA PHE A 314 13.21 -29.74 18.52
C PHE A 314 13.19 -31.25 18.80
N HIS A 315 12.09 -31.68 19.41
CA HIS A 315 11.90 -33.04 19.87
C HIS A 315 10.76 -33.76 19.16
N THR A 316 10.92 -35.07 18.96
CA THR A 316 9.91 -35.80 18.23
C THR A 316 9.19 -36.93 18.98
N SER A 317 9.81 -37.48 20.01
CA SER A 317 9.19 -38.62 20.67
C SER A 317 9.31 -38.75 22.19
N LEU A 318 8.40 -39.52 22.78
CA LEU A 318 8.41 -39.76 24.22
C LEU A 318 9.84 -40.16 24.59
N PRO A 319 10.47 -39.46 25.54
CA PRO A 319 11.84 -39.82 25.91
C PRO A 319 11.92 -41.09 26.75
N ILE A 320 12.11 -42.23 26.09
CA ILE A 320 12.18 -43.48 26.81
C ILE A 320 13.59 -44.06 26.94
N ALA A 321 14.60 -43.23 26.71
CA ALA A 321 15.97 -43.70 26.83
C ALA A 321 16.31 -43.72 28.31
N GLU A 322 17.03 -44.74 28.76
CA GLU A 322 17.38 -44.82 30.16
C GLU A 322 18.20 -43.59 30.50
N ALA A 323 17.67 -42.76 31.39
CA ALA A 323 18.33 -41.52 31.78
C ALA A 323 17.46 -40.69 32.72
N PRO A 324 18.06 -39.68 33.38
CA PRO A 324 17.25 -38.85 34.28
C PRO A 324 16.08 -38.28 33.48
N GLY A 325 14.88 -38.39 34.03
CA GLY A 325 13.72 -37.86 33.36
C GLY A 325 12.99 -38.82 32.43
N LYS A 326 13.51 -40.05 32.29
CA LYS A 326 12.86 -41.04 31.42
C LYS A 326 11.38 -41.09 31.75
N LEU A 327 10.53 -41.20 30.74
CA LEU A 327 9.08 -41.24 30.95
C LEU A 327 8.44 -42.52 30.43
N LYS A 328 7.18 -42.75 30.81
CA LYS A 328 6.43 -43.93 30.38
C LYS A 328 5.29 -43.49 29.48
N ASN A 329 4.64 -44.44 28.82
CA ASN A 329 3.51 -44.13 27.94
C ASN A 329 2.22 -44.29 28.74
N ARG A 330 2.08 -43.41 29.74
CA ARG A 330 0.95 -43.40 30.66
C ARG A 330 -0.41 -42.90 30.17
N ASP A 331 -0.53 -42.56 28.89
CA ASP A 331 -1.81 -42.04 28.42
C ASP A 331 -2.95 -43.03 28.60
N ASP A 332 -3.68 -42.84 29.70
CA ASP A 332 -4.81 -43.70 30.06
C ASP A 332 -6.13 -42.93 29.95
N ARG A 333 -6.89 -43.18 28.89
CA ARG A 333 -8.16 -42.48 28.69
C ARG A 333 -9.31 -42.90 29.61
N LYS A 334 -9.12 -43.98 30.37
CA LYS A 334 -10.14 -44.44 31.30
C LYS A 334 -10.01 -43.63 32.58
N LEU A 335 -9.01 -42.76 32.61
CA LEU A 335 -8.75 -41.92 33.76
C LEU A 335 -9.46 -40.57 33.62
N ILE A 336 -9.88 -40.27 32.40
CA ILE A 336 -10.56 -39.02 32.10
C ILE A 336 -11.62 -38.57 33.11
N ASN A 337 -12.88 -38.95 32.92
CA ASN A 337 -13.91 -38.50 33.85
C ASN A 337 -13.83 -39.08 35.27
N THR A 338 -12.65 -39.03 35.88
CA THR A 338 -12.48 -39.54 37.23
C THR A 338 -11.64 -38.59 38.09
N ASP A 339 -11.45 -38.98 39.35
CA ASP A 339 -10.71 -38.17 40.32
C ASP A 339 -9.19 -38.21 40.12
N LYS A 340 -8.72 -38.95 39.13
CA LYS A 340 -7.28 -39.03 38.88
C LYS A 340 -6.92 -38.50 37.49
N GLU A 341 -7.88 -37.84 36.86
CA GLU A 341 -7.68 -37.24 35.54
C GLU A 341 -6.60 -36.16 35.62
N LYS A 342 -6.54 -35.48 36.76
CA LYS A 342 -5.56 -34.42 36.97
C LYS A 342 -4.15 -34.93 36.74
N THR A 343 -3.94 -36.23 36.94
CA THR A 343 -2.62 -36.81 36.77
C THR A 343 -2.10 -36.69 35.33
N LEU A 344 -3.00 -36.53 34.37
CA LEU A 344 -2.60 -36.41 32.97
C LEU A 344 -2.03 -35.03 32.63
N PHE A 345 -2.32 -34.04 33.46
CA PHE A 345 -1.82 -32.69 33.21
C PHE A 345 -0.63 -32.40 34.09
N GLN A 346 -0.31 -33.34 34.98
CA GLN A 346 0.81 -33.19 35.90
C GLN A 346 2.02 -33.90 35.33
N PRO A 347 3.23 -33.43 35.65
CA PRO A 347 4.43 -34.10 35.14
C PRO A 347 4.60 -35.48 35.78
N GLN A 348 5.14 -36.44 35.03
CA GLN A 348 5.36 -37.80 35.56
C GLN A 348 6.32 -37.83 36.72
N THR A 349 7.38 -37.02 36.65
CA THR A 349 8.39 -36.98 37.71
C THR A 349 8.64 -35.56 38.19
N GLY A 350 9.30 -35.46 39.34
CA GLY A 350 9.60 -34.16 39.91
C GLY A 350 10.93 -33.63 39.40
N ALA A 351 11.60 -34.38 38.54
CA ALA A 351 12.88 -33.94 38.01
C ALA A 351 12.73 -32.68 37.16
N TYR A 352 11.56 -32.53 36.56
CA TYR A 352 11.28 -31.39 35.69
C TYR A 352 11.16 -30.06 36.40
N GLN A 353 10.33 -30.01 37.45
CA GLN A 353 10.17 -28.79 38.22
C GLN A 353 11.53 -28.45 38.81
N THR A 354 12.23 -29.47 39.30
CA THR A 354 13.55 -29.26 39.88
C THR A 354 14.47 -28.63 38.85
N LEU A 355 14.49 -29.18 37.63
CA LEU A 355 15.33 -28.64 36.57
C LEU A 355 14.86 -27.23 36.16
N ALA A 356 13.55 -27.01 36.18
CA ALA A 356 13.01 -25.70 35.80
C ALA A 356 13.57 -24.65 36.75
N LYS A 357 13.59 -24.97 38.04
CA LYS A 357 14.11 -24.05 39.04
C LYS A 357 15.57 -23.69 38.75
N GLU A 358 16.38 -24.69 38.40
CA GLU A 358 17.78 -24.43 38.09
C GLU A 358 17.89 -23.49 36.90
N CYS A 359 17.01 -23.65 35.93
CA CYS A 359 17.02 -22.79 34.75
C CYS A 359 16.72 -21.35 35.13
N VAL A 360 15.68 -21.16 35.94
CA VAL A 360 15.29 -19.83 36.36
C VAL A 360 16.41 -19.13 37.10
N ALA A 361 17.15 -19.89 37.90
CA ALA A 361 18.24 -19.31 38.67
C ALA A 361 19.34 -18.81 37.74
N GLN A 362 19.42 -19.40 36.55
CA GLN A 362 20.45 -19.01 35.58
C GLN A 362 19.96 -18.14 34.42
N GLY A 363 18.69 -17.77 34.44
CA GLY A 363 18.16 -16.93 33.39
C GLY A 363 18.08 -17.69 32.07
N CYS A 364 17.77 -18.97 32.16
CA CYS A 364 17.67 -19.84 30.99
C CYS A 364 16.22 -20.15 30.67
N CYS A 365 15.76 -19.64 29.53
CA CYS A 365 14.40 -19.83 29.08
C CYS A 365 14.39 -20.91 27.99
N VAL A 366 13.46 -21.85 28.05
CA VAL A 366 13.42 -22.88 27.01
C VAL A 366 12.16 -22.87 26.16
N ASP A 367 12.36 -22.98 24.84
CA ASP A 367 11.28 -23.06 23.88
C ASP A 367 11.32 -24.46 23.32
N LEU A 368 10.16 -25.08 23.21
CA LEU A 368 10.07 -26.45 22.76
C LEU A 368 9.18 -26.60 21.55
N PHE A 369 9.75 -27.21 20.51
CA PHE A 369 9.04 -27.49 19.27
C PHE A 369 8.90 -29.00 19.25
N LEU A 370 7.66 -29.47 19.24
CA LEU A 370 7.37 -30.89 19.22
C LEU A 370 6.80 -31.30 17.89
N PHE A 371 7.21 -32.48 17.42
CA PHE A 371 6.73 -33.04 16.15
C PHE A 371 6.42 -34.51 16.45
N PRO A 372 5.32 -34.78 17.17
CA PRO A 372 4.90 -36.12 17.55
C PRO A 372 3.97 -36.90 16.64
N ASN A 373 4.13 -38.21 16.67
CA ASN A 373 3.32 -39.14 15.90
C ASN A 373 2.40 -39.86 16.87
N GLN A 374 2.85 -39.95 18.13
CA GLN A 374 2.08 -40.61 19.18
C GLN A 374 2.23 -39.83 20.46
N TYR A 375 1.59 -40.31 21.53
CA TYR A 375 1.67 -39.68 22.84
C TYR A 375 3.13 -39.39 23.13
N VAL A 376 3.42 -38.17 23.55
CA VAL A 376 4.77 -37.75 23.88
C VAL A 376 4.76 -37.07 25.23
N ASP A 377 3.59 -37.05 25.84
CA ASP A 377 3.36 -36.43 27.16
C ASP A 377 3.71 -34.94 27.14
N VAL A 378 2.98 -34.18 26.34
CA VAL A 378 3.20 -32.74 26.24
C VAL A 378 3.19 -32.12 27.63
N ALA A 379 2.18 -32.45 28.41
CA ALA A 379 2.06 -31.91 29.76
C ALA A 379 3.39 -31.92 30.51
N THR A 380 4.07 -33.06 30.54
CA THR A 380 5.35 -33.15 31.24
C THR A 380 6.48 -32.43 30.55
N LEU A 381 6.57 -32.60 29.24
CA LEU A 381 7.64 -31.98 28.48
C LEU A 381 7.57 -30.45 28.48
N SER A 382 6.39 -29.89 28.69
CA SER A 382 6.26 -28.44 28.68
C SER A 382 6.40 -27.79 30.05
N VAL A 383 6.75 -28.58 31.06
CA VAL A 383 6.93 -28.08 32.42
C VAL A 383 8.05 -27.04 32.52
N VAL A 384 9.23 -27.37 31.99
CA VAL A 384 10.35 -26.45 32.03
C VAL A 384 10.04 -25.23 31.18
N PRO A 385 9.50 -25.44 29.97
CA PRO A 385 9.19 -24.27 29.15
C PRO A 385 8.27 -23.34 29.93
N GLN A 386 7.21 -23.90 30.50
CA GLN A 386 6.27 -23.09 31.26
C GLN A 386 6.85 -22.40 32.49
N LEU A 387 7.49 -23.15 33.38
CA LEU A 387 8.04 -22.54 34.60
C LEU A 387 9.17 -21.58 34.27
N THR A 388 9.63 -21.63 33.03
CA THR A 388 10.73 -20.81 32.57
C THR A 388 10.31 -19.61 31.73
N GLY A 389 9.00 -19.50 31.46
CA GLY A 389 8.50 -18.41 30.67
C GLY A 389 8.62 -18.65 29.19
N GLY A 390 8.95 -19.89 28.81
CA GLY A 390 9.09 -20.24 27.41
C GLY A 390 7.80 -20.60 26.71
N SER A 391 7.91 -20.94 25.42
CA SER A 391 6.78 -21.29 24.58
C SER A 391 6.89 -22.74 24.10
N VAL A 392 5.77 -23.32 23.68
CA VAL A 392 5.73 -24.69 23.18
C VAL A 392 4.95 -24.74 21.89
N TYR A 393 5.51 -25.39 20.88
CA TYR A 393 4.86 -25.52 19.57
C TYR A 393 4.68 -27.00 19.27
N LYS A 394 3.56 -27.37 18.65
CA LYS A 394 3.32 -28.75 18.33
C LYS A 394 2.86 -28.93 16.90
N TYR A 395 3.44 -29.91 16.22
CA TYR A 395 3.07 -30.20 14.84
C TYR A 395 2.82 -31.70 14.77
N ALA A 396 1.61 -32.10 15.12
CA ALA A 396 1.23 -33.51 15.11
C ALA A 396 1.36 -34.12 13.72
N SER A 397 2.02 -35.28 13.66
CA SER A 397 2.21 -35.98 12.39
C SER A 397 2.91 -35.08 11.39
N PHE A 398 3.88 -34.32 11.89
CA PHE A 398 4.62 -33.40 11.06
C PHE A 398 5.03 -34.00 9.73
N GLN A 399 4.85 -33.21 8.69
CA GLN A 399 5.27 -33.62 7.37
C GLN A 399 5.56 -32.34 6.60
N VAL A 400 6.74 -32.32 5.98
CA VAL A 400 7.20 -31.19 5.21
C VAL A 400 6.16 -30.74 4.19
N GLU A 401 5.51 -31.71 3.55
CA GLU A 401 4.52 -31.43 2.53
C GLU A 401 3.34 -30.60 3.06
N ASN A 402 3.01 -30.79 4.33
CA ASN A 402 1.89 -30.07 4.93
C ASN A 402 2.26 -28.97 5.92
N ASP A 403 3.41 -29.08 6.57
CA ASP A 403 3.74 -28.11 7.61
C ASP A 403 5.00 -27.25 7.45
N GLN A 404 5.66 -27.30 6.30
CA GLN A 404 6.87 -26.50 6.13
C GLN A 404 6.60 -25.04 6.48
N GLU A 405 5.66 -24.43 5.77
CA GLU A 405 5.31 -23.03 5.99
C GLU A 405 4.99 -22.67 7.43
N ARG A 406 3.95 -23.28 8.00
CA ARG A 406 3.55 -23.02 9.38
C ARG A 406 4.71 -23.15 10.35
N PHE A 407 5.47 -24.24 10.26
CA PHE A 407 6.60 -24.41 11.17
C PHE A 407 7.71 -23.39 10.96
N LEU A 408 8.07 -23.12 9.71
CA LEU A 408 9.13 -22.14 9.45
C LEU A 408 8.66 -20.77 9.91
N SER A 409 7.38 -20.47 9.70
CA SER A 409 6.82 -19.19 10.12
C SER A 409 6.96 -19.02 11.66
N ASP A 410 6.53 -20.04 12.40
CA ASP A 410 6.62 -20.02 13.87
C ASP A 410 8.08 -19.88 14.31
N LEU A 411 8.95 -20.71 13.74
CA LEU A 411 10.38 -20.69 14.07
C LEU A 411 11.03 -19.33 13.81
N ARG A 412 10.84 -18.80 12.62
CA ARG A 412 11.41 -17.49 12.28
C ARG A 412 10.96 -16.39 13.23
N ARG A 413 9.67 -16.37 13.52
CA ARG A 413 9.11 -15.37 14.42
C ARG A 413 9.63 -15.58 15.84
N ASP A 414 9.70 -16.83 16.30
CA ASP A 414 10.18 -17.12 17.64
C ASP A 414 11.63 -16.68 17.88
N VAL A 415 12.48 -16.90 16.88
CA VAL A 415 13.90 -16.53 17.00
C VAL A 415 14.13 -15.03 16.82
N GLN A 416 13.27 -14.37 16.05
CA GLN A 416 13.46 -12.95 15.82
C GLN A 416 12.81 -12.07 16.88
N LYS A 417 11.91 -12.66 17.67
CA LYS A 417 11.17 -11.96 18.72
C LYS A 417 11.98 -11.01 19.58
N VAL A 418 11.36 -9.92 20.04
CA VAL A 418 12.02 -9.02 20.97
C VAL A 418 11.89 -9.83 22.26
N VAL A 419 12.95 -9.96 23.02
CA VAL A 419 12.90 -10.75 24.24
C VAL A 419 13.65 -10.15 25.41
N GLY A 420 13.18 -10.49 26.61
CA GLY A 420 13.81 -10.04 27.84
C GLY A 420 14.41 -11.31 28.44
N PHE A 421 15.39 -11.16 29.33
CA PHE A 421 16.05 -12.31 29.93
C PHE A 421 16.23 -12.13 31.43
N ASP A 422 16.28 -13.24 32.16
CA ASP A 422 16.54 -13.23 33.58
C ASP A 422 15.79 -12.11 34.30
N ALA A 423 14.47 -12.09 34.13
CA ALA A 423 13.64 -11.03 34.67
C ALA A 423 12.77 -11.35 35.88
N VAL A 424 12.28 -10.28 36.52
CA VAL A 424 11.39 -10.40 37.66
C VAL A 424 10.35 -9.30 37.62
N MET A 425 9.10 -9.65 37.89
CA MET A 425 8.06 -8.65 37.88
C MET A 425 7.38 -8.58 39.25
N ARG A 426 7.11 -7.35 39.68
CA ARG A 426 6.43 -7.11 40.94
C ARG A 426 5.31 -6.09 40.66
N VAL A 427 4.17 -6.29 41.29
CA VAL A 427 3.06 -5.37 41.12
C VAL A 427 2.72 -4.70 42.46
N ARG A 428 2.89 -3.39 42.54
CA ARG A 428 2.57 -2.67 43.76
C ARG A 428 1.21 -1.97 43.57
N THR A 429 0.47 -1.80 44.66
CA THR A 429 -0.84 -1.19 44.58
C THR A 429 -1.03 -0.19 45.70
N SER A 430 -2.04 0.67 45.59
CA SER A 430 -2.28 1.61 46.67
C SER A 430 -2.74 0.81 47.88
N THR A 431 -2.33 1.26 49.08
CA THR A 431 -2.71 0.60 50.32
C THR A 431 -4.21 0.31 50.28
N GLY A 432 -4.61 -0.90 50.64
CA GLY A 432 -6.02 -1.25 50.62
C GLY A 432 -6.24 -2.52 49.82
N ILE A 433 -5.33 -2.82 48.90
CA ILE A 433 -5.43 -4.04 48.12
C ILE A 433 -4.03 -4.55 47.88
N ARG A 434 -3.92 -5.84 47.57
CA ARG A 434 -2.62 -6.40 47.28
C ARG A 434 -2.79 -7.61 46.39
N ALA A 435 -1.76 -7.91 45.61
CA ALA A 435 -1.80 -9.05 44.70
C ALA A 435 -1.82 -10.31 45.55
N VAL A 436 -2.75 -11.23 45.28
CA VAL A 436 -2.87 -12.45 46.05
C VAL A 436 -2.71 -13.74 45.25
N ASP A 437 -2.86 -13.67 43.93
CA ASP A 437 -2.72 -14.86 43.08
C ASP A 437 -2.14 -14.48 41.71
N PHE A 438 -1.40 -15.40 41.12
CA PHE A 438 -0.75 -15.15 39.84
C PHE A 438 -0.92 -16.33 38.91
N PHE A 439 -1.19 -16.04 37.64
CA PHE A 439 -1.38 -17.07 36.64
C PHE A 439 -0.52 -16.74 35.42
N GLY A 440 0.05 -17.77 34.81
CA GLY A 440 0.88 -17.55 33.63
C GLY A 440 2.07 -18.48 33.55
N ALA A 441 2.97 -18.20 32.62
CA ALA A 441 4.16 -19.02 32.47
C ALA A 441 5.29 -18.35 33.25
N PHE A 442 5.53 -18.82 34.47
CA PHE A 442 6.58 -18.24 35.31
C PHE A 442 6.89 -19.10 36.53
N TYR A 443 7.75 -18.58 37.40
CA TYR A 443 8.13 -19.26 38.62
C TYR A 443 8.05 -18.31 39.80
N MET A 444 7.57 -18.81 40.92
CA MET A 444 7.47 -17.98 42.11
C MET A 444 7.97 -18.75 43.32
N SER A 445 8.89 -18.12 44.05
CA SER A 445 9.48 -18.70 45.27
C SER A 445 8.69 -18.13 46.43
N ASN A 446 8.53 -16.80 46.39
CA ASN A 446 7.81 -16.08 47.43
C ASN A 446 6.44 -15.65 46.93
N THR A 447 5.77 -14.81 47.70
CA THR A 447 4.43 -14.34 47.38
C THR A 447 4.35 -13.08 46.54
N THR A 448 5.47 -12.50 46.17
CA THR A 448 5.43 -11.25 45.41
C THR A 448 6.20 -11.23 44.10
N ASP A 449 7.31 -11.94 44.04
CA ASP A 449 8.14 -11.93 42.85
C ASP A 449 7.78 -12.90 41.74
N VAL A 450 7.40 -12.33 40.61
CA VAL A 450 7.05 -13.13 39.44
C VAL A 450 8.35 -13.27 38.67
N GLU A 451 9.01 -14.41 38.84
CA GLU A 451 10.29 -14.67 38.18
C GLU A 451 10.12 -15.16 36.75
N LEU A 452 10.78 -14.46 35.83
CA LEU A 452 10.69 -14.81 34.43
C LEU A 452 12.07 -15.01 33.78
N ALA A 453 12.47 -16.27 33.69
CA ALA A 453 13.75 -16.61 33.08
C ALA A 453 13.84 -15.93 31.71
N GLY A 454 12.76 -16.03 30.96
CA GLY A 454 12.69 -15.41 29.65
C GLY A 454 11.34 -14.72 29.54
N LEU A 455 11.21 -13.80 28.59
CA LEU A 455 9.95 -13.09 28.40
C LEU A 455 9.93 -12.48 27.01
N ASP A 456 8.74 -12.40 26.41
CA ASP A 456 8.59 -11.80 25.09
C ASP A 456 7.29 -11.01 25.10
N GLY A 457 6.96 -10.38 23.99
CA GLY A 457 5.74 -9.58 23.91
C GLY A 457 4.41 -10.27 23.66
N ASP A 458 4.37 -11.59 23.81
CA ASP A 458 3.12 -12.32 23.60
C ASP A 458 2.61 -12.92 24.91
N LYS A 459 3.51 -13.08 25.87
CA LYS A 459 3.14 -13.68 27.14
C LYS A 459 2.57 -12.72 28.18
N THR A 460 1.56 -13.21 28.87
CA THR A 460 0.89 -12.40 29.87
C THR A 460 0.92 -13.07 31.24
N VAL A 461 0.92 -12.23 32.27
CA VAL A 461 0.90 -12.68 33.66
C VAL A 461 -0.39 -12.08 34.19
N THR A 462 -1.27 -12.90 34.75
CA THR A 462 -2.53 -12.43 35.27
C THR A 462 -2.45 -12.36 36.79
N VAL A 463 -2.88 -11.22 37.34
CA VAL A 463 -2.82 -11.02 38.79
C VAL A 463 -4.18 -10.74 39.42
N GLU A 464 -4.44 -11.37 40.57
CA GLU A 464 -5.68 -11.15 41.28
C GLU A 464 -5.37 -10.37 42.54
N PHE A 465 -6.19 -9.37 42.85
CA PHE A 465 -5.98 -8.56 44.04
C PHE A 465 -7.15 -8.72 44.98
N LYS A 466 -6.90 -8.57 46.28
CA LYS A 466 -7.96 -8.65 47.28
C LYS A 466 -7.75 -7.57 48.31
N HIS A 467 -8.84 -7.10 48.91
CA HIS A 467 -8.74 -6.05 49.89
C HIS A 467 -7.92 -6.35 51.14
N ASP A 468 -7.16 -5.33 51.53
CA ASP A 468 -6.25 -5.37 52.67
C ASP A 468 -6.78 -4.37 53.69
N ASP A 469 -7.33 -3.29 53.18
CA ASP A 469 -7.82 -2.21 54.01
C ASP A 469 -8.91 -1.46 53.26
N ARG A 470 -9.00 -0.16 53.50
CA ARG A 470 -10.00 0.70 52.87
C ARG A 470 -9.37 1.64 51.84
N LEU A 471 -10.06 1.84 50.73
CA LEU A 471 -9.59 2.73 49.67
C LEU A 471 -10.45 4.00 49.74
N ASN A 472 -9.90 5.12 49.26
CA ASN A 472 -10.61 6.41 49.25
C ASN A 472 -11.11 6.64 47.85
N GLU A 473 -12.36 7.08 47.72
CA GLU A 473 -12.94 7.36 46.41
C GLU A 473 -12.22 8.51 45.72
N GLU A 474 -11.49 9.31 46.49
CA GLU A 474 -10.77 10.45 45.93
C GLU A 474 -9.35 10.13 45.51
N SER A 475 -8.75 9.14 46.16
CA SER A 475 -7.39 8.72 45.86
C SER A 475 -7.36 7.68 44.73
N GLY A 476 -8.43 6.90 44.63
CA GLY A 476 -8.49 5.86 43.62
C GLY A 476 -7.68 4.62 44.02
N ALA A 477 -7.55 3.69 43.09
CA ALA A 477 -6.79 2.46 43.32
C ALA A 477 -5.71 2.46 42.26
N LEU A 478 -4.46 2.60 42.68
CA LEU A 478 -3.37 2.65 41.72
C LEU A 478 -2.61 1.34 41.60
N LEU A 479 -2.11 1.05 40.40
CA LEU A 479 -1.34 -0.16 40.19
C LEU A 479 -0.02 0.20 39.54
N GLN A 480 1.06 -0.43 40.00
CA GLN A 480 2.35 -0.17 39.40
C GLN A 480 3.10 -1.47 39.18
N CYS A 481 3.22 -1.85 37.93
CA CYS A 481 3.93 -3.06 37.56
C CYS A 481 5.36 -2.64 37.22
N ALA A 482 6.32 -3.32 37.83
CA ALA A 482 7.73 -3.04 37.59
C ALA A 482 8.40 -4.29 37.08
N LEU A 483 9.01 -4.20 35.90
CA LEU A 483 9.70 -5.33 35.33
C LEU A 483 11.19 -5.06 35.32
N LEU A 484 11.95 -5.94 35.94
CA LEU A 484 13.40 -5.80 35.95
C LEU A 484 13.89 -6.86 34.99
N TYR A 485 14.63 -6.47 33.96
CA TYR A 485 15.13 -7.45 33.01
C TYR A 485 16.44 -7.08 32.31
N THR A 486 17.01 -8.07 31.65
CA THR A 486 18.25 -7.91 30.89
C THR A 486 17.84 -8.04 29.44
N SER A 487 18.25 -7.08 28.61
CA SER A 487 17.89 -7.08 27.19
C SER A 487 18.79 -7.93 26.29
N CYS A 488 18.46 -7.96 25.00
CA CYS A 488 19.19 -8.74 24.00
C CYS A 488 20.61 -8.25 23.76
N ALA A 489 20.95 -7.08 24.30
CA ALA A 489 22.28 -6.52 24.14
C ALA A 489 23.06 -6.65 25.46
N GLY A 490 22.40 -7.15 26.49
CA GLY A 490 23.06 -7.31 27.77
C GLY A 490 22.88 -6.11 28.68
N GLN A 491 21.92 -5.24 28.39
CA GLN A 491 21.69 -4.07 29.23
C GLN A 491 20.59 -4.33 30.25
N ARG A 492 20.85 -3.95 31.49
CA ARG A 492 19.87 -4.14 32.57
C ARG A 492 18.94 -2.94 32.61
N ARG A 493 17.63 -3.19 32.50
CA ARG A 493 16.64 -2.12 32.55
C ARG A 493 15.40 -2.50 33.33
N LEU A 494 14.66 -1.47 33.71
CA LEU A 494 13.39 -1.60 34.40
C LEU A 494 12.30 -1.01 33.52
N ARG A 495 11.16 -1.67 33.41
CA ARG A 495 10.07 -1.09 32.65
C ARG A 495 8.93 -0.92 33.63
N ILE A 496 8.37 0.30 33.68
CA ILE A 496 7.28 0.61 34.59
C ILE A 496 5.96 0.89 33.87
N HIS A 497 4.88 0.31 34.38
CA HIS A 497 3.54 0.51 33.83
C HIS A 497 2.66 0.96 34.99
N ASN A 498 2.11 2.16 34.89
CA ASN A 498 1.24 2.68 35.95
C ASN A 498 -0.20 2.69 35.46
N LEU A 499 -1.12 2.17 36.25
CA LEU A 499 -2.52 2.19 35.86
C LEU A 499 -3.31 2.66 37.06
N ALA A 500 -4.07 3.73 36.85
CA ALA A 500 -4.88 4.34 37.89
C ALA A 500 -6.32 3.96 37.66
N LEU A 501 -6.95 3.36 38.65
CA LEU A 501 -8.35 2.95 38.54
C LEU A 501 -9.17 3.83 39.47
N ASN A 502 -10.49 3.81 39.33
CA ASN A 502 -11.34 4.58 40.21
C ASN A 502 -11.69 3.71 41.42
N CYS A 503 -12.19 4.35 42.47
CA CYS A 503 -12.63 3.69 43.70
C CYS A 503 -14.09 4.10 43.81
N CYS A 504 -14.96 3.18 44.21
CA CYS A 504 -16.38 3.52 44.31
C CYS A 504 -17.02 2.98 45.59
N THR A 505 -18.05 3.67 46.08
CA THR A 505 -18.78 3.26 47.27
C THR A 505 -20.19 2.81 46.88
N GLN A 506 -20.61 3.13 45.67
CA GLN A 506 -21.93 2.73 45.19
C GLN A 506 -21.77 1.52 44.28
N LEU A 507 -22.43 0.42 44.63
CA LEU A 507 -22.34 -0.81 43.85
C LEU A 507 -22.67 -0.61 42.38
N ALA A 508 -23.55 0.34 42.08
CA ALA A 508 -23.90 0.60 40.69
C ALA A 508 -22.68 1.08 39.87
N ASP A 509 -21.72 1.74 40.52
CA ASP A 509 -20.53 2.21 39.81
C ASP A 509 -19.59 1.05 39.52
N LEU A 510 -19.66 0.02 40.36
CA LEU A 510 -18.83 -1.16 40.16
C LEU A 510 -19.34 -1.90 38.92
N TYR A 511 -20.66 -2.05 38.84
CA TYR A 511 -21.27 -2.76 37.72
C TYR A 511 -21.16 -2.08 36.37
N ARG A 512 -21.05 -0.76 36.34
CA ARG A 512 -20.94 -0.09 35.05
C ARG A 512 -19.53 -0.12 34.50
N ASN A 513 -18.55 -0.42 35.34
CA ASN A 513 -17.17 -0.40 34.88
C ASN A 513 -16.37 -1.68 34.89
N CYS A 514 -17.04 -2.80 34.76
CA CYS A 514 -16.36 -4.08 34.67
C CYS A 514 -16.10 -4.35 33.17
N GLU A 515 -15.19 -5.27 32.89
CA GLU A 515 -14.85 -5.65 31.53
C GLU A 515 -15.01 -7.17 31.42
N THR A 516 -15.98 -7.61 30.63
CA THR A 516 -16.27 -9.04 30.48
C THR A 516 -15.17 -9.91 29.91
N ASP A 517 -14.57 -9.49 28.80
CA ASP A 517 -13.50 -10.29 28.18
C ASP A 517 -12.39 -10.57 29.15
N THR A 518 -12.00 -9.55 29.90
CA THR A 518 -10.92 -9.69 30.87
C THR A 518 -11.36 -10.63 31.97
N LEU A 519 -12.63 -10.56 32.35
CA LEU A 519 -13.15 -11.46 33.38
C LEU A 519 -13.07 -12.90 32.86
N ILE A 520 -13.44 -13.09 31.60
CA ILE A 520 -13.40 -14.43 31.00
C ILE A 520 -11.97 -14.92 30.97
N ASN A 521 -11.04 -14.04 30.60
CA ASN A 521 -9.62 -14.40 30.54
C ASN A 521 -9.19 -14.92 31.91
N TYR A 522 -9.59 -14.22 32.95
CA TYR A 522 -9.25 -14.62 34.31
C TYR A 522 -9.92 -15.94 34.68
N MET A 523 -11.25 -15.97 34.60
CA MET A 523 -12.00 -17.18 34.92
C MET A 523 -11.49 -18.42 34.19
N ALA A 524 -11.16 -18.27 32.91
CA ALA A 524 -10.65 -19.40 32.14
C ALA A 524 -9.31 -19.88 32.67
N LYS A 525 -8.43 -18.93 32.95
CA LYS A 525 -7.11 -19.31 33.45
C LYS A 525 -7.20 -19.95 34.82
N PHE A 526 -8.17 -19.50 35.61
CA PHE A 526 -8.39 -20.03 36.95
C PHE A 526 -8.84 -21.49 36.86
N ALA A 527 -9.74 -21.75 35.92
CA ALA A 527 -10.24 -23.08 35.70
C ALA A 527 -9.15 -23.96 35.11
N TYR A 528 -8.40 -23.43 34.15
CA TYR A 528 -7.37 -24.23 33.52
C TYR A 528 -6.26 -24.65 34.47
N ARG A 529 -6.08 -23.93 35.56
CA ARG A 529 -5.09 -24.31 36.56
C ARG A 529 -5.77 -25.28 37.54
N GLY A 530 -7.05 -25.08 37.78
CA GLY A 530 -7.75 -25.95 38.71
C GLY A 530 -7.72 -27.42 38.30
N VAL A 531 -7.71 -27.66 37.00
CA VAL A 531 -7.69 -28.99 36.43
C VAL A 531 -6.48 -29.81 36.86
N LEU A 532 -5.45 -29.14 37.36
CA LEU A 532 -4.25 -29.82 37.81
C LEU A 532 -4.43 -30.49 39.16
N ASN A 533 -5.34 -29.99 39.98
CA ASN A 533 -5.54 -30.57 41.31
C ASN A 533 -6.98 -30.89 41.68
N SER A 534 -7.91 -30.66 40.77
CA SER A 534 -9.31 -30.95 41.07
C SER A 534 -10.00 -31.68 39.94
N PRO A 535 -11.01 -32.49 40.27
CA PRO A 535 -11.71 -33.20 39.19
C PRO A 535 -12.24 -32.15 38.23
N VAL A 536 -12.28 -32.48 36.94
CA VAL A 536 -12.79 -31.54 35.95
C VAL A 536 -14.18 -31.08 36.34
N LYS A 537 -15.02 -32.02 36.75
CA LYS A 537 -16.39 -31.72 37.14
C LYS A 537 -16.46 -30.63 38.23
N ALA A 538 -15.55 -30.66 39.20
CA ALA A 538 -15.57 -29.65 40.25
C ALA A 538 -15.12 -28.31 39.68
N VAL A 539 -14.02 -28.33 38.91
CA VAL A 539 -13.53 -27.11 38.31
C VAL A 539 -14.67 -26.44 37.55
N ARG A 540 -15.42 -27.24 36.80
CA ARG A 540 -16.55 -26.72 36.02
C ARG A 540 -17.61 -26.15 36.97
N ASP A 541 -17.87 -26.85 38.07
CA ASP A 541 -18.86 -26.39 39.04
C ASP A 541 -18.45 -25.04 39.61
N THR A 542 -17.17 -24.94 39.96
CA THR A 542 -16.62 -23.71 40.53
C THR A 542 -16.78 -22.54 39.57
N LEU A 543 -16.56 -22.82 38.29
CA LEU A 543 -16.66 -21.81 37.25
C LEU A 543 -18.13 -21.35 37.15
N ILE A 544 -19.03 -22.32 37.10
CA ILE A 544 -20.46 -22.02 37.00
C ILE A 544 -20.93 -21.18 38.19
N THR A 545 -20.48 -21.55 39.39
CA THR A 545 -20.86 -20.84 40.60
C THR A 545 -20.32 -19.40 40.61
N GLN A 546 -19.05 -19.22 40.26
CA GLN A 546 -18.50 -17.88 40.23
C GLN A 546 -19.46 -16.99 39.45
N CYS A 547 -19.85 -17.43 38.26
CA CYS A 547 -20.78 -16.67 37.42
C CYS A 547 -22.20 -16.59 37.97
N ALA A 548 -22.69 -17.67 38.55
CA ALA A 548 -24.04 -17.67 39.12
C ALA A 548 -24.12 -16.66 40.27
N GLN A 549 -23.08 -16.64 41.08
CA GLN A 549 -23.10 -15.73 42.20
C GLN A 549 -23.00 -14.27 41.80
N ILE A 550 -22.13 -13.93 40.85
CA ILE A 550 -22.05 -12.53 40.50
C ILE A 550 -23.40 -12.09 39.92
N LEU A 551 -24.06 -12.99 39.20
CA LEU A 551 -25.36 -12.63 38.63
C LEU A 551 -26.43 -12.56 39.73
N ALA A 552 -26.43 -13.50 40.67
CA ALA A 552 -27.40 -13.48 41.76
C ALA A 552 -27.15 -12.23 42.61
N CYS A 553 -25.88 -11.96 42.92
CA CYS A 553 -25.56 -10.78 43.72
C CYS A 553 -26.03 -9.51 43.05
N TYR A 554 -25.89 -9.43 41.73
CA TYR A 554 -26.33 -8.25 41.01
C TYR A 554 -27.85 -8.09 41.19
N ARG A 555 -28.56 -9.22 41.14
CA ARG A 555 -30.01 -9.25 41.31
C ARG A 555 -30.39 -8.66 42.68
N LYS A 556 -29.74 -9.11 43.75
CA LYS A 556 -30.08 -8.58 45.06
C LYS A 556 -29.50 -7.22 45.39
N ASN A 557 -28.53 -6.74 44.61
CA ASN A 557 -27.96 -5.42 44.87
C ASN A 557 -28.69 -4.36 44.02
N CYS A 558 -28.99 -4.71 42.78
CA CYS A 558 -29.61 -3.77 41.87
C CYS A 558 -30.93 -4.22 41.27
N GLY A 565 -38.26 -14.17 37.01
CA GLY A 565 -38.35 -12.88 36.33
C GLY A 565 -37.58 -12.96 35.01
N GLN A 566 -37.16 -11.82 34.49
CA GLN A 566 -36.39 -11.79 33.26
C GLN A 566 -34.93 -12.07 33.60
N LEU A 567 -34.09 -12.20 32.58
CA LEU A 567 -32.67 -12.42 32.80
C LEU A 567 -32.14 -11.04 33.11
N ILE A 568 -31.34 -10.88 34.15
CA ILE A 568 -30.82 -9.55 34.40
C ILE A 568 -29.32 -9.58 34.57
N LEU A 569 -28.66 -8.67 33.85
CA LEU A 569 -27.22 -8.58 33.89
C LEU A 569 -26.84 -7.13 33.64
N PRO A 570 -25.74 -6.66 34.24
CA PRO A 570 -25.39 -5.26 33.97
C PRO A 570 -25.03 -5.18 32.49
N GLU A 571 -25.13 -4.00 31.90
CA GLU A 571 -24.84 -3.83 30.47
C GLU A 571 -23.48 -4.30 29.98
N CYS A 572 -22.44 -4.05 30.75
CA CYS A 572 -21.07 -4.43 30.36
C CYS A 572 -20.80 -5.93 30.49
N MET A 573 -21.77 -6.65 31.02
CA MET A 573 -21.63 -8.09 31.17
C MET A 573 -22.68 -8.84 30.39
N LYS A 574 -23.24 -8.21 29.36
CA LYS A 574 -24.27 -8.87 28.57
C LYS A 574 -23.80 -10.14 27.88
N LEU A 575 -22.49 -10.31 27.72
CA LEU A 575 -21.94 -11.48 27.06
C LEU A 575 -21.30 -12.48 27.99
N LEU A 576 -21.34 -12.23 29.30
CA LEU A 576 -20.74 -13.16 30.24
C LEU A 576 -21.30 -14.58 30.09
N PRO A 577 -22.63 -14.73 30.08
CA PRO A 577 -23.23 -16.07 29.94
C PRO A 577 -22.74 -16.84 28.71
N VAL A 578 -22.83 -16.23 27.54
CA VAL A 578 -22.39 -16.88 26.29
C VAL A 578 -20.95 -17.32 26.35
N TYR A 579 -20.06 -16.41 26.73
CA TYR A 579 -18.66 -16.72 26.83
C TYR A 579 -18.39 -17.79 27.88
N LEU A 580 -19.18 -17.79 28.95
CA LEU A 580 -19.00 -18.78 30.00
C LEU A 580 -19.32 -20.17 29.45
N ASN A 581 -20.33 -20.26 28.60
CA ASN A 581 -20.70 -21.54 28.00
C ASN A 581 -19.56 -22.01 27.09
N CYS A 582 -18.90 -21.06 26.41
CA CYS A 582 -17.80 -21.40 25.52
C CYS A 582 -16.64 -22.00 26.30
N VAL A 583 -16.35 -21.44 27.47
CA VAL A 583 -15.25 -21.93 28.27
C VAL A 583 -15.50 -23.35 28.74
N LEU A 584 -16.72 -23.61 29.19
CA LEU A 584 -17.11 -24.93 29.68
C LEU A 584 -17.01 -25.94 28.56
N LYS A 585 -17.29 -25.52 27.33
CA LYS A 585 -17.25 -26.43 26.21
C LYS A 585 -15.91 -26.56 25.53
N SER A 586 -14.88 -25.93 26.09
CA SER A 586 -13.53 -26.03 25.51
C SER A 586 -12.99 -27.42 25.80
N ASP A 587 -12.08 -27.90 24.96
CA ASP A 587 -11.54 -29.25 25.11
C ASP A 587 -10.94 -29.55 26.47
N VAL A 588 -10.40 -28.54 27.13
CA VAL A 588 -9.82 -28.74 28.45
C VAL A 588 -10.87 -29.08 29.51
N LEU A 589 -12.11 -28.60 29.32
CA LEU A 589 -13.15 -28.85 30.32
C LEU A 589 -14.27 -29.82 29.88
N GLN A 590 -14.37 -30.07 28.57
CA GLN A 590 -15.37 -30.97 28.06
C GLN A 590 -14.90 -31.52 26.72
N PRO A 591 -13.83 -32.33 26.74
CA PRO A 591 -13.21 -32.95 25.57
C PRO A 591 -14.08 -33.92 24.79
N GLY A 592 -14.03 -33.80 23.47
CA GLY A 592 -14.77 -34.70 22.61
C GLY A 592 -14.06 -36.03 22.59
N ALA A 593 -14.73 -37.05 22.04
CA ALA A 593 -14.19 -38.41 21.96
C ALA A 593 -12.86 -38.53 21.22
N GLU A 594 -12.63 -37.67 20.23
CA GLU A 594 -11.38 -37.73 19.48
C GLU A 594 -10.29 -36.83 20.03
N VAL A 595 -10.62 -35.98 21.00
CA VAL A 595 -9.62 -35.07 21.56
C VAL A 595 -8.50 -35.82 22.28
N THR A 596 -7.27 -35.54 21.90
CA THR A 596 -6.14 -36.21 22.51
C THR A 596 -5.70 -35.54 23.80
N THR A 597 -5.06 -36.33 24.67
CA THR A 597 -4.56 -35.84 25.93
C THR A 597 -3.46 -34.81 25.69
N ASP A 598 -2.59 -35.06 24.70
CA ASP A 598 -1.51 -34.14 24.37
C ASP A 598 -2.10 -32.83 23.89
N ASP A 599 -3.19 -32.93 23.14
CA ASP A 599 -3.88 -31.76 22.60
C ASP A 599 -4.41 -30.91 23.73
N ARG A 600 -5.09 -31.55 24.68
CA ARG A 600 -5.64 -30.82 25.82
C ARG A 600 -4.53 -30.13 26.57
N ALA A 601 -3.51 -30.89 26.96
CA ALA A 601 -2.39 -30.33 27.69
C ALA A 601 -1.79 -29.14 26.94
N TYR A 602 -1.62 -29.31 25.63
CA TYR A 602 -1.06 -28.27 24.79
C TYR A 602 -1.88 -26.97 24.82
N VAL A 603 -3.18 -27.10 24.59
CA VAL A 603 -4.05 -25.94 24.57
C VAL A 603 -4.18 -25.33 25.97
N ARG A 604 -4.15 -26.19 26.99
CA ARG A 604 -4.26 -25.70 28.35
C ARG A 604 -3.11 -24.75 28.64
N GLN A 605 -1.89 -25.16 28.26
CA GLN A 605 -0.68 -24.36 28.44
C GLN A 605 -0.79 -23.06 27.63
N LEU A 606 -1.36 -23.16 26.43
CA LEU A 606 -1.51 -21.97 25.59
C LEU A 606 -2.40 -20.91 26.21
N VAL A 607 -3.56 -21.33 26.67
CA VAL A 607 -4.51 -20.39 27.25
C VAL A 607 -4.01 -19.74 28.53
N THR A 608 -3.10 -20.39 29.23
CA THR A 608 -2.58 -19.83 30.46
C THR A 608 -1.75 -18.56 30.27
N SER A 609 -1.25 -18.37 29.06
CA SER A 609 -0.43 -17.19 28.74
C SER A 609 -1.08 -16.21 27.77
N MET A 610 -2.28 -16.54 27.29
CA MET A 610 -3.01 -15.67 26.35
C MET A 610 -3.44 -14.29 26.87
N ASP A 611 -3.45 -13.28 26.00
CA ASP A 611 -3.92 -11.92 26.36
C ASP A 611 -5.44 -12.00 26.23
N VAL A 612 -6.13 -10.89 26.49
CA VAL A 612 -7.59 -10.84 26.40
C VAL A 612 -8.06 -10.98 24.96
N THR A 613 -7.30 -10.45 24.02
CA THR A 613 -7.67 -10.56 22.61
C THR A 613 -7.74 -12.02 22.16
N GLU A 614 -6.70 -12.79 22.52
CA GLU A 614 -6.59 -14.20 22.13
C GLU A 614 -7.62 -15.11 22.78
N THR A 615 -7.88 -14.87 24.05
CA THR A 615 -8.85 -15.67 24.78
C THR A 615 -10.28 -15.34 24.32
N ASN A 616 -10.48 -14.11 23.85
CA ASN A 616 -11.80 -13.72 23.35
C ASN A 616 -12.15 -14.51 22.09
N VAL A 617 -11.23 -14.52 21.12
CA VAL A 617 -11.47 -15.22 19.89
C VAL A 617 -11.29 -16.74 20.05
N PHE A 618 -10.46 -17.16 21.00
CA PHE A 618 -10.27 -18.59 21.21
C PHE A 618 -11.60 -19.20 21.67
N PHE A 619 -12.23 -18.56 22.65
CA PHE A 619 -13.51 -19.08 23.15
C PHE A 619 -14.71 -18.78 22.27
N TYR A 620 -14.70 -17.63 21.60
CA TYR A 620 -15.80 -17.31 20.69
C TYR A 620 -15.21 -17.00 19.32
N PRO A 621 -15.05 -18.04 18.49
CA PRO A 621 -14.47 -17.81 17.17
C PRO A 621 -15.16 -16.81 16.25
N ARG A 622 -14.36 -16.14 15.46
CA ARG A 622 -14.86 -15.15 14.51
C ARG A 622 -15.35 -15.89 13.27
N LEU A 623 -16.57 -15.58 12.85
CA LEU A 623 -17.15 -16.24 11.68
C LEU A 623 -17.49 -15.21 10.61
N LEU A 624 -16.74 -15.26 9.50
CA LEU A 624 -16.94 -14.32 8.40
C LEU A 624 -17.55 -14.94 7.15
N PRO A 625 -18.68 -14.39 6.69
CA PRO A 625 -19.28 -14.96 5.48
C PRO A 625 -18.45 -14.39 4.33
N LEU A 626 -18.11 -15.19 3.33
CA LEU A 626 -17.26 -14.73 2.22
C LEU A 626 -18.05 -14.31 1.00
N THR A 627 -18.75 -15.27 0.40
CA THR A 627 -19.57 -15.01 -0.77
C THR A 627 -20.81 -14.19 -0.45
N LYS A 628 -21.41 -13.71 -1.57
CA LYS A 628 -22.59 -12.86 -1.78
C LYS A 628 -22.39 -11.30 -1.68
N SER A 629 -21.70 -10.76 -0.69
CA SER A 629 -21.50 -9.27 -0.68
C SER A 629 -20.06 -8.86 -1.09
N PRO A 630 -19.71 -8.99 -2.39
CA PRO A 630 -18.40 -8.67 -2.98
C PRO A 630 -18.04 -7.19 -3.11
N VAL A 631 -18.53 -6.36 -2.19
CA VAL A 631 -18.22 -4.94 -2.24
C VAL A 631 -16.75 -4.69 -1.89
N GLU A 632 -15.88 -4.94 -2.87
CA GLU A 632 -14.44 -4.76 -2.76
C GLU A 632 -13.86 -4.48 -1.37
N SER A 633 -13.69 -3.20 -1.07
CA SER A 633 -13.12 -2.76 0.21
C SER A 633 -14.03 -3.01 1.42
N THR A 634 -15.21 -2.41 1.42
CA THR A 634 -16.15 -2.55 2.53
C THR A 634 -16.12 -3.96 3.10
N PRO A 637 -15.19 -8.33 6.02
CA PRO A 637 -16.64 -8.51 6.12
C PRO A 637 -17.08 -8.55 7.58
N PRO A 638 -18.36 -8.26 7.84
CA PRO A 638 -18.90 -8.27 9.21
C PRO A 638 -19.06 -9.70 9.70
N ALA A 639 -18.68 -9.97 10.94
CA ALA A 639 -18.78 -11.32 11.49
C ALA A 639 -20.22 -11.75 11.80
N VAL A 640 -20.43 -13.06 11.96
CA VAL A 640 -21.75 -13.60 12.24
C VAL A 640 -21.72 -14.42 13.54
N ARG A 641 -22.88 -14.69 14.12
CA ARG A 641 -22.91 -15.48 15.35
C ARG A 641 -22.38 -16.86 15.05
N ALA A 642 -21.63 -17.43 15.98
CA ALA A 642 -21.06 -18.75 15.78
C ALA A 642 -22.12 -19.84 15.92
N SER A 643 -22.96 -19.98 14.90
CA SER A 643 -24.01 -21.00 14.92
C SER A 643 -24.27 -21.56 13.53
N GLU A 644 -24.47 -22.88 13.45
CA GLU A 644 -24.74 -23.52 12.16
C GLU A 644 -26.02 -22.90 11.59
N GLU A 645 -26.75 -22.22 12.45
CA GLU A 645 -28.01 -21.57 12.11
C GLU A 645 -27.81 -20.35 11.21
N ARG A 646 -26.58 -19.84 11.20
CA ARG A 646 -26.24 -18.67 10.39
C ARG A 646 -25.51 -19.11 9.13
N LEU A 647 -25.29 -20.42 9.00
CA LEU A 647 -24.59 -20.99 7.84
C LEU A 647 -25.51 -21.36 6.67
N SER A 648 -25.45 -20.56 5.62
CA SER A 648 -26.23 -20.81 4.42
C SER A 648 -25.55 -21.85 3.52
N ASN A 649 -26.33 -22.82 3.04
CA ASN A 649 -25.80 -23.89 2.17
C ASN A 649 -25.26 -23.39 0.82
N GLY A 650 -25.59 -22.16 0.45
CA GLY A 650 -25.12 -21.64 -0.83
C GLY A 650 -24.04 -20.58 -0.68
N ASP A 651 -23.30 -20.66 0.42
CA ASP A 651 -22.26 -19.67 0.67
C ASP A 651 -21.03 -20.30 1.29
N ILE A 652 -19.99 -19.50 1.40
CA ILE A 652 -18.75 -19.96 1.99
C ILE A 652 -18.38 -19.05 3.15
N TYR A 653 -17.80 -19.63 4.19
CA TYR A 653 -17.40 -18.86 5.36
C TYR A 653 -15.99 -19.16 5.82
N LEU A 654 -15.39 -18.16 6.47
CA LEU A 654 -14.06 -18.29 7.04
C LEU A 654 -14.26 -18.18 8.55
N LEU A 655 -13.63 -19.07 9.29
CA LEU A 655 -13.72 -19.04 10.74
C LEU A 655 -12.32 -19.18 11.30
N GLU A 656 -12.07 -18.45 12.39
CA GLU A 656 -10.77 -18.43 13.05
C GLU A 656 -10.95 -18.29 14.57
N ASN A 657 -10.10 -18.98 15.33
CA ASN A 657 -10.16 -18.90 16.80
C ASN A 657 -8.79 -18.51 17.32
N GLY A 658 -7.98 -17.94 16.42
CA GLY A 658 -6.64 -17.51 16.80
C GLY A 658 -5.59 -18.60 16.69
N LEU A 659 -6.02 -19.84 16.47
CA LEU A 659 -5.09 -20.96 16.36
C LEU A 659 -5.30 -21.74 15.06
N ASN A 660 -6.56 -21.83 14.64
CA ASN A 660 -6.93 -22.54 13.42
C ASN A 660 -7.90 -21.76 12.53
N LEU A 661 -7.69 -21.87 11.22
CA LEU A 661 -8.52 -21.22 10.22
C LEU A 661 -9.28 -22.31 9.47
N PHE A 662 -10.58 -22.09 9.30
CA PHE A 662 -11.43 -23.01 8.57
C PHE A 662 -12.20 -22.25 7.50
N LEU A 663 -12.30 -22.88 6.33
CA LEU A 663 -13.03 -22.30 5.21
C LEU A 663 -14.17 -23.31 5.03
N TRP A 664 -15.39 -22.91 5.37
CA TRP A 664 -16.54 -23.80 5.29
C TRP A 664 -17.25 -23.57 3.98
N VAL A 665 -17.48 -24.65 3.23
CA VAL A 665 -18.13 -24.55 1.94
C VAL A 665 -19.49 -25.22 1.89
N GLY A 666 -20.52 -24.44 1.58
CA GLY A 666 -21.86 -24.98 1.50
C GLY A 666 -22.01 -25.88 0.29
N ALA A 667 -22.71 -27.00 0.45
CA ALA A 667 -22.92 -27.94 -0.65
C ALA A 667 -23.63 -27.32 -1.83
N SER A 668 -24.46 -26.31 -1.57
CA SER A 668 -25.20 -25.66 -2.64
C SER A 668 -24.48 -24.42 -3.19
N VAL A 669 -23.20 -24.27 -2.87
CA VAL A 669 -22.40 -23.14 -3.35
C VAL A 669 -22.45 -23.02 -4.87
N GLN A 670 -22.41 -21.78 -5.37
CA GLN A 670 -22.44 -21.51 -6.81
C GLN A 670 -21.23 -22.06 -7.57
N GLN A 671 -21.47 -22.59 -8.77
CA GLN A 671 -20.41 -23.15 -9.61
C GLN A 671 -19.28 -22.16 -9.91
N GLY A 672 -19.65 -20.94 -10.30
CA GLY A 672 -18.66 -19.92 -10.59
C GLY A 672 -17.76 -19.68 -9.39
N VAL A 673 -18.35 -19.67 -8.21
CA VAL A 673 -17.59 -19.46 -6.98
C VAL A 673 -16.55 -20.56 -6.81
N VAL A 674 -16.96 -21.81 -7.00
CA VAL A 674 -16.07 -22.95 -6.85
C VAL A 674 -14.97 -22.90 -7.90
N GLN A 675 -15.28 -22.41 -9.08
CA GLN A 675 -14.29 -22.33 -10.12
C GLN A 675 -13.22 -21.31 -9.76
N SER A 676 -13.67 -20.13 -9.35
CA SER A 676 -12.80 -19.03 -8.97
C SER A 676 -12.02 -19.23 -7.67
N LEU A 677 -12.41 -20.21 -6.87
CA LEU A 677 -11.75 -20.42 -5.61
C LEU A 677 -10.93 -21.69 -5.50
N PHE A 678 -11.38 -22.76 -6.16
CA PHE A 678 -10.67 -24.02 -6.09
C PHE A 678 -10.19 -24.53 -7.43
N SER A 679 -10.67 -23.90 -8.49
CA SER A 679 -10.33 -24.28 -9.85
C SER A 679 -10.85 -25.67 -10.26
N VAL A 680 -12.03 -26.03 -9.76
CA VAL A 680 -12.69 -27.28 -10.14
C VAL A 680 -14.11 -26.83 -10.41
N SER A 681 -14.85 -27.54 -11.25
CA SER A 681 -16.19 -27.12 -11.62
C SER A 681 -17.38 -27.49 -10.74
N SER A 682 -17.24 -28.46 -9.84
CA SER A 682 -18.38 -28.78 -8.99
C SER A 682 -17.95 -28.94 -7.54
N PHE A 683 -18.89 -28.68 -6.63
CA PHE A 683 -18.66 -28.80 -5.19
C PHE A 683 -18.02 -30.13 -4.82
N SER A 684 -18.49 -31.19 -5.45
CA SER A 684 -18.01 -32.55 -5.22
C SER A 684 -16.52 -32.76 -5.46
N GLN A 685 -15.94 -31.99 -6.37
CA GLN A 685 -14.52 -32.14 -6.68
C GLN A 685 -13.57 -31.38 -5.77
N ILE A 686 -14.10 -30.50 -4.94
CA ILE A 686 -13.25 -29.75 -4.02
C ILE A 686 -12.59 -30.77 -3.09
N THR A 687 -11.29 -30.60 -2.88
CA THR A 687 -10.52 -31.48 -2.02
C THR A 687 -10.83 -31.23 -0.54
N SER A 688 -11.43 -32.22 0.13
CA SER A 688 -11.73 -32.11 1.55
C SER A 688 -10.43 -32.00 2.33
N GLY A 689 -10.35 -31.01 3.22
CA GLY A 689 -9.17 -30.83 4.03
C GLY A 689 -8.06 -30.01 3.40
N LEU A 690 -8.30 -29.47 2.21
CA LEU A 690 -7.28 -28.65 1.52
C LEU A 690 -6.73 -27.65 2.52
N SER A 691 -5.42 -27.46 2.53
CA SER A 691 -4.82 -26.54 3.48
C SER A 691 -4.16 -25.32 2.85
N VAL A 692 -4.28 -25.20 1.53
CA VAL A 692 -3.72 -24.06 0.82
C VAL A 692 -4.55 -23.80 -0.41
N LEU A 693 -5.06 -22.59 -0.52
CA LEU A 693 -5.85 -22.21 -1.67
C LEU A 693 -4.94 -21.96 -2.87
N PRO A 694 -5.30 -22.49 -4.03
CA PRO A 694 -4.47 -22.27 -5.22
C PRO A 694 -4.46 -20.78 -5.54
N VAL A 695 -3.37 -20.26 -6.09
CA VAL A 695 -3.30 -18.83 -6.40
C VAL A 695 -3.96 -18.55 -7.75
N LEU A 696 -5.23 -18.13 -7.71
CA LEU A 696 -5.95 -17.84 -8.95
C LEU A 696 -6.08 -16.34 -9.19
N ASP A 697 -5.83 -15.92 -10.42
CA ASP A 697 -5.91 -14.51 -10.77
C ASP A 697 -7.32 -14.00 -11.03
N ASN A 698 -8.14 -13.91 -9.98
CA ASN A 698 -9.49 -13.38 -10.11
C ASN A 698 -9.83 -12.65 -8.82
N PRO A 699 -10.80 -11.73 -8.88
CA PRO A 699 -11.21 -10.92 -7.73
C PRO A 699 -11.58 -11.70 -6.46
N LEU A 700 -12.31 -12.80 -6.61
CA LEU A 700 -12.74 -13.56 -5.45
C LEU A 700 -11.58 -14.32 -4.80
N SER A 701 -10.68 -14.86 -5.61
CA SER A 701 -9.54 -15.59 -5.06
C SER A 701 -8.59 -14.60 -4.40
N LYS A 702 -8.36 -13.46 -5.03
CA LYS A 702 -7.47 -12.46 -4.46
C LYS A 702 -8.01 -12.00 -3.11
N LYS A 703 -9.31 -11.73 -3.07
CA LYS A 703 -9.95 -11.24 -1.86
C LYS A 703 -9.91 -12.23 -0.70
N VAL A 704 -10.20 -13.49 -0.98
CA VAL A 704 -10.19 -14.51 0.07
C VAL A 704 -8.77 -14.79 0.57
N ARG A 705 -7.82 -14.87 -0.35
CA ARG A 705 -6.43 -15.11 0.03
C ARG A 705 -5.88 -13.93 0.82
N GLY A 706 -6.28 -12.72 0.44
CA GLY A 706 -5.81 -11.56 1.16
C GLY A 706 -6.37 -11.61 2.58
N LEU A 707 -7.68 -11.89 2.68
CA LEU A 707 -8.35 -11.98 3.97
C LEU A 707 -7.62 -12.98 4.86
N ILE A 708 -7.25 -14.12 4.30
CA ILE A 708 -6.53 -15.12 5.07
C ILE A 708 -5.19 -14.53 5.55
N ASP A 709 -4.54 -13.74 4.68
CA ASP A 709 -3.25 -13.14 5.07
C ASP A 709 -3.40 -12.11 6.18
N SER A 710 -4.43 -11.27 6.11
CA SER A 710 -4.56 -10.27 7.16
C SER A 710 -5.02 -10.87 8.49
N LEU A 711 -5.72 -12.00 8.46
CA LEU A 711 -6.15 -12.65 9.71
C LEU A 711 -4.92 -13.28 10.34
N ARG A 712 -4.11 -13.96 9.53
CA ARG A 712 -2.89 -14.58 10.03
C ARG A 712 -1.94 -13.53 10.61
N ALA A 713 -1.95 -12.33 10.02
CA ALA A 713 -1.07 -11.26 10.48
C ALA A 713 -1.41 -10.71 11.86
N GLN A 714 -2.62 -10.98 12.35
CA GLN A 714 -2.96 -10.47 13.66
C GLN A 714 -2.98 -11.52 14.77
N ARG A 715 -2.46 -12.70 14.48
CA ARG A 715 -2.40 -13.76 15.47
C ARG A 715 -0.93 -14.10 15.67
N SER A 716 -0.54 -14.34 16.92
CA SER A 716 0.84 -14.65 17.26
C SER A 716 1.40 -15.92 16.63
N ARG A 717 0.53 -16.87 16.34
CA ARG A 717 0.96 -18.11 15.75
C ARG A 717 0.33 -18.34 14.39
N TYR A 718 1.11 -18.92 13.49
CA TYR A 718 0.65 -19.19 12.14
C TYR A 718 -0.53 -20.16 12.18
N MET A 719 -1.68 -19.70 11.71
CA MET A 719 -2.86 -20.54 11.71
C MET A 719 -2.96 -21.42 10.48
N LYS A 720 -3.07 -22.72 10.72
CA LYS A 720 -3.21 -23.70 9.66
C LYS A 720 -4.62 -23.55 9.10
N LEU A 721 -4.74 -23.65 7.79
CA LEU A 721 -6.03 -23.57 7.12
C LEU A 721 -6.54 -24.97 6.85
N THR A 722 -7.86 -25.15 6.97
CA THR A 722 -8.48 -26.43 6.67
C THR A 722 -9.79 -26.13 5.95
N VAL A 723 -9.93 -26.63 4.73
CA VAL A 723 -11.16 -26.42 3.97
C VAL A 723 -12.12 -27.52 4.43
N VAL A 724 -13.34 -27.11 4.79
CA VAL A 724 -14.36 -28.04 5.26
C VAL A 724 -15.59 -28.04 4.36
N LYS A 725 -15.87 -29.19 3.74
CA LYS A 725 -17.03 -29.36 2.87
C LYS A 725 -18.23 -29.78 3.74
N GLN A 726 -19.39 -29.19 3.46
CA GLN A 726 -20.64 -29.43 4.21
C GLN A 726 -21.24 -30.79 4.54
N GLU A 727 -21.02 -31.83 3.75
CA GLU A 727 -21.71 -33.08 4.09
C GLU A 727 -21.10 -34.10 5.03
N ASP A 728 -19.85 -34.50 4.83
CA ASP A 728 -19.27 -35.51 5.71
C ASP A 728 -17.85 -35.23 6.18
N LYS A 729 -17.32 -36.16 6.98
CA LYS A 729 -15.97 -36.09 7.50
C LYS A 729 -15.78 -35.04 8.59
N MET A 730 -14.68 -34.30 8.49
CA MET A 730 -14.31 -33.25 9.43
C MET A 730 -15.43 -32.27 9.77
N GLU A 731 -16.56 -32.39 9.10
CA GLU A 731 -17.71 -31.52 9.35
C GLU A 731 -18.08 -31.49 10.84
N MET A 732 -18.14 -32.68 11.45
CA MET A 732 -18.51 -32.81 12.84
C MET A 732 -17.54 -32.12 13.81
N LEU A 733 -16.25 -32.21 13.54
CA LEU A 733 -15.27 -31.59 14.42
C LEU A 733 -15.36 -30.06 14.31
N PHE A 734 -15.77 -29.57 13.14
CA PHE A 734 -15.92 -28.14 12.89
C PHE A 734 -17.10 -27.59 13.70
N LYS A 735 -18.04 -28.47 14.00
CA LYS A 735 -19.21 -28.12 14.78
C LYS A 735 -18.78 -27.48 16.08
N HIS A 736 -17.71 -28.00 16.67
CA HIS A 736 -17.19 -27.51 17.95
C HIS A 736 -16.85 -26.02 17.98
N PHE A 737 -16.68 -25.42 16.81
CA PHE A 737 -16.34 -24.00 16.77
C PHE A 737 -17.59 -23.13 16.62
N LEU A 738 -18.76 -23.77 16.44
CA LEU A 738 -20.02 -23.03 16.32
C LEU A 738 -20.57 -23.09 17.76
N VAL A 739 -19.79 -22.50 18.65
CA VAL A 739 -20.03 -22.47 20.09
C VAL A 739 -21.40 -22.16 20.66
N GLU A 740 -22.31 -21.61 19.87
CA GLU A 740 -23.66 -21.35 20.38
C GLU A 740 -24.59 -22.55 20.16
N ASP A 741 -24.08 -23.58 19.48
CA ASP A 741 -24.87 -24.78 19.20
C ASP A 741 -24.63 -25.89 20.22
N LYS A 742 -25.41 -26.96 20.10
CA LYS A 742 -25.25 -28.12 20.98
C LYS A 742 -24.05 -28.90 20.43
N SER A 743 -23.26 -29.50 21.31
CA SER A 743 -22.13 -30.27 20.84
C SER A 743 -22.41 -31.71 21.20
N LEU A 744 -21.75 -32.65 20.52
CA LEU A 744 -21.94 -34.06 20.78
C LEU A 744 -21.32 -34.48 22.11
N SER A 745 -20.40 -33.66 22.60
CA SER A 745 -19.73 -33.95 23.86
C SER A 745 -20.62 -33.61 25.06
N GLY A 746 -21.87 -33.31 24.78
CA GLY A 746 -22.79 -32.96 25.85
C GLY A 746 -22.67 -31.49 26.11
N GLY A 747 -22.53 -30.74 25.03
CA GLY A 747 -22.39 -29.31 25.17
C GLY A 747 -23.78 -28.80 25.26
N ALA A 748 -23.93 -27.59 25.74
CA ALA A 748 -25.26 -27.14 25.73
C ALA A 748 -25.22 -26.15 24.64
N SER A 749 -26.35 -25.54 24.45
CA SER A 749 -26.37 -24.59 23.44
C SER A 749 -26.65 -23.34 24.23
N TYR A 750 -26.15 -22.24 23.70
CA TYR A 750 -26.30 -21.02 24.36
C TYR A 750 -27.69 -20.83 24.94
N VAL A 751 -28.70 -20.84 24.08
CA VAL A 751 -30.06 -20.65 24.53
C VAL A 751 -30.41 -21.52 25.73
N ASP A 752 -30.13 -22.82 25.63
CA ASP A 752 -30.45 -23.73 26.71
C ASP A 752 -29.54 -23.49 27.91
N PHE A 753 -28.35 -22.96 27.65
CA PHE A 753 -27.42 -22.68 28.73
C PHE A 753 -27.95 -21.50 29.53
N LEU A 754 -28.53 -20.53 28.83
CA LEU A 754 -29.09 -19.33 29.47
C LEU A 754 -30.22 -19.77 30.39
N CYS A 755 -31.15 -20.53 29.84
CA CYS A 755 -32.29 -21.03 30.58
C CYS A 755 -31.82 -21.70 31.86
N HIS A 756 -30.78 -22.50 31.75
CA HIS A 756 -30.22 -23.22 32.89
C HIS A 756 -29.57 -22.29 33.91
N MET A 757 -28.82 -21.29 33.41
CA MET A 757 -28.14 -20.33 34.26
C MET A 757 -29.22 -19.51 34.97
N HIS A 758 -30.30 -19.23 34.24
CA HIS A 758 -31.38 -18.45 34.82
C HIS A 758 -31.99 -19.17 36.01
N LYS A 759 -32.09 -20.49 35.92
CA LYS A 759 -32.64 -21.28 37.00
C LYS A 759 -31.61 -21.49 38.10
N GLU A 760 -30.34 -21.45 37.74
CA GLU A 760 -29.27 -21.62 38.72
C GLU A 760 -29.28 -20.40 39.65
N ILE A 761 -29.49 -19.23 39.09
CA ILE A 761 -29.54 -17.99 39.85
C ILE A 761 -30.80 -17.98 40.72
N ARG A 762 -31.79 -18.74 40.28
CA ARG A 762 -33.05 -18.85 40.98
C ARG A 762 -32.82 -19.62 42.28
N GLN A 763 -32.11 -20.74 42.17
CA GLN A 763 -31.82 -21.58 43.34
C GLN A 763 -30.98 -20.88 44.39
N LEU A 764 -30.32 -19.80 44.01
CA LEU A 764 -29.49 -19.04 44.95
C LEU A 764 -30.35 -18.04 45.71
N LEU A 765 -31.45 -17.63 45.10
CA LEU A 765 -32.38 -16.68 45.71
C LEU A 765 -33.74 -17.30 46.06
N SER A 766 -33.79 -18.63 46.13
CA SER A 766 -35.04 -19.36 46.44
C SER A 766 -34.84 -20.45 47.48
N THR B 14 23.94 -2.03 -25.30
CA THR B 14 22.66 -1.52 -24.76
C THR B 14 22.49 -0.04 -25.11
N GLU B 15 23.59 0.61 -25.50
CA GLU B 15 23.55 2.02 -25.89
C GLU B 15 22.41 2.22 -26.88
N PRO B 16 21.71 3.36 -26.80
CA PRO B 16 20.60 3.67 -27.70
C PRO B 16 20.87 3.33 -29.16
N PHE B 17 19.88 2.75 -29.83
CA PHE B 17 20.03 2.42 -31.24
C PHE B 17 19.28 3.50 -32.03
N VAL B 18 20.03 4.36 -32.70
CA VAL B 18 19.44 5.44 -33.47
C VAL B 18 19.33 5.05 -34.94
N THR B 19 18.12 5.21 -35.48
CA THR B 19 17.82 4.85 -36.85
C THR B 19 18.13 5.90 -37.91
N GLY B 20 19.19 6.68 -37.68
CA GLY B 20 19.56 7.71 -38.64
C GLY B 20 20.28 7.18 -39.87
N VAL B 21 21.33 6.38 -39.64
CA VAL B 21 22.11 5.82 -40.73
C VAL B 21 21.26 4.97 -41.67
N ARG B 22 21.65 4.94 -42.95
CA ARG B 22 20.90 4.19 -43.96
C ARG B 22 20.72 2.71 -43.64
N GLY B 23 21.44 1.83 -44.33
CA GLY B 23 21.31 0.41 -44.10
C GLY B 23 22.06 -0.11 -42.86
N GLN B 24 21.65 0.36 -41.69
CA GLN B 24 22.29 -0.04 -40.44
C GLN B 24 21.63 -1.27 -39.83
N VAL B 25 22.41 -2.32 -39.62
CA VAL B 25 21.91 -3.55 -39.04
C VAL B 25 21.64 -3.31 -37.55
N PRO B 26 20.45 -3.66 -37.08
CA PRO B 26 20.07 -3.47 -35.68
C PRO B 26 20.60 -4.57 -34.76
N PRO B 27 20.53 -4.35 -33.44
CA PRO B 27 21.01 -5.33 -32.47
C PRO B 27 20.23 -6.65 -32.55
N LEU B 28 20.80 -7.72 -32.00
CA LEU B 28 20.14 -9.02 -32.01
C LEU B 28 18.82 -8.90 -31.23
N VAL B 29 17.91 -9.85 -31.47
CA VAL B 29 16.64 -9.83 -30.76
C VAL B 29 16.84 -10.33 -29.33
N THR B 30 17.98 -10.98 -29.10
CA THR B 30 18.31 -11.51 -27.77
C THR B 30 18.94 -10.43 -26.89
N THR B 31 19.06 -9.22 -27.44
CA THR B 31 19.66 -8.09 -26.74
C THR B 31 18.63 -7.05 -26.30
N ASN B 32 18.72 -6.61 -25.05
CA ASN B 32 17.79 -5.59 -24.58
C ASN B 32 18.39 -4.23 -24.93
N PHE B 33 17.60 -3.42 -25.63
CA PHE B 33 18.03 -2.10 -26.06
C PHE B 33 16.84 -1.18 -26.32
N LEU B 34 17.09 0.12 -26.32
CA LEU B 34 16.04 1.10 -26.57
C LEU B 34 16.31 1.73 -27.93
N VAL B 35 15.24 2.16 -28.60
CA VAL B 35 15.36 2.75 -29.91
C VAL B 35 14.88 4.20 -29.96
N LYS B 36 15.56 5.00 -30.78
CA LYS B 36 15.20 6.39 -30.98
C LYS B 36 15.06 6.55 -32.49
N ASP B 37 13.86 6.88 -32.95
CA ASP B 37 13.61 7.03 -34.38
C ASP B 37 14.67 7.94 -35.00
N GLN B 38 14.34 9.22 -35.18
CA GLN B 38 15.29 10.16 -35.75
C GLN B 38 15.71 9.83 -37.18
N GLY B 39 14.99 8.93 -37.85
CA GLY B 39 15.35 8.60 -39.22
C GLY B 39 14.59 7.50 -39.92
N ASN B 40 14.85 6.25 -39.56
CA ASN B 40 14.18 5.13 -40.18
C ASN B 40 13.29 4.39 -39.19
N ALA B 41 12.42 3.54 -39.71
CA ALA B 41 11.52 2.79 -38.87
C ALA B 41 12.32 1.92 -37.91
N SER B 42 11.89 1.90 -36.65
CA SER B 42 12.55 1.11 -35.62
C SER B 42 12.58 -0.36 -36.01
N PRO B 43 13.51 -1.13 -35.43
CA PRO B 43 13.60 -2.57 -35.75
C PRO B 43 12.37 -3.30 -35.22
N ARG B 44 11.64 -2.65 -34.31
CA ARG B 44 10.44 -3.24 -33.74
C ARG B 44 9.33 -3.27 -34.78
N TYR B 45 9.45 -2.42 -35.79
CA TYR B 45 8.44 -2.37 -36.84
C TYR B 45 8.88 -3.17 -38.06
N ILE B 46 10.16 -3.03 -38.42
CA ILE B 46 10.71 -3.74 -39.58
C ILE B 46 12.11 -4.28 -39.36
N ARG B 47 12.34 -5.51 -39.80
CA ARG B 47 13.65 -6.16 -39.72
C ARG B 47 13.85 -6.81 -41.07
N CYS B 48 15.03 -6.62 -41.65
CA CYS B 48 15.32 -7.20 -42.95
C CYS B 48 16.34 -8.30 -42.83
N THR B 49 16.38 -9.16 -43.84
CA THR B 49 17.32 -10.27 -43.89
C THR B 49 18.70 -9.72 -44.27
N SER B 50 18.71 -8.59 -44.97
CA SER B 50 19.95 -7.95 -45.39
C SER B 50 19.72 -6.46 -45.57
N TYR B 51 20.59 -5.67 -44.97
CA TYR B 51 20.48 -4.21 -45.05
C TYR B 51 21.29 -3.58 -46.17
N ASN B 52 22.00 -4.41 -46.94
CA ASN B 52 22.78 -3.91 -48.06
C ASN B 52 22.48 -4.80 -49.26
N ILE B 53 21.39 -4.46 -49.93
CA ILE B 53 20.88 -5.16 -51.11
C ILE B 53 21.84 -5.21 -52.30
N PRO B 54 21.88 -6.34 -52.99
CA PRO B 54 22.77 -6.44 -54.16
C PRO B 54 22.13 -5.66 -55.29
N CYS B 55 22.94 -4.93 -56.05
CA CYS B 55 22.44 -4.11 -57.14
C CYS B 55 21.75 -4.80 -58.31
N THR B 56 22.22 -5.98 -58.69
CA THR B 56 21.63 -6.67 -59.83
C THR B 56 21.01 -8.02 -59.51
N SER B 57 20.12 -8.46 -60.39
CA SER B 57 19.46 -9.74 -60.21
C SER B 57 20.45 -10.89 -60.30
N ASP B 58 21.37 -10.81 -61.26
CA ASP B 58 22.36 -11.86 -61.42
C ASP B 58 23.28 -11.99 -60.21
N MET B 59 23.50 -10.86 -59.52
CA MET B 59 24.34 -10.88 -58.33
C MET B 59 23.55 -11.59 -57.23
N ALA B 60 22.27 -11.24 -57.14
CA ALA B 60 21.39 -11.83 -56.13
C ALA B 60 21.29 -13.33 -56.30
N LYS B 61 21.42 -13.81 -57.53
CA LYS B 61 21.35 -15.25 -57.81
C LYS B 61 22.69 -15.87 -57.43
N GLN B 62 23.72 -15.03 -57.39
CA GLN B 62 25.06 -15.49 -57.01
C GLN B 62 25.04 -15.83 -55.52
N ALA B 63 24.74 -14.83 -54.70
CA ALA B 63 24.69 -14.99 -53.24
C ALA B 63 23.53 -15.87 -52.75
N GLN B 64 22.42 -15.88 -53.49
CA GLN B 64 21.25 -16.66 -53.12
C GLN B 64 20.70 -16.26 -51.75
N VAL B 65 20.94 -15.02 -51.35
CA VAL B 65 20.44 -14.53 -50.08
C VAL B 65 19.08 -13.88 -50.26
N PRO B 66 18.02 -14.55 -49.78
CA PRO B 66 16.68 -13.98 -49.92
C PRO B 66 16.61 -12.62 -49.26
N LEU B 67 15.98 -11.65 -49.93
CA LEU B 67 15.85 -10.32 -49.37
C LEU B 67 14.42 -10.20 -48.87
N ALA B 68 14.24 -10.05 -47.57
CA ALA B 68 12.89 -9.97 -47.04
C ALA B 68 12.73 -9.07 -45.84
N ALA B 69 11.49 -8.64 -45.64
CA ALA B 69 11.18 -7.77 -44.52
C ALA B 69 10.10 -8.42 -43.66
N VAL B 70 10.35 -8.44 -42.35
CA VAL B 70 9.41 -8.95 -41.38
C VAL B 70 8.90 -7.67 -40.74
N ILE B 71 7.63 -7.36 -40.97
CA ILE B 71 7.04 -6.12 -40.48
C ILE B 71 5.94 -6.26 -39.42
N LYS B 72 6.07 -5.49 -38.34
CA LYS B 72 5.08 -5.50 -37.26
C LYS B 72 4.47 -4.11 -37.25
N PRO B 73 3.55 -3.85 -38.19
CA PRO B 73 2.85 -2.58 -38.36
C PRO B 73 2.39 -1.88 -37.08
N LEU B 74 1.79 -2.63 -36.16
CA LEU B 74 1.29 -2.05 -34.92
C LEU B 74 2.09 -2.51 -33.69
N ALA B 75 3.35 -2.85 -33.91
CA ALA B 75 4.23 -3.31 -32.84
C ALA B 75 4.05 -2.54 -31.54
N ARG B 76 4.01 -3.29 -30.43
CA ARG B 76 3.91 -2.67 -29.12
C ARG B 76 5.31 -2.13 -28.82
N LEU B 77 5.39 -0.98 -28.16
CA LEU B 77 6.67 -0.37 -27.84
C LEU B 77 6.85 -0.27 -26.33
N PRO B 78 8.11 -0.29 -25.86
CA PRO B 78 8.35 -0.17 -24.41
C PRO B 78 7.93 1.24 -24.02
N PRO B 79 7.37 1.42 -22.81
CA PRO B 79 6.91 2.73 -22.34
C PRO B 79 7.90 3.89 -22.61
N GLU B 80 9.18 3.58 -22.67
CA GLU B 80 10.21 4.59 -22.89
C GLU B 80 10.40 5.00 -24.34
N GLU B 81 9.68 4.35 -25.26
CA GLU B 81 9.81 4.68 -26.67
C GLU B 81 8.59 5.43 -27.21
N ALA B 82 8.86 6.50 -27.96
CA ALA B 82 7.80 7.33 -28.53
C ALA B 82 6.99 6.62 -29.60
N SER B 83 5.67 6.62 -29.41
CA SER B 83 4.76 6.00 -30.37
C SER B 83 4.64 6.90 -31.61
N PRO B 84 4.11 6.37 -32.71
CA PRO B 84 3.97 7.18 -33.93
C PRO B 84 3.10 8.41 -33.73
N TYR B 85 3.58 9.56 -34.20
CA TYR B 85 2.81 10.80 -34.08
C TYR B 85 1.70 10.81 -35.12
N VAL B 86 0.60 11.50 -34.82
CA VAL B 86 -0.53 11.59 -35.74
C VAL B 86 -0.54 12.93 -36.46
N VAL B 87 -0.33 12.91 -37.78
CA VAL B 87 -0.32 14.13 -38.59
C VAL B 87 -1.69 14.40 -39.20
N ASP B 88 -1.95 15.66 -39.51
CA ASP B 88 -3.21 16.06 -40.12
C ASP B 88 -2.94 16.98 -41.31
N HIS B 89 -2.81 16.40 -42.50
CA HIS B 89 -2.52 17.19 -43.68
C HIS B 89 -3.72 17.99 -44.16
N GLY B 90 -4.76 18.06 -43.33
CA GLY B 90 -5.93 18.82 -43.67
C GLY B 90 -6.98 18.12 -44.52
N GLU B 91 -7.86 18.92 -45.11
CA GLU B 91 -8.93 18.42 -45.95
C GLU B 91 -8.37 17.85 -47.24
N SER B 92 -7.18 18.32 -47.61
CA SER B 92 -6.51 17.85 -48.82
C SER B 92 -6.11 16.39 -48.67
N GLY B 93 -6.02 15.92 -47.43
CA GLY B 93 -5.59 14.56 -47.18
C GLY B 93 -4.08 14.54 -47.26
N PRO B 94 -3.42 13.52 -46.68
CA PRO B 94 -1.96 13.43 -46.71
C PRO B 94 -1.35 13.55 -48.10
N LEU B 95 -0.33 14.40 -48.21
CA LEU B 95 0.38 14.66 -49.45
C LEU B 95 1.10 13.41 -49.95
N ARG B 96 0.91 13.08 -51.22
CA ARG B 96 1.52 11.90 -51.80
C ARG B 96 2.07 12.18 -53.19
N CYS B 97 3.00 11.34 -53.65
CA CYS B 97 3.57 11.51 -54.98
C CYS B 97 2.48 11.27 -55.99
N ASN B 98 2.41 12.15 -56.98
CA ASN B 98 1.39 12.05 -58.01
C ASN B 98 1.57 10.90 -59.01
N ARG B 99 2.76 10.30 -59.05
CA ARG B 99 3.00 9.19 -60.00
C ARG B 99 2.97 7.78 -59.41
N CYS B 100 3.67 7.57 -58.30
CA CYS B 100 3.71 6.25 -57.67
C CYS B 100 2.82 6.19 -56.44
N LYS B 101 2.32 7.35 -56.02
CA LYS B 101 1.43 7.48 -54.88
C LYS B 101 2.08 7.26 -53.52
N ALA B 102 3.40 7.28 -53.47
CA ALA B 102 4.10 7.10 -52.20
C ALA B 102 3.84 8.31 -51.30
N TYR B 103 3.70 8.06 -50.00
CA TYR B 103 3.43 9.12 -49.04
C TYR B 103 4.63 10.00 -48.70
N MET B 104 4.33 11.26 -48.36
CA MET B 104 5.37 12.23 -47.99
C MET B 104 6.17 11.63 -46.86
N CYS B 105 7.49 11.59 -47.01
CA CYS B 105 8.34 11.01 -45.98
C CYS B 105 9.66 11.77 -45.88
N PRO B 106 10.47 11.45 -44.86
CA PRO B 106 11.76 12.11 -44.66
C PRO B 106 12.68 12.02 -45.87
N PHE B 107 12.42 11.05 -46.73
CA PHE B 107 13.27 10.86 -47.90
C PHE B 107 12.90 11.61 -49.17
N MET B 108 11.87 12.45 -49.11
CA MET B 108 11.49 13.23 -50.28
C MET B 108 12.44 14.42 -50.40
N GLN B 109 13.04 14.59 -51.59
CA GLN B 109 13.98 15.68 -51.83
C GLN B 109 13.33 16.93 -52.39
N PHE B 110 13.13 17.92 -51.51
CA PHE B 110 12.53 19.17 -51.94
C PHE B 110 13.53 19.96 -52.80
N ILE B 111 13.00 20.64 -53.82
CA ILE B 111 13.84 21.41 -54.70
C ILE B 111 13.20 22.75 -55.05
N GLU B 112 13.93 23.54 -55.83
CA GLU B 112 13.45 24.84 -56.27
C GLU B 112 12.85 25.67 -55.14
N GLY B 113 13.62 25.88 -54.09
CA GLY B 113 13.16 26.68 -52.97
C GLY B 113 12.10 26.07 -52.07
N GLY B 114 11.61 24.89 -52.42
CA GLY B 114 10.60 24.26 -51.60
C GLY B 114 9.20 24.33 -52.15
N ARG B 115 9.07 24.69 -53.42
CA ARG B 115 7.75 24.78 -54.04
C ARG B 115 7.46 23.45 -54.75
N ARG B 116 8.45 22.57 -54.76
CA ARG B 116 8.33 21.25 -55.37
C ARG B 116 9.16 20.24 -54.59
N PHE B 117 9.10 18.98 -54.99
CA PHE B 117 9.88 17.92 -54.36
C PHE B 117 10.00 16.75 -55.31
N GLN B 118 11.17 16.13 -55.33
CA GLN B 118 11.41 15.00 -56.19
C GLN B 118 11.11 13.75 -55.37
N CYS B 119 10.28 12.87 -55.93
CA CYS B 119 9.92 11.65 -55.23
C CYS B 119 11.13 10.72 -55.18
N CYS B 120 11.55 10.36 -53.97
CA CYS B 120 12.70 9.48 -53.81
C CYS B 120 12.43 8.08 -54.34
N PHE B 121 11.16 7.72 -54.42
CA PHE B 121 10.78 6.40 -54.89
C PHE B 121 10.74 6.21 -56.40
N CYS B 122 10.21 7.20 -57.12
CA CYS B 122 10.10 7.10 -58.57
C CYS B 122 10.71 8.30 -59.30
N SER B 123 11.34 9.19 -58.56
CA SER B 123 11.97 10.38 -59.13
C SER B 123 11.03 11.28 -59.97
N CYS B 124 9.76 11.32 -59.61
CA CYS B 124 8.79 12.18 -60.29
C CYS B 124 8.79 13.52 -59.57
N ILE B 125 8.61 14.61 -60.32
CA ILE B 125 8.60 15.93 -59.70
C ILE B 125 7.19 16.36 -59.34
N ASN B 126 6.98 16.65 -58.07
CA ASN B 126 5.67 17.07 -57.56
C ASN B 126 5.70 18.53 -57.13
N ASP B 127 4.52 19.13 -57.06
CA ASP B 127 4.37 20.52 -56.64
C ASP B 127 3.97 20.61 -55.19
N VAL B 128 4.75 21.32 -54.39
CA VAL B 128 4.42 21.49 -52.98
C VAL B 128 3.28 22.49 -52.90
N PRO B 129 2.10 22.04 -52.43
CA PRO B 129 0.97 22.97 -52.34
C PRO B 129 1.21 24.04 -51.27
N PRO B 130 0.56 25.21 -51.43
CA PRO B 130 0.71 26.31 -50.46
C PRO B 130 0.22 25.90 -49.07
N GLN B 131 -0.65 24.90 -49.03
CA GLN B 131 -1.19 24.40 -47.78
C GLN B 131 -0.13 23.52 -47.12
N TYR B 132 1.13 23.82 -47.37
CA TYR B 132 2.22 23.03 -46.80
C TYR B 132 3.59 23.57 -47.19
N PHE B 133 3.63 24.66 -47.94
CA PHE B 133 4.90 25.24 -48.37
C PHE B 133 5.76 25.79 -47.24
N GLN B 134 7.07 25.61 -47.38
CA GLN B 134 8.05 26.06 -46.40
C GLN B 134 9.40 26.21 -47.11
N HIS B 135 10.24 27.13 -46.62
CA HIS B 135 11.55 27.39 -47.21
C HIS B 135 12.58 26.29 -46.94
N LEU B 136 13.64 26.28 -47.73
CA LEU B 136 14.72 25.29 -47.59
C LEU B 136 16.05 25.92 -47.14
N ASP B 137 16.81 25.16 -46.36
CA ASP B 137 18.12 25.61 -45.87
C ASP B 137 19.15 25.23 -46.93
N HIS B 138 20.43 25.33 -46.61
CA HIS B 138 21.45 24.96 -47.58
C HIS B 138 21.48 23.45 -47.84
N THR B 139 20.32 22.83 -47.67
CA THR B 139 20.11 21.39 -47.88
C THR B 139 18.62 21.09 -47.81
N GLY B 140 18.21 20.44 -46.72
CA GLY B 140 16.82 20.06 -46.53
C GLY B 140 15.86 21.21 -46.24
N LYS B 141 14.67 20.83 -45.77
CA LYS B 141 13.59 21.75 -45.47
C LYS B 141 13.72 22.43 -44.09
N ARG B 142 13.38 23.71 -44.05
CA ARG B 142 13.43 24.54 -42.85
C ARG B 142 12.68 23.88 -41.68
N VAL B 143 11.75 23.00 -42.02
CA VAL B 143 10.96 22.29 -41.04
C VAL B 143 11.35 20.81 -41.00
N ASP B 144 11.84 20.38 -39.84
CA ASP B 144 12.26 19.00 -39.64
C ASP B 144 11.68 18.52 -38.32
N ALA B 145 12.22 19.05 -37.24
CA ALA B 145 11.76 18.70 -35.91
C ALA B 145 10.84 19.79 -35.37
N TYR B 146 10.59 20.82 -36.19
CA TYR B 146 9.72 21.92 -35.78
C TYR B 146 8.26 21.56 -36.01
N ASP B 147 7.93 20.31 -35.67
CA ASP B 147 6.58 19.76 -35.79
C ASP B 147 6.25 19.21 -37.17
N ARG B 148 7.05 18.25 -37.63
CA ARG B 148 6.84 17.63 -38.94
C ARG B 148 7.29 16.15 -38.94
N PRO B 149 6.54 15.28 -38.25
CA PRO B 149 6.85 13.85 -38.18
C PRO B 149 7.11 13.17 -39.52
N GLU B 150 6.31 13.50 -40.52
CA GLU B 150 6.46 12.92 -41.85
C GLU B 150 7.70 13.43 -42.57
N LEU B 151 8.38 14.41 -41.98
CA LEU B 151 9.57 14.99 -42.58
C LEU B 151 10.89 14.70 -41.86
N SER B 152 10.82 13.93 -40.78
CA SER B 152 12.04 13.61 -40.03
C SER B 152 12.06 12.23 -39.40
N LEU B 153 10.89 11.63 -39.22
CA LEU B 153 10.81 10.31 -38.61
C LEU B 153 10.45 9.21 -39.61
N GLY B 154 10.97 8.01 -39.36
CA GLY B 154 10.67 6.89 -40.25
C GLY B 154 9.25 6.39 -40.12
N SER B 155 8.68 6.52 -38.93
CA SER B 155 7.32 6.07 -38.68
C SER B 155 6.42 7.16 -38.13
N TYR B 156 5.17 7.15 -38.58
CA TYR B 156 4.17 8.14 -38.18
C TYR B 156 2.81 7.80 -38.82
N GLU B 157 1.76 8.51 -38.43
CA GLU B 157 0.43 8.26 -38.99
C GLU B 157 -0.20 9.53 -39.58
N PHE B 158 -1.26 9.32 -40.36
CA PHE B 158 -2.02 10.41 -40.98
C PHE B 158 -3.48 10.10 -40.72
N LEU B 159 -4.27 11.13 -40.44
CA LEU B 159 -5.70 10.91 -40.26
C LEU B 159 -6.14 10.72 -41.70
N ALA B 160 -7.07 9.81 -41.94
CA ALA B 160 -7.53 9.55 -43.31
C ALA B 160 -8.76 10.36 -43.67
N THR B 161 -8.91 10.64 -44.96
CA THR B 161 -10.08 11.37 -45.44
C THR B 161 -11.10 10.34 -45.92
N VAL B 162 -12.32 10.79 -46.20
CA VAL B 162 -13.38 9.90 -46.66
C VAL B 162 -13.10 9.04 -47.88
N ASP B 163 -12.27 9.51 -48.82
CA ASP B 163 -12.01 8.67 -49.98
C ASP B 163 -11.13 7.46 -49.66
N TYR B 164 -10.65 7.42 -48.42
CA TYR B 164 -9.85 6.29 -47.93
C TYR B 164 -10.86 5.36 -47.28
N CYS B 165 -12.15 5.62 -47.52
CA CYS B 165 -13.23 4.83 -46.96
C CYS B 165 -14.23 4.38 -48.01
N LYS B 166 -14.99 3.34 -47.69
CA LYS B 166 -16.02 2.82 -48.59
C LYS B 166 -17.22 3.75 -48.61
N ASN B 167 -17.85 3.87 -49.77
CA ASN B 167 -19.02 4.74 -49.92
C ASN B 167 -18.71 6.16 -49.49
N ASN B 168 -17.47 6.58 -49.72
CA ASN B 168 -17.04 7.93 -49.37
C ASN B 168 -17.61 8.36 -48.02
N LYS B 169 -17.51 7.49 -47.02
CA LYS B 169 -18.02 7.81 -45.69
C LYS B 169 -17.17 7.25 -44.54
N PHE B 170 -16.97 8.06 -43.51
CA PHE B 170 -16.19 7.64 -42.35
C PHE B 170 -16.86 6.43 -41.71
N PRO B 171 -16.07 5.44 -41.27
CA PRO B 171 -16.62 4.24 -40.64
C PRO B 171 -17.18 4.42 -39.23
N SER B 172 -17.99 3.46 -38.80
CA SER B 172 -18.59 3.46 -37.47
C SER B 172 -17.65 2.69 -36.54
N PRO B 173 -17.81 2.84 -35.22
CA PRO B 173 -16.91 2.09 -34.36
C PRO B 173 -17.21 0.59 -34.55
N PRO B 174 -16.18 -0.26 -34.50
CA PRO B 174 -16.41 -1.70 -34.68
C PRO B 174 -17.10 -2.36 -33.50
N ALA B 175 -17.38 -3.66 -33.65
CA ALA B 175 -18.07 -4.41 -32.60
C ALA B 175 -17.45 -5.79 -32.39
N PHE B 176 -17.59 -6.32 -31.17
CA PHE B 176 -17.07 -7.63 -30.77
C PHE B 176 -18.27 -8.56 -30.55
N ILE B 177 -18.19 -9.77 -31.08
CA ILE B 177 -19.27 -10.72 -30.91
C ILE B 177 -18.73 -12.02 -30.37
N PHE B 178 -19.22 -12.43 -29.21
CA PHE B 178 -18.77 -13.66 -28.58
C PHE B 178 -19.73 -14.78 -28.97
N MET B 179 -19.18 -15.82 -29.60
CA MET B 179 -19.98 -16.95 -30.07
C MET B 179 -19.51 -18.19 -29.34
N ILE B 180 -20.42 -18.76 -28.55
CA ILE B 180 -20.10 -19.89 -27.67
C ILE B 180 -20.77 -21.24 -27.95
N ASP B 181 -19.95 -22.28 -27.98
CA ASP B 181 -20.43 -23.65 -28.19
C ASP B 181 -20.95 -24.11 -26.82
N VAL B 182 -22.24 -24.40 -26.74
CA VAL B 182 -22.84 -24.84 -25.51
C VAL B 182 -23.29 -26.29 -25.57
N SER B 183 -22.58 -27.04 -26.41
CA SER B 183 -22.86 -28.45 -26.58
C SER B 183 -22.45 -29.13 -25.27
N TYR B 184 -22.77 -30.41 -25.15
CA TYR B 184 -22.44 -31.17 -23.96
C TYR B 184 -20.94 -31.10 -23.59
N ASN B 185 -20.08 -31.18 -24.60
CA ASN B 185 -18.64 -31.15 -24.38
C ASN B 185 -18.12 -29.83 -23.78
N ALA B 186 -18.82 -28.73 -24.03
CA ALA B 186 -18.38 -27.43 -23.51
C ALA B 186 -18.94 -27.20 -22.11
N ILE B 187 -20.13 -27.74 -21.87
CA ILE B 187 -20.81 -27.62 -20.57
C ILE B 187 -20.16 -28.52 -19.51
N ARG B 188 -20.05 -29.82 -19.80
CA ARG B 188 -19.51 -30.77 -18.84
C ARG B 188 -18.20 -30.40 -18.13
N THR B 189 -17.29 -29.73 -18.81
CA THR B 189 -16.02 -29.35 -18.19
C THR B 189 -16.15 -28.13 -17.31
N GLY B 190 -17.23 -27.38 -17.51
CA GLY B 190 -17.43 -26.15 -16.75
C GLY B 190 -16.93 -24.95 -17.54
N LEU B 191 -16.54 -25.19 -18.80
CA LEU B 191 -16.04 -24.13 -19.66
C LEU B 191 -17.01 -23.01 -19.91
N VAL B 192 -18.25 -23.36 -20.25
CA VAL B 192 -19.25 -22.33 -20.53
C VAL B 192 -19.45 -21.44 -19.29
N ARG B 193 -19.43 -22.04 -18.11
CA ARG B 193 -19.57 -21.28 -16.87
C ARG B 193 -18.35 -20.40 -16.66
N LEU B 194 -17.17 -20.99 -16.80
CA LEU B 194 -15.94 -20.23 -16.62
C LEU B 194 -15.92 -19.01 -17.51
N LEU B 195 -16.25 -19.20 -18.79
CA LEU B 195 -16.25 -18.12 -19.76
C LEU B 195 -17.31 -17.05 -19.49
N CYS B 196 -18.54 -17.46 -19.16
CA CYS B 196 -19.56 -16.47 -18.89
C CYS B 196 -19.18 -15.66 -17.65
N GLU B 197 -18.68 -16.34 -16.62
CA GLU B 197 -18.27 -15.67 -15.41
C GLU B 197 -17.21 -14.62 -15.69
N GLU B 198 -16.20 -14.99 -16.48
CA GLU B 198 -15.13 -14.07 -16.82
C GLU B 198 -15.63 -12.86 -17.60
N LEU B 199 -16.52 -13.09 -18.56
CA LEU B 199 -17.05 -12.03 -19.39
C LEU B 199 -17.72 -10.90 -18.58
N LYS B 200 -18.37 -11.26 -17.47
CA LYS B 200 -19.03 -10.26 -16.62
C LYS B 200 -18.07 -9.14 -16.25
N SER B 201 -16.82 -9.53 -16.03
CA SER B 201 -15.79 -8.59 -15.63
C SER B 201 -14.93 -8.09 -16.80
N LEU B 202 -14.52 -9.00 -17.68
CA LEU B 202 -13.67 -8.63 -18.81
C LEU B 202 -14.31 -7.61 -19.75
N LEU B 203 -15.63 -7.67 -19.89
CA LEU B 203 -16.32 -6.75 -20.79
C LEU B 203 -16.11 -5.28 -20.45
N ASP B 204 -15.65 -4.98 -19.24
CA ASP B 204 -15.39 -3.60 -18.84
C ASP B 204 -14.03 -3.08 -19.31
N PHE B 205 -13.26 -3.93 -19.99
CA PHE B 205 -11.93 -3.51 -20.46
C PHE B 205 -11.72 -3.57 -21.97
N LEU B 206 -12.75 -3.26 -22.74
CA LEU B 206 -12.62 -3.28 -24.18
C LEU B 206 -11.69 -2.13 -24.60
N PRO B 207 -10.88 -2.33 -25.64
CA PRO B 207 -9.94 -1.31 -26.11
C PRO B 207 -10.51 0.10 -26.31
N ARG B 208 -9.71 1.09 -25.93
CA ARG B 208 -10.04 2.51 -25.99
C ARG B 208 -8.94 3.28 -26.70
N GLU B 209 -9.13 4.59 -26.85
CA GLU B 209 -8.12 5.39 -27.50
C GLU B 209 -7.71 6.65 -26.73
N GLY B 210 -7.54 7.75 -27.46
CA GLY B 210 -7.13 9.00 -26.86
C GLY B 210 -8.01 9.60 -25.78
N GLY B 211 -7.64 9.33 -24.53
CA GLY B 211 -8.37 9.87 -23.40
C GLY B 211 -9.86 9.59 -23.37
N ALA B 212 -10.27 8.44 -23.88
CA ALA B 212 -11.68 8.06 -23.84
C ALA B 212 -11.71 7.13 -22.65
N GLU B 213 -12.68 7.30 -21.77
CA GLU B 213 -12.72 6.45 -20.58
C GLU B 213 -13.63 5.26 -20.78
N GLU B 214 -14.48 5.35 -21.79
CA GLU B 214 -15.40 4.28 -22.11
C GLU B 214 -15.06 3.78 -23.51
N SER B 215 -15.23 2.49 -23.74
CA SER B 215 -14.95 1.94 -25.06
C SER B 215 -16.14 2.13 -25.97
N ALA B 216 -15.84 2.41 -27.24
CA ALA B 216 -16.89 2.58 -28.24
C ALA B 216 -17.22 1.23 -28.87
N ILE B 217 -16.56 0.18 -28.40
CA ILE B 217 -16.78 -1.16 -28.95
C ILE B 217 -18.06 -1.77 -28.38
N ARG B 218 -18.97 -2.15 -29.25
CA ARG B 218 -20.20 -2.74 -28.80
C ARG B 218 -20.08 -4.26 -28.84
N VAL B 219 -20.85 -4.93 -27.99
CA VAL B 219 -20.79 -6.37 -27.89
C VAL B 219 -22.09 -7.07 -28.25
N GLY B 220 -21.96 -8.31 -28.73
CA GLY B 220 -23.11 -9.12 -29.11
C GLY B 220 -22.88 -10.52 -28.56
N PHE B 221 -23.93 -11.31 -28.41
CA PHE B 221 -23.76 -12.65 -27.86
C PHE B 221 -24.51 -13.76 -28.59
N VAL B 222 -23.81 -14.82 -28.93
CA VAL B 222 -24.44 -15.95 -29.63
C VAL B 222 -23.95 -17.29 -29.07
N THR B 223 -24.87 -18.21 -28.82
CA THR B 223 -24.49 -19.55 -28.36
C THR B 223 -24.91 -20.52 -29.45
N TYR B 224 -24.33 -21.71 -29.48
CA TYR B 224 -24.68 -22.67 -30.54
C TYR B 224 -24.29 -24.12 -30.28
N ASN B 225 -25.02 -25.02 -30.93
CA ASN B 225 -24.76 -26.45 -30.90
C ASN B 225 -24.93 -26.78 -32.38
N LYS B 226 -26.01 -27.47 -32.76
CA LYS B 226 -26.20 -27.71 -34.19
C LYS B 226 -27.17 -26.64 -34.69
N VAL B 227 -27.50 -25.70 -33.80
CA VAL B 227 -28.37 -24.57 -34.11
C VAL B 227 -27.77 -23.31 -33.45
N LEU B 228 -28.19 -22.11 -33.88
CA LEU B 228 -27.66 -20.87 -33.32
C LEU B 228 -28.66 -20.11 -32.45
N HIS B 229 -28.18 -19.53 -31.35
CA HIS B 229 -29.04 -18.76 -30.47
C HIS B 229 -28.53 -17.33 -30.35
N PHE B 230 -29.29 -16.40 -30.92
CA PHE B 230 -28.94 -14.98 -30.84
C PHE B 230 -29.67 -14.39 -29.65
N TYR B 231 -29.00 -13.52 -28.91
CA TYR B 231 -29.63 -12.90 -27.76
C TYR B 231 -29.74 -11.40 -27.98
N ASN B 232 -30.81 -10.80 -27.45
CA ASN B 232 -31.00 -9.37 -27.60
C ASN B 232 -30.31 -8.59 -26.47
N GLN B 241 -34.37 -11.16 -25.22
CA GLN B 241 -34.97 -12.13 -26.13
C GLN B 241 -33.94 -13.10 -26.67
N MET B 242 -34.42 -14.29 -27.03
CA MET B 242 -33.59 -15.33 -27.59
C MET B 242 -34.20 -15.70 -28.95
N MET B 243 -33.39 -15.60 -30.00
CA MET B 243 -33.83 -15.89 -31.36
C MET B 243 -33.10 -17.14 -31.84
N VAL B 244 -33.83 -18.25 -31.98
CA VAL B 244 -33.23 -19.51 -32.41
C VAL B 244 -33.32 -19.74 -33.91
N VAL B 245 -32.17 -19.87 -34.57
CA VAL B 245 -32.13 -20.10 -36.01
C VAL B 245 -31.62 -21.50 -36.29
N SER B 246 -32.52 -22.37 -36.73
CA SER B 246 -32.14 -23.75 -37.03
C SER B 246 -31.99 -23.98 -38.54
N ASP B 247 -32.71 -23.19 -39.33
CA ASP B 247 -32.62 -23.35 -40.77
C ASP B 247 -31.30 -22.79 -41.28
N VAL B 248 -30.26 -23.63 -41.28
CA VAL B 248 -28.96 -23.20 -41.78
C VAL B 248 -28.99 -23.47 -43.27
N ALA B 249 -27.82 -23.54 -43.91
CA ALA B 249 -27.75 -23.76 -45.35
C ALA B 249 -28.23 -22.46 -45.99
N ASP B 250 -29.37 -21.96 -45.51
CA ASP B 250 -29.95 -20.72 -45.98
C ASP B 250 -30.23 -19.92 -44.72
N MET B 251 -29.15 -19.53 -44.05
CA MET B 251 -29.18 -18.79 -42.80
C MET B 251 -30.26 -17.73 -42.63
N PHE B 252 -29.90 -16.46 -42.90
CA PHE B 252 -30.80 -15.33 -42.74
C PHE B 252 -30.97 -15.00 -41.25
N VAL B 253 -30.35 -13.91 -40.83
CA VAL B 253 -30.43 -13.50 -39.43
C VAL B 253 -30.98 -12.08 -39.28
N PRO B 254 -32.17 -11.95 -38.67
CA PRO B 254 -32.87 -10.69 -38.42
C PRO B 254 -31.99 -9.55 -37.90
N LEU B 255 -32.31 -8.34 -38.34
CA LEU B 255 -31.58 -7.15 -37.94
C LEU B 255 -32.14 -6.62 -36.61
N LEU B 256 -31.66 -7.18 -35.50
CA LEU B 256 -32.11 -6.77 -34.18
C LEU B 256 -31.35 -5.57 -33.64
N ASP B 257 -32.01 -4.79 -32.80
CA ASP B 257 -31.40 -3.62 -32.19
C ASP B 257 -30.84 -3.98 -30.84
N GLY B 258 -31.33 -5.07 -30.27
CA GLY B 258 -30.86 -5.51 -28.97
C GLY B 258 -29.50 -6.18 -29.12
N PHE B 259 -29.19 -6.59 -30.34
CA PHE B 259 -27.92 -7.22 -30.63
C PHE B 259 -26.93 -6.07 -30.77
N LEU B 260 -25.71 -6.26 -30.28
CA LEU B 260 -24.69 -5.21 -30.35
C LEU B 260 -25.11 -4.05 -29.47
N VAL B 261 -24.80 -4.16 -28.19
CA VAL B 261 -25.15 -3.12 -27.24
C VAL B 261 -23.95 -2.55 -26.52
N ASN B 262 -24.15 -1.39 -25.90
CA ASN B 262 -23.09 -0.75 -25.15
C ASN B 262 -23.01 -1.47 -23.81
N VAL B 263 -21.79 -1.73 -23.36
CA VAL B 263 -21.57 -2.44 -22.11
C VAL B 263 -22.06 -1.69 -20.86
N ASN B 264 -21.82 -0.38 -20.80
CA ASN B 264 -22.23 0.42 -19.65
C ASN B 264 -23.73 0.60 -19.52
N GLU B 265 -24.40 0.79 -20.65
CA GLU B 265 -25.86 0.99 -20.64
C GLU B 265 -26.58 -0.30 -20.30
N SER B 266 -26.21 -1.39 -20.99
CA SER B 266 -26.85 -2.69 -20.79
C SER B 266 -26.18 -3.55 -19.74
N ARG B 267 -25.38 -2.92 -18.88
CA ARG B 267 -24.66 -3.64 -17.84
C ARG B 267 -25.49 -4.69 -17.12
N ALA B 268 -26.61 -4.29 -16.54
CA ALA B 268 -27.46 -5.23 -15.81
C ALA B 268 -28.05 -6.31 -16.72
N VAL B 269 -28.47 -5.91 -17.91
CA VAL B 269 -29.04 -6.84 -18.88
C VAL B 269 -28.03 -7.91 -19.30
N ILE B 270 -26.78 -7.49 -19.50
CA ILE B 270 -25.73 -8.40 -19.92
C ILE B 270 -25.34 -9.40 -18.84
N THR B 271 -25.27 -8.93 -17.60
CA THR B 271 -24.90 -9.77 -16.47
C THR B 271 -25.97 -10.85 -16.29
N SER B 272 -27.22 -10.48 -16.52
CA SER B 272 -28.31 -11.44 -16.38
C SER B 272 -28.16 -12.54 -17.44
N LEU B 273 -27.88 -12.13 -18.67
CA LEU B 273 -27.69 -13.09 -19.76
C LEU B 273 -26.53 -14.05 -19.48
N LEU B 274 -25.43 -13.55 -18.93
CA LEU B 274 -24.27 -14.40 -18.63
C LEU B 274 -24.55 -15.39 -17.49
N ASP B 275 -25.47 -15.03 -16.58
CA ASP B 275 -25.84 -15.94 -15.49
C ASP B 275 -26.76 -17.00 -16.04
N GLN B 276 -27.56 -16.60 -17.03
CA GLN B 276 -28.54 -17.47 -17.66
C GLN B 276 -27.95 -18.59 -18.53
N ILE B 277 -27.23 -18.19 -19.57
CA ILE B 277 -26.62 -19.14 -20.50
C ILE B 277 -26.19 -20.47 -19.87
N PRO B 278 -25.31 -20.43 -18.86
CA PRO B 278 -24.91 -21.72 -18.28
C PRO B 278 -26.08 -22.58 -17.77
N GLU B 279 -27.10 -21.96 -17.17
CA GLU B 279 -28.25 -22.71 -16.65
C GLU B 279 -29.12 -23.26 -17.77
N MET B 280 -29.35 -22.40 -18.76
CA MET B 280 -30.20 -22.76 -19.89
C MET B 280 -29.75 -24.02 -20.61
N PHE B 281 -28.45 -24.32 -20.55
CA PHE B 281 -27.90 -25.49 -21.22
C PHE B 281 -27.24 -26.52 -20.33
N ALA B 282 -27.31 -26.31 -19.02
CA ALA B 282 -26.67 -27.23 -18.06
C ALA B 282 -27.06 -28.69 -18.24
N ASP B 283 -28.26 -28.94 -18.77
CA ASP B 283 -28.71 -30.32 -18.96
C ASP B 283 -28.61 -30.85 -20.37
N THR B 284 -28.14 -30.04 -21.30
CA THR B 284 -28.02 -30.46 -22.69
C THR B 284 -27.19 -31.73 -22.88
N ARG B 285 -27.54 -32.50 -23.90
CA ARG B 285 -26.86 -33.74 -24.24
C ARG B 285 -26.43 -33.71 -25.70
N GLU B 286 -26.70 -32.58 -26.35
CA GLU B 286 -26.34 -32.38 -27.75
C GLU B 286 -24.83 -32.49 -27.88
N THR B 287 -24.37 -33.18 -28.92
CA THR B 287 -22.93 -33.35 -29.15
C THR B 287 -22.48 -32.77 -30.48
N GLU B 288 -23.33 -32.90 -31.50
CA GLU B 288 -23.03 -32.39 -32.83
C GLU B 288 -23.14 -30.88 -32.88
N THR B 289 -22.17 -30.22 -33.52
CA THR B 289 -22.17 -28.77 -33.61
C THR B 289 -21.81 -28.28 -35.00
N VAL B 290 -22.21 -27.07 -35.33
CA VAL B 290 -21.89 -26.47 -36.60
C VAL B 290 -20.72 -25.49 -36.38
N PHE B 291 -20.15 -24.97 -37.45
CA PHE B 291 -19.00 -24.06 -37.35
C PHE B 291 -19.12 -22.96 -38.40
N VAL B 292 -19.11 -23.38 -39.66
CA VAL B 292 -19.22 -22.44 -40.77
C VAL B 292 -20.39 -21.47 -40.61
N PRO B 293 -21.59 -22.00 -40.27
CA PRO B 293 -22.79 -21.19 -40.09
C PRO B 293 -22.63 -20.19 -38.96
N VAL B 294 -21.89 -20.59 -37.93
CA VAL B 294 -21.64 -19.70 -36.79
C VAL B 294 -20.95 -18.44 -37.29
N ILE B 295 -19.84 -18.61 -38.00
CA ILE B 295 -19.10 -17.47 -38.52
C ILE B 295 -19.89 -16.68 -39.54
N GLN B 296 -20.72 -17.37 -40.33
CA GLN B 296 -21.52 -16.71 -41.33
C GLN B 296 -22.53 -15.80 -40.66
N ALA B 297 -23.15 -16.30 -39.59
CA ALA B 297 -24.12 -15.53 -38.84
C ALA B 297 -23.44 -14.35 -38.20
N GLY B 298 -22.28 -14.58 -37.59
CA GLY B 298 -21.54 -13.49 -36.96
C GLY B 298 -21.21 -12.41 -37.97
N MET B 299 -20.61 -12.81 -39.07
CA MET B 299 -20.22 -11.90 -40.14
C MET B 299 -21.44 -11.16 -40.71
N GLU B 300 -22.54 -11.88 -40.85
CA GLU B 300 -23.76 -11.29 -41.39
C GLU B 300 -24.31 -10.23 -40.43
N ALA B 301 -24.15 -10.47 -39.13
CA ALA B 301 -24.61 -9.53 -38.12
C ALA B 301 -23.82 -8.24 -38.20
N LEU B 302 -22.52 -8.35 -38.45
CA LEU B 302 -21.67 -7.16 -38.57
C LEU B 302 -22.06 -6.38 -39.84
N LYS B 303 -22.38 -7.09 -40.91
CA LYS B 303 -22.76 -6.42 -42.13
C LYS B 303 -24.06 -5.66 -41.93
N ALA B 304 -25.04 -6.30 -41.28
CA ALA B 304 -26.31 -5.64 -41.01
C ALA B 304 -26.06 -4.34 -40.24
N ALA B 305 -25.14 -4.37 -39.28
CA ALA B 305 -24.84 -3.19 -38.48
C ALA B 305 -23.92 -2.24 -39.23
N GLU B 306 -23.37 -2.72 -40.33
CA GLU B 306 -22.46 -1.92 -41.14
C GLU B 306 -21.36 -1.25 -40.33
N CYS B 307 -20.57 -2.08 -39.67
CA CYS B 307 -19.42 -1.66 -38.89
C CYS B 307 -18.62 -2.92 -39.04
N ALA B 308 -17.31 -2.86 -38.85
CA ALA B 308 -16.52 -4.05 -38.95
C ALA B 308 -16.35 -4.58 -37.53
N GLY B 309 -15.54 -5.62 -37.35
CA GLY B 309 -15.36 -6.13 -36.00
C GLY B 309 -14.69 -7.48 -35.88
N LYS B 310 -14.95 -8.14 -34.76
CA LYS B 310 -14.36 -9.44 -34.47
C LYS B 310 -15.35 -10.43 -33.91
N LEU B 311 -15.10 -11.69 -34.21
CA LEU B 311 -15.89 -12.77 -33.69
C LEU B 311 -14.93 -13.64 -32.89
N PHE B 312 -15.31 -13.95 -31.65
CA PHE B 312 -14.49 -14.83 -30.84
C PHE B 312 -15.27 -16.13 -30.72
N LEU B 313 -14.69 -17.22 -31.21
CA LEU B 313 -15.36 -18.51 -31.11
C LEU B 313 -14.72 -19.33 -30.00
N PHE B 314 -15.50 -20.22 -29.42
CA PHE B 314 -15.03 -21.09 -28.35
C PHE B 314 -15.67 -22.42 -28.73
N HIS B 315 -14.88 -23.22 -29.45
CA HIS B 315 -15.31 -24.50 -30.01
C HIS B 315 -14.60 -25.69 -29.39
N THR B 316 -15.34 -26.78 -29.19
CA THR B 316 -14.80 -27.97 -28.56
C THR B 316 -14.53 -29.21 -29.42
N SER B 317 -15.19 -29.33 -30.57
CA SER B 317 -14.96 -30.54 -31.37
C SER B 317 -15.28 -30.49 -32.86
N LEU B 318 -14.75 -31.48 -33.58
CA LEU B 318 -14.99 -31.59 -35.03
C LEU B 318 -16.48 -31.41 -35.29
N PRO B 319 -16.85 -30.35 -36.03
CA PRO B 319 -18.25 -30.07 -36.34
C PRO B 319 -18.86 -31.06 -37.34
N ILE B 320 -19.46 -32.12 -36.82
CA ILE B 320 -20.05 -33.15 -37.67
C ILE B 320 -21.53 -32.95 -38.00
N ALA B 321 -22.12 -31.89 -37.47
CA ALA B 321 -23.53 -31.62 -37.73
C ALA B 321 -23.78 -31.45 -39.23
N GLU B 322 -24.95 -31.90 -39.68
CA GLU B 322 -25.29 -31.80 -41.09
C GLU B 322 -25.56 -30.34 -41.44
N ALA B 323 -24.61 -29.72 -42.13
CA ALA B 323 -24.75 -28.33 -42.53
C ALA B 323 -23.55 -27.91 -43.37
N PRO B 324 -23.63 -26.70 -43.99
CA PRO B 324 -22.51 -26.24 -44.80
C PRO B 324 -21.24 -26.18 -43.96
N GLY B 325 -20.23 -26.95 -44.38
CA GLY B 325 -18.98 -26.97 -43.66
C GLY B 325 -18.74 -28.24 -42.87
N LYS B 326 -19.73 -29.12 -42.80
CA LYS B 326 -19.55 -30.36 -42.06
C LYS B 326 -18.20 -30.97 -42.45
N LEU B 327 -17.52 -31.56 -41.47
CA LEU B 327 -16.23 -32.17 -41.71
C LEU B 327 -16.27 -33.63 -41.28
N LYS B 328 -15.28 -34.39 -41.71
CA LYS B 328 -15.18 -35.79 -41.34
C LYS B 328 -13.89 -35.97 -40.56
N ASN B 329 -13.73 -37.13 -39.93
CA ASN B 329 -12.51 -37.41 -39.17
C ASN B 329 -11.51 -38.05 -40.14
N ARG B 330 -11.03 -37.23 -41.07
CA ARG B 330 -10.09 -37.67 -42.13
C ARG B 330 -8.63 -37.82 -41.75
N ASP B 331 -8.30 -37.80 -40.47
CA ASP B 331 -6.88 -37.89 -40.10
C ASP B 331 -6.27 -39.29 -39.90
N ASP B 332 -5.02 -39.47 -40.32
CA ASP B 332 -4.32 -40.76 -40.18
C ASP B 332 -2.79 -40.74 -40.36
N ARG B 333 -2.08 -41.35 -39.40
CA ARG B 333 -0.61 -41.43 -39.40
C ARG B 333 -0.08 -42.33 -40.52
N LYS B 334 -0.70 -42.28 -41.68
CA LYS B 334 -0.28 -43.13 -42.79
C LYS B 334 0.02 -42.33 -44.05
N LEU B 335 -0.16 -41.02 -43.97
CA LEU B 335 0.10 -40.14 -45.10
C LEU B 335 1.35 -39.32 -44.82
N ILE B 336 1.96 -39.55 -43.66
CA ILE B 336 3.15 -38.81 -43.25
C ILE B 336 4.24 -38.66 -44.32
N ASN B 337 5.14 -39.62 -44.46
CA ASN B 337 6.17 -39.46 -45.48
C ASN B 337 5.62 -39.92 -46.82
N THR B 338 4.50 -39.31 -47.22
CA THR B 338 3.82 -39.63 -48.47
C THR B 338 3.46 -38.35 -49.21
N ASP B 339 3.30 -38.44 -50.52
CA ASP B 339 2.94 -37.27 -51.33
C ASP B 339 1.60 -36.67 -50.91
N LYS B 340 0.87 -37.40 -50.08
CA LYS B 340 -0.44 -36.94 -49.61
C LYS B 340 -0.40 -36.41 -48.17
N GLU B 341 0.79 -36.02 -47.71
CA GLU B 341 0.94 -35.48 -46.37
C GLU B 341 0.45 -34.03 -46.36
N LYS B 342 0.47 -33.41 -47.54
CA LYS B 342 0.01 -32.04 -47.70
C LYS B 342 -1.49 -31.97 -47.42
N THR B 343 -2.19 -33.06 -47.73
CA THR B 343 -3.64 -33.18 -47.56
C THR B 343 -4.13 -32.76 -46.18
N LEU B 344 -3.47 -33.29 -45.15
CA LEU B 344 -3.82 -33.02 -43.76
C LEU B 344 -3.72 -31.55 -43.36
N PHE B 345 -2.83 -30.80 -44.02
CA PHE B 345 -2.66 -29.40 -43.70
C PHE B 345 -3.58 -28.51 -44.55
N GLN B 346 -4.31 -29.13 -45.47
CA GLN B 346 -5.20 -28.39 -46.35
C GLN B 346 -6.61 -28.38 -45.81
N PRO B 347 -7.38 -27.33 -46.10
CA PRO B 347 -8.76 -27.29 -45.61
C PRO B 347 -9.55 -28.45 -46.22
N GLN B 348 -10.48 -29.00 -45.46
CA GLN B 348 -11.25 -30.14 -45.96
C GLN B 348 -12.18 -29.76 -47.11
N THR B 349 -12.52 -28.47 -47.20
CA THR B 349 -13.41 -28.01 -48.26
C THR B 349 -13.05 -26.59 -48.67
N GLY B 350 -13.57 -26.15 -49.81
CA GLY B 350 -13.32 -24.81 -50.27
C GLY B 350 -14.28 -23.81 -49.65
N ALA B 351 -15.24 -24.33 -48.88
CA ALA B 351 -16.24 -23.47 -48.24
C ALA B 351 -15.58 -22.52 -47.24
N TYR B 352 -14.53 -23.00 -46.58
CA TYR B 352 -13.82 -22.18 -45.60
C TYR B 352 -13.08 -20.99 -46.21
N GLN B 353 -12.32 -21.24 -47.26
CA GLN B 353 -11.59 -20.17 -47.94
C GLN B 353 -12.62 -19.12 -48.40
N THR B 354 -13.69 -19.59 -49.03
CA THR B 354 -14.75 -18.70 -49.53
C THR B 354 -15.34 -17.85 -48.41
N LEU B 355 -15.74 -18.48 -47.32
CA LEU B 355 -16.31 -17.75 -46.18
C LEU B 355 -15.32 -16.69 -45.66
N ALA B 356 -14.04 -17.01 -45.67
CA ALA B 356 -13.01 -16.08 -45.21
C ALA B 356 -12.95 -14.84 -46.09
N LYS B 357 -13.10 -15.04 -47.40
CA LYS B 357 -13.07 -13.94 -48.35
C LYS B 357 -14.23 -13.01 -48.03
N GLU B 358 -15.39 -13.58 -47.70
CA GLU B 358 -16.55 -12.76 -47.37
C GLU B 358 -16.27 -11.96 -46.10
N CYS B 359 -15.69 -12.61 -45.09
CA CYS B 359 -15.35 -11.93 -43.83
C CYS B 359 -14.40 -10.76 -44.09
N VAL B 360 -13.38 -11.00 -44.92
CA VAL B 360 -12.42 -9.94 -45.23
C VAL B 360 -13.15 -8.73 -45.82
N ALA B 361 -14.10 -8.99 -46.71
CA ALA B 361 -14.84 -7.89 -47.33
C ALA B 361 -15.56 -7.03 -46.29
N GLN B 362 -16.09 -7.67 -45.25
CA GLN B 362 -16.79 -6.93 -44.21
C GLN B 362 -15.93 -6.43 -43.05
N GLY B 363 -14.62 -6.67 -43.10
CA GLY B 363 -13.75 -6.24 -42.02
C GLY B 363 -13.98 -7.10 -40.79
N CYS B 364 -14.32 -8.36 -41.02
CA CYS B 364 -14.58 -9.29 -39.94
C CYS B 364 -13.39 -10.22 -39.63
N CYS B 365 -12.79 -10.04 -38.46
CA CYS B 365 -11.66 -10.85 -38.05
C CYS B 365 -12.14 -11.85 -37.02
N VAL B 366 -11.74 -13.11 -37.15
CA VAL B 366 -12.19 -14.11 -36.18
C VAL B 366 -11.10 -14.79 -35.35
N ASP B 367 -11.26 -14.75 -34.03
CA ASP B 367 -10.29 -15.43 -33.17
C ASP B 367 -10.94 -16.73 -32.74
N LEU B 368 -10.13 -17.79 -32.69
CA LEU B 368 -10.63 -19.10 -32.34
C LEU B 368 -9.98 -19.73 -31.12
N PHE B 369 -10.83 -20.20 -30.22
CA PHE B 369 -10.38 -20.85 -29.00
C PHE B 369 -10.87 -22.30 -29.09
N LEU B 370 -9.92 -23.22 -29.17
CA LEU B 370 -10.22 -24.64 -29.28
C LEU B 370 -9.95 -25.36 -27.98
N PHE B 371 -10.85 -26.28 -27.65
CA PHE B 371 -10.75 -27.08 -26.43
C PHE B 371 -11.07 -28.53 -26.87
N PRO B 372 -10.19 -29.14 -27.69
CA PRO B 372 -10.31 -30.49 -28.24
C PRO B 372 -10.02 -31.63 -27.27
N ASN B 373 -10.76 -32.72 -27.45
CA ASN B 373 -10.58 -33.93 -26.64
C ASN B 373 -10.03 -34.96 -27.64
N GLN B 374 -10.40 -34.79 -28.90
CA GLN B 374 -9.96 -35.68 -29.99
C GLN B 374 -9.63 -34.81 -31.20
N TYR B 375 -9.38 -35.45 -32.33
CA TYR B 375 -9.06 -34.73 -33.57
C TYR B 375 -10.17 -33.74 -33.92
N VAL B 376 -9.80 -32.49 -34.17
CA VAL B 376 -10.80 -31.47 -34.50
C VAL B 376 -10.45 -30.76 -35.81
N ASP B 377 -9.38 -31.20 -36.44
CA ASP B 377 -8.92 -30.63 -37.70
C ASP B 377 -8.63 -29.13 -37.55
N VAL B 378 -7.59 -28.84 -36.78
CA VAL B 378 -7.17 -27.47 -36.56
C VAL B 378 -6.89 -26.81 -37.89
N ALA B 379 -6.26 -27.56 -38.79
CA ALA B 379 -5.90 -27.08 -40.11
C ALA B 379 -7.07 -26.38 -40.76
N THR B 380 -8.18 -27.10 -40.87
CA THR B 380 -9.39 -26.57 -41.48
C THR B 380 -10.04 -25.45 -40.68
N LEU B 381 -10.29 -25.69 -39.39
CA LEU B 381 -10.93 -24.69 -38.55
C LEU B 381 -10.14 -23.41 -38.46
N SER B 382 -8.83 -23.52 -38.62
CA SER B 382 -7.95 -22.37 -38.52
C SER B 382 -7.89 -21.52 -39.79
N VAL B 383 -8.48 -22.03 -40.87
CA VAL B 383 -8.46 -21.31 -42.15
C VAL B 383 -9.06 -19.92 -42.11
N VAL B 384 -10.27 -19.79 -41.59
CA VAL B 384 -10.89 -18.48 -41.53
C VAL B 384 -10.08 -17.51 -40.67
N PRO B 385 -9.74 -17.90 -39.44
CA PRO B 385 -8.95 -16.98 -38.62
C PRO B 385 -7.62 -16.56 -39.27
N GLN B 386 -6.93 -17.51 -39.88
CA GLN B 386 -5.65 -17.18 -40.53
C GLN B 386 -5.80 -16.17 -41.68
N LEU B 387 -6.70 -16.46 -42.62
CA LEU B 387 -6.93 -15.57 -43.77
C LEU B 387 -7.60 -14.27 -43.36
N THR B 388 -8.08 -14.26 -42.14
CA THR B 388 -8.79 -13.12 -41.58
C THR B 388 -7.85 -12.29 -40.67
N GLY B 389 -6.63 -12.77 -40.48
CA GLY B 389 -5.70 -12.05 -39.65
C GLY B 389 -5.91 -12.33 -38.16
N GLY B 390 -6.86 -13.21 -37.87
CA GLY B 390 -7.17 -13.57 -36.50
C GLY B 390 -6.20 -14.54 -35.85
N SER B 391 -6.45 -14.88 -34.59
CA SER B 391 -5.56 -15.79 -33.86
C SER B 391 -6.22 -17.11 -33.48
N VAL B 392 -5.40 -18.14 -33.24
CA VAL B 392 -5.91 -19.43 -32.82
C VAL B 392 -5.29 -19.81 -31.49
N TYR B 393 -6.12 -20.32 -30.57
CA TYR B 393 -5.68 -20.72 -29.25
C TYR B 393 -6.18 -22.16 -29.06
N LYS B 394 -5.35 -23.01 -28.47
CA LYS B 394 -5.75 -24.40 -28.27
C LYS B 394 -5.43 -24.94 -26.87
N TYR B 395 -6.39 -25.65 -26.28
CA TYR B 395 -6.23 -26.24 -24.97
C TYR B 395 -6.68 -27.70 -25.02
N ALA B 396 -5.76 -28.57 -25.40
CA ALA B 396 -6.04 -30.00 -25.52
C ALA B 396 -6.49 -30.62 -24.19
N SER B 397 -7.54 -31.43 -24.24
CA SER B 397 -8.09 -32.10 -23.06
C SER B 397 -8.38 -31.09 -21.93
N PHE B 398 -8.79 -29.89 -22.33
CA PHE B 398 -9.10 -28.84 -21.37
C PHE B 398 -9.78 -29.35 -20.11
N GLN B 399 -9.35 -28.80 -18.97
CA GLN B 399 -9.91 -29.12 -17.67
C GLN B 399 -9.64 -27.86 -16.87
N VAL B 400 -10.66 -27.35 -16.17
CA VAL B 400 -10.49 -26.14 -15.39
C VAL B 400 -9.38 -26.29 -14.35
N GLU B 401 -9.22 -27.50 -13.82
CA GLU B 401 -8.18 -27.79 -12.83
C GLU B 401 -6.76 -27.53 -13.35
N ASN B 402 -6.53 -27.77 -14.63
CA ASN B 402 -5.18 -27.55 -15.20
C ASN B 402 -5.00 -26.32 -16.07
N ASP B 403 -6.08 -25.84 -16.68
CA ASP B 403 -5.94 -24.73 -17.61
C ASP B 403 -6.65 -23.42 -17.32
N GLN B 404 -7.29 -23.28 -16.17
CA GLN B 404 -8.00 -22.04 -15.91
C GLN B 404 -7.16 -20.80 -16.17
N GLU B 405 -6.02 -20.74 -15.51
CA GLU B 405 -5.11 -19.60 -15.59
C GLU B 405 -4.62 -19.24 -16.98
N ARG B 406 -4.10 -20.23 -17.69
CA ARG B 406 -3.58 -19.99 -19.02
C ARG B 406 -4.70 -19.50 -19.95
N PHE B 407 -5.80 -20.23 -20.01
CA PHE B 407 -6.89 -19.83 -20.88
C PHE B 407 -7.36 -18.41 -20.52
N LEU B 408 -7.65 -18.17 -19.26
CA LEU B 408 -8.11 -16.85 -18.84
C LEU B 408 -7.09 -15.78 -19.20
N SER B 409 -5.82 -16.09 -19.03
CA SER B 409 -4.78 -15.12 -19.38
C SER B 409 -4.79 -14.80 -20.88
N ASP B 410 -4.88 -15.84 -21.72
CA ASP B 410 -4.92 -15.63 -23.18
C ASP B 410 -6.16 -14.82 -23.57
N LEU B 411 -7.31 -15.23 -23.04
CA LEU B 411 -8.57 -14.56 -23.32
C LEU B 411 -8.51 -13.09 -22.93
N ARG B 412 -8.10 -12.82 -21.70
CA ARG B 412 -8.01 -11.45 -21.21
C ARG B 412 -7.07 -10.61 -22.05
N ARG B 413 -5.94 -11.18 -22.41
CA ARG B 413 -4.97 -10.44 -23.20
C ARG B 413 -5.48 -10.22 -24.62
N ASP B 414 -6.24 -11.18 -25.12
CA ASP B 414 -6.78 -11.09 -26.47
C ASP B 414 -7.88 -10.04 -26.58
N VAL B 415 -8.83 -10.07 -25.65
CA VAL B 415 -9.94 -9.12 -25.69
C VAL B 415 -9.51 -7.69 -25.43
N GLN B 416 -8.45 -7.52 -24.67
CA GLN B 416 -7.95 -6.20 -24.31
C GLN B 416 -6.87 -5.57 -25.20
N LYS B 417 -6.21 -6.36 -26.04
CA LYS B 417 -5.13 -5.84 -26.87
C LYS B 417 -5.57 -4.73 -27.81
N VAL B 418 -4.62 -3.86 -28.19
CA VAL B 418 -4.91 -2.78 -29.11
C VAL B 418 -5.12 -3.42 -30.47
N VAL B 419 -6.20 -3.04 -31.15
CA VAL B 419 -6.51 -3.64 -32.44
C VAL B 419 -6.84 -2.65 -33.56
N GLY B 420 -6.64 -3.12 -34.79
CA GLY B 420 -6.93 -2.33 -35.97
C GLY B 420 -8.00 -3.13 -36.71
N PHE B 421 -8.79 -2.46 -37.54
CA PHE B 421 -9.87 -3.15 -38.25
C PHE B 421 -9.95 -2.80 -39.74
N ASP B 422 -10.57 -3.72 -40.50
CA ASP B 422 -10.83 -3.56 -41.93
C ASP B 422 -9.66 -2.85 -42.59
N ALA B 423 -8.49 -3.46 -42.47
CA ALA B 423 -7.27 -2.87 -42.97
C ALA B 423 -6.62 -3.49 -44.19
N VAL B 424 -5.77 -2.71 -44.83
CA VAL B 424 -5.01 -3.14 -45.99
C VAL B 424 -3.62 -2.54 -45.91
N MET B 425 -2.63 -3.28 -46.37
CA MET B 425 -1.26 -2.80 -46.33
C MET B 425 -0.57 -3.00 -47.68
N ARG B 426 0.26 -2.03 -48.04
CA ARG B 426 1.01 -2.11 -49.28
C ARG B 426 2.43 -1.62 -49.02
N VAL B 427 3.40 -2.20 -49.71
CA VAL B 427 4.76 -1.74 -49.54
C VAL B 427 5.26 -1.24 -50.88
N ARG B 428 5.58 0.05 -50.97
CA ARG B 428 6.11 0.60 -52.20
C ARG B 428 7.63 0.64 -52.04
N THR B 429 8.33 0.45 -53.15
CA THR B 429 9.78 0.44 -53.12
C THR B 429 10.36 1.34 -54.20
N SER B 430 11.62 1.75 -54.00
CA SER B 430 12.29 2.59 -54.98
C SER B 430 12.35 1.74 -56.25
N THR B 431 12.54 2.39 -57.40
CA THR B 431 12.61 1.67 -58.67
C THR B 431 13.80 0.70 -58.70
N GLY B 432 13.55 -0.53 -59.14
CA GLY B 432 14.62 -1.51 -59.20
C GLY B 432 14.25 -2.83 -58.56
N ILE B 433 13.39 -2.75 -57.56
CA ILE B 433 12.92 -3.93 -56.84
C ILE B 433 11.44 -3.74 -56.48
N ARG B 434 10.79 -4.82 -56.07
CA ARG B 434 9.39 -4.76 -55.66
C ARG B 434 8.98 -6.00 -54.88
N ALA B 435 7.92 -5.86 -54.09
CA ALA B 435 7.43 -6.96 -53.28
C ALA B 435 6.99 -8.08 -54.22
N VAL B 436 7.40 -9.30 -53.92
CA VAL B 436 7.05 -10.43 -54.76
C VAL B 436 6.32 -11.54 -54.03
N ASP B 437 6.71 -11.79 -52.78
CA ASP B 437 6.08 -12.85 -51.99
C ASP B 437 5.62 -12.31 -50.63
N PHE B 438 4.60 -12.95 -50.06
CA PHE B 438 4.05 -12.53 -48.78
C PHE B 438 3.73 -13.73 -47.91
N PHE B 439 4.04 -13.63 -46.62
CA PHE B 439 3.77 -14.72 -45.69
C PHE B 439 3.19 -14.12 -44.43
N GLY B 440 2.17 -14.77 -43.88
CA GLY B 440 1.54 -14.28 -42.67
C GLY B 440 0.09 -14.66 -42.66
N ALA B 441 -0.66 -14.07 -41.72
CA ALA B 441 -2.08 -14.33 -41.59
C ALA B 441 -2.79 -13.14 -42.21
N PHE B 442 -3.28 -13.34 -43.43
CA PHE B 442 -3.97 -12.28 -44.15
C PHE B 442 -4.67 -12.87 -45.37
N TYR B 443 -5.10 -11.99 -46.28
CA TYR B 443 -5.77 -12.44 -47.50
C TYR B 443 -5.30 -11.61 -48.69
N MET B 444 -5.08 -12.25 -49.82
CA MET B 444 -4.64 -11.53 -51.01
C MET B 444 -5.32 -11.94 -52.31
N SER B 445 -5.71 -10.94 -53.11
CA SER B 445 -6.35 -11.18 -54.40
C SER B 445 -5.30 -10.89 -55.49
N ASN B 446 -4.62 -9.76 -55.35
CA ASN B 446 -3.59 -9.35 -56.30
C ASN B 446 -2.25 -9.62 -55.63
N THR B 447 -1.20 -8.95 -56.08
CA THR B 447 0.13 -9.15 -55.50
C THR B 447 0.67 -7.87 -54.84
N THR B 448 -0.21 -7.01 -54.38
CA THR B 448 0.24 -5.78 -53.73
C THR B 448 -0.55 -5.51 -52.46
N ASP B 449 -1.81 -5.95 -52.42
CA ASP B 449 -2.66 -5.70 -51.26
C ASP B 449 -2.73 -6.76 -50.17
N VAL B 450 -2.10 -6.47 -49.05
CA VAL B 450 -2.15 -7.38 -47.91
C VAL B 450 -3.41 -6.97 -47.17
N GLU B 451 -4.46 -7.75 -47.33
CA GLU B 451 -5.73 -7.40 -46.69
C GLU B 451 -5.80 -8.02 -45.31
N LEU B 452 -5.93 -7.13 -44.31
CA LEU B 452 -5.99 -7.52 -42.92
C LEU B 452 -7.35 -7.18 -42.30
N ALA B 453 -8.26 -8.15 -42.31
CA ALA B 453 -9.59 -7.95 -41.73
C ALA B 453 -9.39 -7.43 -40.31
N GLY B 454 -8.46 -8.05 -39.61
CA GLY B 454 -8.13 -7.64 -38.26
C GLY B 454 -6.61 -7.55 -38.17
N LEU B 455 -6.09 -6.83 -37.17
CA LEU B 455 -4.66 -6.70 -36.97
C LEU B 455 -4.44 -6.30 -35.51
N ASP B 456 -3.29 -6.67 -34.95
CA ASP B 456 -2.95 -6.34 -33.57
C ASP B 456 -1.45 -6.06 -33.50
N GLY B 457 -0.93 -5.85 -32.29
CA GLY B 457 0.49 -5.54 -32.14
C GLY B 457 1.44 -6.73 -32.09
N ASP B 458 0.92 -7.92 -32.31
CA ASP B 458 1.74 -9.11 -32.28
C ASP B 458 1.96 -9.62 -33.70
N LYS B 459 0.88 -9.71 -34.47
CA LYS B 459 0.92 -10.20 -35.85
C LYS B 459 2.01 -9.57 -36.69
N THR B 460 2.56 -10.37 -37.60
CA THR B 460 3.63 -9.91 -38.45
C THR B 460 3.38 -10.32 -39.91
N VAL B 461 3.78 -9.47 -40.85
CA VAL B 461 3.63 -9.80 -42.27
C VAL B 461 5.02 -9.76 -42.88
N THR B 462 5.42 -10.87 -43.49
CA THR B 462 6.74 -11.00 -44.11
C THR B 462 6.62 -10.88 -45.62
N VAL B 463 7.41 -9.98 -46.19
CA VAL B 463 7.39 -9.71 -47.62
C VAL B 463 8.76 -9.96 -48.27
N GLU B 464 8.79 -10.70 -49.37
CA GLU B 464 10.07 -10.91 -50.05
C GLU B 464 10.17 -9.97 -51.24
N PHE B 465 11.37 -9.50 -51.51
CA PHE B 465 11.60 -8.59 -52.63
C PHE B 465 12.55 -9.20 -53.64
N LYS B 466 12.40 -8.79 -54.89
CA LYS B 466 13.26 -9.24 -55.97
C LYS B 466 13.49 -8.13 -56.99
N HIS B 467 14.50 -8.31 -57.84
CA HIS B 467 14.85 -7.30 -58.82
C HIS B 467 14.02 -7.28 -60.10
N ASP B 468 13.86 -6.08 -60.65
CA ASP B 468 13.14 -5.87 -61.90
C ASP B 468 14.03 -4.96 -62.75
N ASP B 469 15.07 -4.40 -62.14
CA ASP B 469 16.00 -3.52 -62.82
C ASP B 469 17.28 -3.39 -62.02
N ARG B 470 18.20 -2.53 -62.46
CA ARG B 470 19.45 -2.33 -61.75
C ARG B 470 19.34 -1.22 -60.70
N LEU B 471 19.95 -1.44 -59.55
CA LEU B 471 19.92 -0.46 -58.47
C LEU B 471 21.21 0.32 -58.56
N ASN B 472 21.31 1.39 -57.77
CA ASN B 472 22.51 2.22 -57.74
C ASN B 472 22.96 2.45 -56.32
N GLU B 473 24.26 2.25 -56.08
CA GLU B 473 24.86 2.39 -54.78
C GLU B 473 24.68 3.79 -54.19
N GLU B 474 25.02 4.81 -54.98
CA GLU B 474 24.91 6.19 -54.51
C GLU B 474 23.50 6.48 -54.01
N SER B 475 22.51 5.96 -54.73
CA SER B 475 21.10 6.16 -54.40
C SER B 475 20.63 5.29 -53.24
N GLY B 476 20.91 4.00 -53.34
CA GLY B 476 20.48 3.06 -52.31
C GLY B 476 19.13 2.49 -52.67
N ALA B 477 18.36 2.08 -51.66
CA ALA B 477 17.03 1.52 -51.87
C ALA B 477 16.12 1.97 -50.75
N LEU B 478 14.83 2.09 -51.05
CA LEU B 478 13.87 2.54 -50.05
C LEU B 478 12.60 1.71 -50.06
N LEU B 479 12.07 1.46 -48.85
CA LEU B 479 10.84 0.71 -48.69
C LEU B 479 9.89 1.59 -47.88
N GLN B 480 8.62 1.62 -48.25
CA GLN B 480 7.65 2.41 -47.51
C GLN B 480 6.41 1.57 -47.23
N CYS B 481 6.25 1.16 -45.99
CA CYS B 481 5.10 0.35 -45.63
C CYS B 481 3.94 1.29 -45.35
N ALA B 482 2.83 1.02 -46.02
CA ALA B 482 1.63 1.85 -45.86
C ALA B 482 0.44 1.02 -45.42
N LEU B 483 -0.04 1.30 -44.21
CA LEU B 483 -1.18 0.59 -43.62
C LEU B 483 -2.39 1.50 -43.43
N LEU B 484 -3.52 1.11 -44.01
CA LEU B 484 -4.78 1.86 -43.88
C LEU B 484 -5.65 1.01 -42.96
N TYR B 485 -6.16 1.59 -41.88
CA TYR B 485 -7.00 0.82 -40.97
C TYR B 485 -8.05 1.67 -40.22
N THR B 486 -9.00 0.99 -39.59
CA THR B 486 -10.03 1.67 -38.83
C THR B 486 -9.69 1.38 -37.37
N SER B 487 -9.81 2.38 -36.52
CA SER B 487 -9.45 2.23 -35.11
C SER B 487 -10.52 1.60 -34.24
N CYS B 488 -10.17 1.36 -32.98
CA CYS B 488 -11.13 0.78 -32.03
C CYS B 488 -12.23 1.81 -31.74
N ALA B 489 -12.01 3.05 -32.15
CA ALA B 489 -12.97 4.13 -31.94
C ALA B 489 -13.74 4.39 -33.24
N GLY B 490 -13.23 3.83 -34.33
CA GLY B 490 -13.89 4.00 -35.61
C GLY B 490 -13.25 5.08 -36.46
N GLN B 491 -12.04 5.49 -36.10
CA GLN B 491 -11.35 6.52 -36.86
C GLN B 491 -10.50 5.91 -37.96
N ARG B 492 -10.61 6.44 -39.17
CA ARG B 492 -9.84 5.95 -40.31
C ARG B 492 -8.44 6.56 -40.28
N ARG B 493 -7.43 5.70 -40.24
CA ARG B 493 -6.05 6.18 -40.18
C ARG B 493 -5.08 5.44 -41.07
N LEU B 494 -3.90 6.05 -41.21
CA LEU B 494 -2.82 5.51 -42.03
C LEU B 494 -1.57 5.49 -41.19
N ARG B 495 -0.76 4.45 -41.37
CA ARG B 495 0.50 4.37 -40.66
C ARG B 495 1.56 4.04 -41.69
N ILE B 496 2.64 4.80 -41.67
CA ILE B 496 3.71 4.59 -42.63
C ILE B 496 5.01 4.29 -41.89
N HIS B 497 5.77 3.35 -42.44
CA HIS B 497 7.05 2.98 -41.87
C HIS B 497 8.03 3.08 -43.04
N ASN B 498 9.04 3.94 -42.87
CA ASN B 498 10.04 4.16 -43.90
C ASN B 498 11.36 3.51 -43.50
N LEU B 499 11.98 2.78 -44.43
CA LEU B 499 13.26 2.16 -44.16
C LEU B 499 14.16 2.22 -45.38
N ALA B 500 15.31 2.84 -45.21
CA ALA B 500 16.28 2.96 -46.31
C ALA B 500 17.34 1.86 -46.15
N LEU B 501 17.70 1.25 -47.27
CA LEU B 501 18.71 0.19 -47.28
C LEU B 501 19.85 0.66 -48.18
N ASN B 502 21.01 0.03 -48.04
CA ASN B 502 22.17 0.37 -48.88
C ASN B 502 22.24 -0.59 -50.06
N CYS B 503 22.88 -0.13 -51.14
CA CYS B 503 23.04 -0.96 -52.33
C CYS B 503 24.53 -1.17 -52.57
N CYS B 504 24.92 -2.39 -52.93
CA CYS B 504 26.32 -2.71 -53.14
C CYS B 504 26.57 -3.54 -54.39
N THR B 505 27.81 -3.49 -54.86
CA THR B 505 28.20 -4.24 -56.05
C THR B 505 29.25 -5.29 -55.71
N GLN B 506 29.64 -5.33 -54.44
CA GLN B 506 30.63 -6.28 -53.97
C GLN B 506 30.01 -7.29 -53.00
N LEU B 507 30.11 -8.57 -53.32
CA LEU B 507 29.54 -9.61 -52.47
C LEU B 507 29.93 -9.42 -51.01
N ALA B 508 31.18 -9.02 -50.77
CA ALA B 508 31.66 -8.81 -49.41
C ALA B 508 30.76 -7.87 -48.61
N ASP B 509 30.30 -6.81 -49.25
CA ASP B 509 29.43 -5.83 -48.59
C ASP B 509 28.03 -6.39 -48.38
N LEU B 510 27.69 -7.44 -49.12
CA LEU B 510 26.39 -8.05 -49.00
C LEU B 510 26.37 -8.94 -47.76
N TYR B 511 27.31 -9.86 -47.71
CA TYR B 511 27.43 -10.80 -46.59
C TYR B 511 27.71 -10.18 -45.23
N ARG B 512 28.37 -9.02 -45.18
CA ARG B 512 28.65 -8.41 -43.88
C ARG B 512 27.45 -7.68 -43.29
N ASN B 513 26.41 -7.46 -44.10
CA ASN B 513 25.23 -6.77 -43.61
C ASN B 513 23.94 -7.58 -43.58
N CYS B 514 24.06 -8.89 -43.35
CA CYS B 514 22.89 -9.74 -43.27
C CYS B 514 22.51 -9.94 -41.81
N GLU B 515 21.30 -10.48 -41.58
CA GLU B 515 20.78 -10.75 -40.23
C GLU B 515 20.23 -12.17 -40.19
N THR B 516 20.95 -13.05 -39.50
CA THR B 516 20.58 -14.46 -39.40
C THR B 516 19.21 -14.80 -38.83
N ASP B 517 18.84 -14.21 -37.70
CA ASP B 517 17.53 -14.49 -37.11
C ASP B 517 16.40 -14.18 -38.09
N THR B 518 16.49 -13.04 -38.75
CA THR B 518 15.48 -12.64 -39.72
C THR B 518 15.49 -13.61 -40.89
N LEU B 519 16.70 -14.02 -41.30
CA LEU B 519 16.83 -14.97 -42.40
C LEU B 519 16.09 -16.25 -42.01
N ILE B 520 16.29 -16.69 -40.77
CA ILE B 520 15.65 -17.91 -40.27
C ILE B 520 14.14 -17.73 -40.22
N ASN B 521 13.69 -16.56 -39.77
CA ASN B 521 12.26 -16.29 -39.70
C ASN B 521 11.67 -16.44 -41.10
N TYR B 522 12.28 -15.75 -42.06
CA TYR B 522 11.81 -15.82 -43.43
C TYR B 522 11.82 -17.26 -43.98
N MET B 523 12.96 -17.93 -43.95
CA MET B 523 12.96 -19.27 -44.51
C MET B 523 12.21 -20.35 -43.75
N ALA B 524 11.87 -20.12 -42.48
CA ALA B 524 11.10 -21.14 -41.78
C ALA B 524 9.66 -20.95 -42.25
N LYS B 525 9.27 -19.69 -42.46
CA LYS B 525 7.92 -19.38 -42.94
C LYS B 525 7.77 -19.88 -44.37
N PHE B 526 8.83 -19.74 -45.16
CA PHE B 526 8.81 -20.22 -46.54
C PHE B 526 8.61 -21.74 -46.55
N ALA B 527 9.34 -22.44 -45.68
CA ALA B 527 9.25 -23.88 -45.58
C ALA B 527 7.91 -24.32 -45.01
N TYR B 528 7.50 -23.65 -43.94
CA TYR B 528 6.23 -24.00 -43.30
C TYR B 528 5.04 -23.89 -44.26
N ARG B 529 5.12 -22.94 -45.19
CA ARG B 529 4.06 -22.79 -46.16
C ARG B 529 4.25 -23.89 -47.20
N GLY B 530 5.51 -24.12 -47.56
CA GLY B 530 5.83 -25.13 -48.55
C GLY B 530 5.19 -26.47 -48.30
N VAL B 531 5.03 -26.81 -47.03
CA VAL B 531 4.43 -28.07 -46.64
C VAL B 531 3.01 -28.24 -47.18
N LEU B 532 2.38 -27.12 -47.54
CA LEU B 532 1.02 -27.16 -48.06
C LEU B 532 0.92 -27.64 -49.51
N ASN B 533 2.03 -27.62 -50.24
CA ASN B 533 2.02 -28.00 -51.64
C ASN B 533 3.10 -28.98 -52.08
N SER B 534 4.11 -29.18 -51.24
CA SER B 534 5.21 -30.08 -51.59
C SER B 534 5.43 -31.10 -50.48
N PRO B 535 6.04 -32.25 -50.83
CA PRO B 535 6.30 -33.24 -49.78
C PRO B 535 7.29 -32.63 -48.81
N VAL B 536 7.29 -33.12 -47.57
CA VAL B 536 8.21 -32.59 -46.57
C VAL B 536 9.66 -32.74 -47.01
N LYS B 537 10.02 -33.90 -47.55
CA LYS B 537 11.40 -34.11 -48.00
C LYS B 537 11.84 -32.99 -48.93
N ALA B 538 10.99 -32.66 -49.90
CA ALA B 538 11.29 -31.59 -50.85
C ALA B 538 11.47 -30.26 -50.11
N VAL B 539 10.52 -29.94 -49.24
CA VAL B 539 10.58 -28.71 -48.47
C VAL B 539 11.92 -28.65 -47.74
N ARG B 540 12.26 -29.77 -47.10
CA ARG B 540 13.50 -29.90 -46.37
C ARG B 540 14.73 -29.60 -47.24
N ASP B 541 14.86 -30.37 -48.33
CA ASP B 541 16.00 -30.22 -49.25
C ASP B 541 16.15 -28.81 -49.80
N THR B 542 15.02 -28.17 -50.11
CA THR B 542 15.07 -26.81 -50.65
C THR B 542 15.75 -25.89 -49.65
N LEU B 543 15.32 -25.97 -48.39
CA LEU B 543 15.88 -25.15 -47.33
C LEU B 543 17.37 -25.45 -47.20
N ILE B 544 17.69 -26.75 -47.09
CA ILE B 544 19.08 -27.16 -46.97
C ILE B 544 19.89 -26.60 -48.13
N THR B 545 19.47 -26.94 -49.35
CA THR B 545 20.16 -26.49 -50.55
C THR B 545 20.35 -24.98 -50.55
N GLN B 546 19.32 -24.22 -50.18
CA GLN B 546 19.45 -22.78 -50.17
C GLN B 546 20.56 -22.35 -49.23
N CYS B 547 20.53 -22.85 -48.00
CA CYS B 547 21.54 -22.52 -47.01
C CYS B 547 22.91 -22.94 -47.52
N ALA B 548 22.98 -24.16 -48.06
CA ALA B 548 24.24 -24.68 -48.58
C ALA B 548 24.73 -23.72 -49.67
N GLN B 549 23.83 -23.31 -50.54
CA GLN B 549 24.18 -22.41 -51.64
C GLN B 549 24.69 -21.05 -51.22
N ILE B 550 24.16 -20.48 -50.13
CA ILE B 550 24.63 -19.16 -49.73
C ILE B 550 25.99 -19.21 -49.02
N LEU B 551 26.29 -20.33 -48.38
CA LEU B 551 27.56 -20.45 -47.69
C LEU B 551 28.70 -20.68 -48.70
N ALA B 552 28.49 -21.60 -49.63
CA ALA B 552 29.48 -21.90 -50.67
C ALA B 552 29.81 -20.66 -51.47
N CYS B 553 28.77 -19.96 -51.91
CA CYS B 553 28.95 -18.75 -52.70
C CYS B 553 29.72 -17.69 -51.92
N TYR B 554 29.75 -17.83 -50.60
CA TYR B 554 30.48 -16.89 -49.76
C TYR B 554 31.96 -17.25 -49.75
N ARG B 555 32.24 -18.53 -49.90
CA ARG B 555 33.59 -19.05 -49.91
C ARG B 555 34.31 -18.76 -51.22
N LYS B 556 33.77 -19.29 -52.32
CA LYS B 556 34.39 -19.11 -53.64
C LYS B 556 34.43 -17.67 -54.11
N ASN B 557 33.88 -16.76 -53.32
CA ASN B 557 33.86 -15.36 -53.72
C ASN B 557 34.44 -14.41 -52.69
N CYS B 558 34.69 -14.92 -51.49
CA CYS B 558 35.24 -14.07 -50.45
C CYS B 558 36.49 -14.68 -49.80
N GLY B 565 38.34 -28.17 -46.79
CA GLY B 565 39.47 -27.63 -46.04
C GLY B 565 39.08 -27.34 -44.60
N GLN B 566 37.99 -26.60 -44.43
CA GLN B 566 37.50 -26.21 -43.11
C GLN B 566 36.24 -25.39 -43.28
N LEU B 567 35.36 -25.43 -42.28
CA LEU B 567 34.12 -24.66 -42.33
C LEU B 567 34.44 -23.18 -42.15
N ILE B 568 34.03 -22.36 -43.11
CA ILE B 568 34.26 -20.93 -43.03
C ILE B 568 32.95 -20.19 -43.28
N LEU B 569 32.47 -19.52 -42.24
CA LEU B 569 31.21 -18.79 -42.30
C LEU B 569 31.43 -17.30 -42.05
N PRO B 570 30.57 -16.46 -42.63
CA PRO B 570 30.73 -15.02 -42.42
C PRO B 570 30.32 -14.60 -41.01
N GLU B 571 30.91 -13.50 -40.54
CA GLU B 571 30.65 -12.94 -39.22
C GLU B 571 29.21 -13.06 -38.71
N CYS B 572 28.29 -12.36 -39.38
CA CYS B 572 26.89 -12.33 -39.00
C CYS B 572 26.10 -13.59 -39.31
N MET B 573 26.78 -14.68 -39.64
CA MET B 573 26.10 -15.93 -39.93
C MET B 573 26.68 -17.12 -39.17
N LYS B 574 27.32 -16.87 -38.03
CA LYS B 574 27.89 -17.96 -37.24
C LYS B 574 26.82 -18.92 -36.75
N LEU B 575 25.62 -18.39 -36.49
CA LEU B 575 24.53 -19.19 -35.95
C LEU B 575 23.52 -19.69 -36.97
N LEU B 576 23.71 -19.35 -38.23
CA LEU B 576 22.78 -19.80 -39.28
C LEU B 576 22.72 -21.33 -39.36
N PRO B 577 23.87 -22.01 -39.31
CA PRO B 577 23.81 -23.48 -39.38
C PRO B 577 23.06 -24.14 -38.22
N VAL B 578 23.27 -23.68 -36.99
CA VAL B 578 22.58 -24.29 -35.85
C VAL B 578 21.08 -24.08 -35.94
N TYR B 579 20.67 -22.86 -36.24
CA TYR B 579 19.26 -22.55 -36.32
C TYR B 579 18.57 -23.36 -37.42
N LEU B 580 19.22 -23.45 -38.58
CA LEU B 580 18.65 -24.20 -39.68
C LEU B 580 18.33 -25.61 -39.19
N ASN B 581 19.29 -26.21 -38.50
CA ASN B 581 19.12 -27.56 -37.98
C ASN B 581 17.88 -27.59 -37.10
N CYS B 582 17.73 -26.59 -36.24
CA CYS B 582 16.57 -26.50 -35.36
C CYS B 582 15.31 -26.47 -36.20
N VAL B 583 15.32 -25.65 -37.23
CA VAL B 583 14.17 -25.55 -38.12
C VAL B 583 13.82 -26.92 -38.72
N LEU B 584 14.83 -27.63 -39.19
CA LEU B 584 14.62 -28.94 -39.81
C LEU B 584 14.10 -29.99 -38.86
N LYS B 585 14.45 -29.88 -37.58
CA LYS B 585 13.99 -30.86 -36.60
C LYS B 585 12.68 -30.44 -35.92
N SER B 586 12.15 -29.28 -36.30
CA SER B 586 10.91 -28.81 -35.69
C SER B 586 9.81 -29.83 -35.98
N ASP B 587 8.76 -29.84 -35.17
CA ASP B 587 7.69 -30.81 -35.36
C ASP B 587 6.97 -30.74 -36.68
N VAL B 588 7.09 -29.61 -37.37
CA VAL B 588 6.43 -29.49 -38.68
C VAL B 588 7.21 -30.20 -39.77
N LEU B 589 8.54 -30.10 -39.74
CA LEU B 589 9.36 -30.73 -40.78
C LEU B 589 9.97 -32.07 -40.41
N GLN B 590 9.64 -32.58 -39.23
CA GLN B 590 10.16 -33.87 -38.76
C GLN B 590 9.46 -34.21 -37.44
N PRO B 591 8.16 -34.50 -37.51
CA PRO B 591 7.31 -34.85 -36.37
C PRO B 591 7.76 -36.02 -35.50
N GLY B 592 7.62 -35.84 -34.19
CA GLY B 592 7.98 -36.87 -33.24
C GLY B 592 6.84 -37.86 -33.10
N ALA B 593 7.09 -38.92 -32.33
CA ALA B 593 6.10 -39.97 -32.11
C ALA B 593 4.74 -39.46 -31.61
N GLU B 594 4.77 -38.79 -30.46
CA GLU B 594 3.56 -38.25 -29.85
C GLU B 594 2.98 -37.02 -30.53
N VAL B 595 3.67 -36.50 -31.53
CA VAL B 595 3.20 -35.30 -32.23
C VAL B 595 2.00 -35.57 -33.13
N THR B 596 0.88 -34.93 -32.79
CA THR B 596 -0.37 -35.06 -33.53
C THR B 596 -0.45 -34.12 -34.72
N THR B 597 -1.33 -34.45 -35.65
CA THR B 597 -1.58 -33.63 -36.83
C THR B 597 -2.10 -32.25 -36.39
N ASP B 598 -3.07 -32.26 -35.48
CA ASP B 598 -3.65 -31.02 -34.96
C ASP B 598 -2.53 -30.12 -34.44
N ASP B 599 -1.68 -30.67 -33.59
CA ASP B 599 -0.56 -29.94 -33.00
C ASP B 599 0.42 -29.44 -34.06
N ARG B 600 0.61 -30.20 -35.12
CA ARG B 600 1.51 -29.77 -36.18
C ARG B 600 0.85 -28.61 -36.92
N ALA B 601 -0.44 -28.74 -37.21
CA ALA B 601 -1.16 -27.68 -37.89
C ALA B 601 -1.13 -26.42 -37.03
N TYR B 602 -1.45 -26.59 -35.75
CA TYR B 602 -1.47 -25.48 -34.81
C TYR B 602 -0.15 -24.70 -34.84
N VAL B 603 0.94 -25.39 -34.52
CA VAL B 603 2.26 -24.77 -34.50
C VAL B 603 2.64 -24.13 -35.83
N ARG B 604 2.35 -24.83 -36.91
CA ARG B 604 2.65 -24.32 -38.24
C ARG B 604 1.98 -22.96 -38.36
N GLN B 605 0.71 -22.90 -37.95
CA GLN B 605 -0.04 -21.65 -38.00
C GLN B 605 0.62 -20.55 -37.17
N LEU B 606 0.96 -20.88 -35.92
CA LEU B 606 1.60 -19.92 -35.03
C LEU B 606 2.90 -19.36 -35.60
N VAL B 607 3.69 -20.20 -36.26
CA VAL B 607 4.96 -19.72 -36.79
C VAL B 607 4.81 -18.74 -37.96
N THR B 608 3.83 -18.98 -38.82
CA THR B 608 3.61 -18.12 -39.97
C THR B 608 3.43 -16.66 -39.60
N SER B 609 3.04 -16.41 -38.35
CA SER B 609 2.83 -15.04 -37.92
C SER B 609 3.80 -14.49 -36.88
N MET B 610 4.66 -15.33 -36.31
CA MET B 610 5.54 -14.79 -35.28
C MET B 610 6.70 -13.83 -35.58
N ASP B 611 7.04 -13.12 -34.52
CA ASP B 611 8.11 -12.14 -34.40
C ASP B 611 9.43 -12.82 -34.76
N VAL B 612 10.46 -12.03 -35.02
CA VAL B 612 11.77 -12.59 -35.28
C VAL B 612 12.20 -13.04 -33.88
N THR B 613 11.78 -12.30 -32.87
CA THR B 613 12.10 -12.63 -31.48
C THR B 613 11.51 -14.01 -31.14
N GLU B 614 10.26 -14.22 -31.53
CA GLU B 614 9.55 -15.46 -31.26
C GLU B 614 10.09 -16.66 -32.03
N THR B 615 10.57 -16.42 -33.24
CA THR B 615 11.09 -17.51 -34.05
C THR B 615 12.48 -17.89 -33.53
N ASN B 616 13.24 -16.90 -33.09
CA ASN B 616 14.58 -17.15 -32.55
C ASN B 616 14.53 -18.11 -31.37
N VAL B 617 13.64 -17.84 -30.42
CA VAL B 617 13.56 -18.68 -29.23
C VAL B 617 12.70 -19.93 -29.45
N PHE B 618 11.79 -19.89 -30.41
CA PHE B 618 10.97 -21.08 -30.65
C PHE B 618 11.86 -22.19 -31.19
N PHE B 619 12.77 -21.84 -32.11
CA PHE B 619 13.67 -22.83 -32.68
C PHE B 619 14.85 -23.14 -31.78
N TYR B 620 15.39 -22.14 -31.10
CA TYR B 620 16.50 -22.34 -30.18
C TYR B 620 16.06 -21.89 -28.79
N PRO B 621 15.48 -22.80 -28.02
CA PRO B 621 15.06 -22.39 -26.68
C PRO B 621 16.13 -21.89 -25.73
N ARG B 622 15.71 -21.02 -24.82
CA ARG B 622 16.56 -20.42 -23.81
C ARG B 622 16.65 -21.37 -22.61
N LEU B 623 17.86 -21.76 -22.22
CA LEU B 623 18.07 -22.66 -21.09
C LEU B 623 18.82 -21.93 -19.99
N LEU B 624 18.13 -21.71 -18.87
CA LEU B 624 18.68 -21.01 -17.72
C LEU B 624 18.98 -21.89 -16.52
N PRO B 625 20.25 -21.96 -16.10
CA PRO B 625 20.58 -22.76 -14.93
C PRO B 625 20.13 -21.93 -13.73
N LEU B 626 19.53 -22.58 -12.76
CA LEU B 626 19.07 -21.84 -11.58
C LEU B 626 19.98 -21.96 -10.38
N THR B 627 20.37 -23.19 -10.06
CA THR B 627 21.12 -23.51 -8.84
C THR B 627 22.50 -23.11 -8.34
N LYS B 628 23.48 -23.00 -9.20
CA LYS B 628 24.84 -22.71 -8.75
C LYS B 628 25.39 -21.46 -9.37
N SER B 629 25.27 -20.33 -8.69
CA SER B 629 25.75 -19.04 -9.17
C SER B 629 24.66 -18.06 -8.80
N PRO B 630 24.45 -17.90 -7.48
CA PRO B 630 23.44 -17.00 -6.93
C PRO B 630 23.88 -15.59 -6.54
N VAL B 631 23.66 -14.60 -7.41
CA VAL B 631 23.99 -13.20 -7.12
C VAL B 631 22.67 -12.47 -7.38
N GLU B 632 21.61 -13.24 -7.03
CA GLU B 632 20.17 -12.92 -7.13
C GLU B 632 19.69 -12.08 -8.33
N SER B 633 20.03 -10.79 -8.32
CA SER B 633 19.54 -9.83 -9.36
C SER B 633 20.61 -9.48 -10.41
N THR B 634 21.69 -8.92 -9.89
CA THR B 634 22.85 -8.52 -10.66
C THR B 634 23.65 -9.75 -11.11
N THR B 635 22.95 -10.81 -11.48
CA THR B 635 23.57 -12.03 -11.96
C THR B 635 22.78 -12.56 -13.15
N GLU B 636 21.46 -12.50 -13.05
CA GLU B 636 20.56 -12.96 -14.11
C GLU B 636 21.17 -14.10 -14.90
N PRO B 637 20.79 -15.35 -14.57
CA PRO B 637 21.32 -16.54 -15.25
C PRO B 637 21.28 -16.44 -16.77
N PRO B 638 22.45 -16.30 -17.41
CA PRO B 638 22.52 -16.20 -18.87
C PRO B 638 22.17 -17.53 -19.54
N ALA B 639 21.69 -17.47 -20.77
CA ALA B 639 21.31 -18.66 -21.52
C ALA B 639 22.49 -19.60 -21.76
N VAL B 640 22.20 -20.90 -21.83
CA VAL B 640 23.23 -21.91 -22.04
C VAL B 640 22.95 -22.81 -23.23
N ARG B 641 24.01 -23.34 -23.82
CA ARG B 641 23.91 -24.24 -24.96
C ARG B 641 22.80 -25.27 -24.74
N ALA B 642 21.91 -25.42 -25.71
CA ALA B 642 20.81 -26.35 -25.57
C ALA B 642 21.19 -27.80 -25.84
N SER B 643 21.86 -28.40 -24.87
CA SER B 643 22.30 -29.78 -24.96
C SER B 643 22.24 -30.42 -23.60
N GLU B 644 22.03 -31.73 -23.56
CA GLU B 644 21.99 -32.42 -22.28
C GLU B 644 23.38 -32.43 -21.68
N GLU B 645 24.38 -32.03 -22.47
CA GLU B 645 25.76 -31.98 -22.01
C GLU B 645 25.92 -30.85 -21.02
N ARG B 646 25.03 -29.87 -21.09
CA ARG B 646 25.10 -28.73 -20.18
C ARG B 646 24.34 -28.98 -18.88
N LEU B 647 23.57 -30.05 -18.85
CA LEU B 647 22.77 -30.37 -17.67
C LEU B 647 23.50 -31.22 -16.63
N SER B 648 23.63 -30.69 -15.42
CA SER B 648 24.28 -31.43 -14.32
C SER B 648 23.26 -32.25 -13.54
N ASN B 649 23.67 -33.42 -13.07
CA ASN B 649 22.76 -34.28 -12.31
C ASN B 649 22.27 -33.66 -11.01
N GLY B 650 23.05 -32.73 -10.47
CA GLY B 650 22.66 -32.10 -9.22
C GLY B 650 22.20 -30.67 -9.34
N ASP B 651 21.62 -30.32 -10.48
CA ASP B 651 21.12 -28.97 -10.69
C ASP B 651 19.74 -28.89 -11.28
N ILE B 652 19.21 -27.67 -11.32
CA ILE B 652 17.89 -27.43 -11.87
C ILE B 652 17.95 -26.35 -12.93
N TYR B 653 17.14 -26.50 -13.97
CA TYR B 653 17.12 -25.53 -15.05
C TYR B 653 15.70 -25.17 -15.48
N LEU B 654 15.57 -24.00 -16.09
CA LEU B 654 14.30 -23.53 -16.64
C LEU B 654 14.53 -23.41 -18.14
N LEU B 655 13.59 -23.92 -18.93
CA LEU B 655 13.72 -23.85 -20.39
C LEU B 655 12.43 -23.30 -20.98
N GLU B 656 12.57 -22.30 -21.84
CA GLU B 656 11.44 -21.66 -22.49
C GLU B 656 11.68 -21.52 -23.99
N ASN B 657 10.64 -21.76 -24.78
CA ASN B 657 10.75 -21.64 -26.24
C ASN B 657 9.70 -20.63 -26.70
N GLY B 658 9.17 -19.88 -25.74
CA GLY B 658 8.17 -18.87 -26.05
C GLY B 658 6.76 -19.43 -26.05
N LEU B 659 6.62 -20.75 -26.09
CA LEU B 659 5.30 -21.34 -26.08
C LEU B 659 5.14 -22.17 -24.82
N ASN B 660 6.21 -22.88 -24.43
CA ASN B 660 6.18 -23.70 -23.25
C ASN B 660 7.36 -23.44 -22.32
N LEU B 661 7.13 -23.69 -21.04
CA LEU B 661 8.13 -23.47 -20.01
C LEU B 661 8.41 -24.81 -19.34
N PHE B 662 9.68 -25.12 -19.09
CA PHE B 662 10.04 -26.36 -18.42
C PHE B 662 11.01 -26.12 -17.26
N LEU B 663 10.82 -26.87 -16.19
CA LEU B 663 11.68 -26.79 -15.02
C LEU B 663 12.29 -28.18 -14.90
N TRP B 664 13.54 -28.32 -15.34
CA TRP B 664 14.22 -29.61 -15.30
C TRP B 664 14.97 -29.83 -13.99
N VAL B 665 14.66 -30.94 -13.33
CA VAL B 665 15.28 -31.25 -12.04
C VAL B 665 16.21 -32.45 -12.07
N GLY B 666 17.48 -32.25 -11.71
CA GLY B 666 18.42 -33.36 -11.69
C GLY B 666 18.12 -34.35 -10.57
N ALA B 667 18.29 -35.64 -10.85
CA ALA B 667 18.03 -36.70 -9.86
C ALA B 667 18.90 -36.53 -8.61
N SER B 668 20.11 -36.03 -8.78
CA SER B 668 21.00 -35.81 -7.65
C SER B 668 20.85 -34.41 -7.05
N VAL B 669 19.70 -33.78 -7.26
CA VAL B 669 19.50 -32.45 -6.70
C VAL B 669 19.60 -32.54 -5.18
N GLN B 670 20.15 -31.49 -4.57
CA GLN B 670 20.31 -31.44 -3.13
C GLN B 670 18.95 -31.41 -2.43
N GLN B 671 18.83 -32.19 -1.37
CA GLN B 671 17.60 -32.29 -0.57
C GLN B 671 17.03 -30.93 -0.15
N GLY B 672 17.90 -30.05 0.34
CA GLY B 672 17.45 -28.74 0.77
C GLY B 672 16.71 -28.03 -0.35
N VAL B 673 17.25 -28.14 -1.57
CA VAL B 673 16.64 -27.51 -2.73
C VAL B 673 15.26 -28.07 -2.99
N VAL B 674 15.12 -29.39 -2.93
CA VAL B 674 13.83 -30.01 -3.18
C VAL B 674 12.78 -29.48 -2.21
N GLN B 675 13.16 -29.38 -0.94
CA GLN B 675 12.26 -28.88 0.09
C GLN B 675 11.87 -27.42 -0.15
N SER B 676 12.86 -26.60 -0.49
CA SER B 676 12.63 -25.19 -0.74
C SER B 676 11.78 -24.91 -1.97
N LEU B 677 11.80 -25.81 -2.94
CA LEU B 677 11.05 -25.59 -4.17
C LEU B 677 9.78 -26.39 -4.32
N PHE B 678 9.75 -27.59 -3.75
CA PHE B 678 8.57 -28.43 -3.90
C PHE B 678 7.89 -28.81 -2.59
N SER B 679 8.54 -28.51 -1.48
CA SER B 679 8.00 -28.83 -0.16
C SER B 679 7.89 -30.34 0.08
N VAL B 680 8.85 -31.10 -0.43
CA VAL B 680 8.87 -32.54 -0.20
C VAL B 680 10.31 -32.82 0.22
N SER B 681 10.57 -33.99 0.79
CA SER B 681 11.91 -34.29 1.27
C SER B 681 12.88 -35.02 0.34
N SER B 682 12.39 -35.65 -0.70
CA SER B 682 13.33 -36.31 -1.59
C SER B 682 12.96 -36.13 -3.05
N PHE B 683 13.97 -36.27 -3.90
CA PHE B 683 13.76 -36.13 -5.33
C PHE B 683 12.57 -36.98 -5.76
N SER B 684 12.51 -38.21 -5.26
CA SER B 684 11.44 -39.14 -5.62
C SER B 684 10.03 -38.69 -5.29
N GLN B 685 9.89 -37.83 -4.27
CA GLN B 685 8.57 -37.37 -3.87
C GLN B 685 8.03 -36.22 -4.72
N ILE B 686 8.88 -35.69 -5.61
CA ILE B 686 8.44 -34.59 -6.47
C ILE B 686 7.42 -35.10 -7.47
N THR B 687 6.38 -34.31 -7.69
CA THR B 687 5.31 -34.68 -8.60
C THR B 687 5.71 -34.48 -10.04
N SER B 688 5.63 -35.55 -10.82
CA SER B 688 6.00 -35.49 -12.23
C SER B 688 4.99 -34.67 -13.02
N GLY B 689 5.49 -33.73 -13.79
CA GLY B 689 4.60 -32.88 -14.57
C GLY B 689 3.88 -31.83 -13.74
N LEU B 690 4.46 -31.42 -12.62
CA LEU B 690 3.83 -30.40 -11.79
C LEU B 690 3.74 -29.16 -12.67
N SER B 691 2.58 -28.52 -12.71
CA SER B 691 2.42 -27.36 -13.58
C SER B 691 2.33 -26.05 -12.82
N VAL B 692 2.31 -26.12 -11.50
CA VAL B 692 2.28 -24.92 -10.67
C VAL B 692 3.13 -25.18 -9.43
N LEU B 693 4.09 -24.30 -9.20
CA LEU B 693 4.98 -24.39 -8.05
C LEU B 693 4.29 -23.88 -6.79
N PRO B 694 4.46 -24.60 -5.68
CA PRO B 694 3.81 -24.13 -4.45
C PRO B 694 4.47 -22.83 -4.03
N VAL B 695 3.69 -21.91 -3.48
CA VAL B 695 4.24 -20.64 -3.03
C VAL B 695 4.91 -20.88 -1.69
N LEU B 696 6.23 -20.98 -1.71
CA LEU B 696 6.98 -21.20 -0.48
C LEU B 696 7.75 -19.94 -0.11
N ASP B 697 7.67 -19.61 1.16
CA ASP B 697 8.32 -18.41 1.65
C ASP B 697 9.80 -18.63 1.99
N ASN B 698 10.65 -18.62 0.96
CA ASN B 698 12.09 -18.75 1.10
C ASN B 698 12.73 -18.20 -0.17
N PRO B 699 13.95 -17.67 -0.07
CA PRO B 699 14.71 -17.09 -1.18
C PRO B 699 14.66 -17.85 -2.51
N LEU B 700 14.99 -19.13 -2.50
CA LEU B 700 14.98 -19.92 -3.74
C LEU B 700 13.60 -19.92 -4.39
N SER B 701 12.57 -20.29 -3.62
CA SER B 701 11.22 -20.34 -4.17
C SER B 701 10.80 -19.01 -4.77
N LYS B 702 11.15 -17.91 -4.11
CA LYS B 702 10.82 -16.59 -4.63
C LYS B 702 11.57 -16.29 -5.92
N LYS B 703 12.86 -16.63 -5.97
CA LYS B 703 13.66 -16.35 -7.17
C LYS B 703 13.13 -17.09 -8.38
N VAL B 704 12.82 -18.37 -8.19
CA VAL B 704 12.32 -19.20 -9.28
C VAL B 704 10.92 -18.79 -9.71
N ARG B 705 10.04 -18.52 -8.76
CA ARG B 705 8.69 -18.11 -9.12
C ARG B 705 8.75 -16.75 -9.79
N GLY B 706 9.59 -15.85 -9.27
CA GLY B 706 9.73 -14.54 -9.86
C GLY B 706 10.31 -14.63 -11.26
N LEU B 707 11.16 -15.61 -11.50
CA LEU B 707 11.77 -15.79 -12.81
C LEU B 707 10.71 -16.31 -13.77
N ILE B 708 9.96 -17.31 -13.33
CA ILE B 708 8.89 -17.85 -14.15
C ILE B 708 7.98 -16.69 -14.58
N ASP B 709 7.68 -15.76 -13.66
CA ASP B 709 6.83 -14.60 -14.00
C ASP B 709 7.53 -13.67 -14.98
N SER B 710 8.82 -13.43 -14.75
CA SER B 710 9.58 -12.55 -15.62
C SER B 710 9.54 -13.08 -17.03
N LEU B 711 9.79 -14.37 -17.18
CA LEU B 711 9.78 -15.01 -18.48
C LEU B 711 8.40 -14.91 -19.13
N ARG B 712 7.35 -15.27 -18.39
CA ARG B 712 6.01 -15.22 -18.93
C ARG B 712 5.63 -13.83 -19.44
N ALA B 713 6.13 -12.80 -18.77
CA ALA B 713 5.80 -11.42 -19.13
C ALA B 713 6.35 -10.97 -20.48
N GLN B 714 7.39 -11.62 -20.98
CA GLN B 714 7.92 -11.19 -22.27
C GLN B 714 7.49 -12.04 -23.46
N ARG B 715 6.41 -12.82 -23.29
CA ARG B 715 5.91 -13.64 -24.38
C ARG B 715 4.41 -13.39 -24.55
N SER B 716 3.96 -13.39 -25.80
CA SER B 716 2.57 -13.14 -26.15
C SER B 716 1.55 -14.14 -25.61
N ARG B 717 1.89 -15.43 -25.67
CA ARG B 717 1.01 -16.47 -25.17
C ARG B 717 1.49 -16.87 -23.78
N TYR B 718 0.53 -17.22 -22.92
CA TYR B 718 0.85 -17.64 -21.57
C TYR B 718 1.54 -19.01 -21.66
N MET B 719 2.77 -19.12 -21.17
CA MET B 719 3.46 -20.40 -21.23
C MET B 719 3.17 -21.33 -20.08
N LYS B 720 2.55 -22.46 -20.41
CA LYS B 720 2.24 -23.47 -19.42
C LYS B 720 3.57 -23.97 -18.85
N LEU B 721 3.56 -24.39 -17.59
CA LEU B 721 4.77 -24.88 -16.97
C LEU B 721 4.67 -26.38 -16.78
N THR B 722 5.80 -27.04 -16.91
CA THR B 722 5.86 -28.49 -16.73
C THR B 722 7.17 -28.81 -16.00
N VAL B 723 7.03 -29.44 -14.85
CA VAL B 723 8.19 -29.83 -14.08
C VAL B 723 8.64 -31.18 -14.63
N VAL B 724 9.90 -31.24 -15.06
CA VAL B 724 10.49 -32.46 -15.62
C VAL B 724 11.57 -33.04 -14.72
N LYS B 725 11.35 -34.27 -14.27
CA LYS B 725 12.29 -34.98 -13.40
C LYS B 725 13.22 -35.78 -14.30
N GLN B 726 14.53 -35.66 -14.07
CA GLN B 726 15.55 -36.32 -14.87
C GLN B 726 15.34 -37.76 -15.36
N GLU B 727 14.54 -38.55 -14.67
CA GLU B 727 14.36 -39.91 -15.16
C GLU B 727 12.96 -40.23 -15.64
N ASP B 728 12.87 -41.23 -16.49
CA ASP B 728 11.61 -41.69 -17.06
C ASP B 728 10.69 -40.56 -17.55
N LYS B 729 9.49 -40.96 -17.94
CA LYS B 729 8.45 -40.08 -18.40
C LYS B 729 8.87 -38.97 -19.36
N MET B 730 8.21 -37.83 -19.21
CA MET B 730 8.38 -36.63 -20.00
C MET B 730 9.79 -36.16 -20.36
N GLU B 731 10.82 -36.65 -19.68
CA GLU B 731 12.16 -36.16 -20.02
C GLU B 731 12.51 -36.47 -21.46
N MET B 732 11.89 -37.51 -22.01
CA MET B 732 12.14 -37.91 -23.39
C MET B 732 11.58 -36.87 -24.35
N LEU B 733 10.43 -36.31 -24.01
CA LEU B 733 9.83 -35.29 -24.86
C LEU B 733 10.57 -33.98 -24.61
N PHE B 734 11.17 -33.86 -23.44
CA PHE B 734 11.93 -32.66 -23.09
C PHE B 734 13.20 -32.61 -23.93
N LYS B 735 13.66 -33.77 -24.39
CA LYS B 735 14.88 -33.84 -25.19
C LYS B 735 14.78 -33.00 -26.45
N HIS B 736 13.61 -33.04 -27.08
CA HIS B 736 13.38 -32.30 -28.30
C HIS B 736 13.85 -30.86 -28.20
N PHE B 737 13.69 -30.25 -27.02
CA PHE B 737 14.09 -28.86 -26.82
C PHE B 737 15.61 -28.65 -26.71
N LEU B 738 16.33 -29.73 -26.47
CA LEU B 738 17.79 -29.68 -26.39
C LEU B 738 18.25 -29.85 -27.84
N VAL B 739 17.91 -28.85 -28.66
CA VAL B 739 18.18 -28.86 -30.10
C VAL B 739 19.56 -29.19 -30.64
N GLU B 740 20.62 -29.02 -29.84
CA GLU B 740 21.96 -29.34 -30.34
C GLU B 740 22.30 -30.84 -30.25
N ASP B 741 21.42 -31.65 -29.68
CA ASP B 741 21.67 -33.10 -29.57
C ASP B 741 20.93 -33.82 -30.69
N LYS B 742 21.11 -35.13 -30.79
CA LYS B 742 20.41 -35.92 -31.81
C LYS B 742 19.05 -36.33 -31.22
N SER B 743 17.98 -36.25 -32.00
CA SER B 743 16.68 -36.65 -31.47
C SER B 743 16.42 -38.12 -31.76
N LEU B 744 15.18 -38.55 -31.57
CA LEU B 744 14.80 -39.94 -31.83
C LEU B 744 14.01 -40.01 -33.13
N SER B 745 13.98 -38.90 -33.86
CA SER B 745 13.26 -38.83 -35.11
C SER B 745 14.25 -38.63 -36.26
N GLY B 746 15.52 -38.93 -36.00
CA GLY B 746 16.55 -38.82 -37.02
C GLY B 746 16.99 -37.39 -37.25
N GLY B 747 16.59 -36.51 -36.34
CA GLY B 747 16.96 -35.11 -36.45
C GLY B 747 18.42 -34.70 -36.55
N ALA B 748 19.31 -35.42 -35.87
CA ALA B 748 20.73 -35.11 -35.93
C ALA B 748 21.13 -34.23 -34.76
N SER B 749 22.45 -34.09 -34.58
CA SER B 749 22.99 -33.26 -33.51
C SER B 749 23.56 -32.14 -34.33
N TYR B 750 23.88 -31.02 -33.71
CA TYR B 750 24.43 -29.87 -34.43
C TYR B 750 25.77 -30.23 -35.06
N VAL B 751 26.66 -30.81 -34.25
CA VAL B 751 27.99 -31.21 -34.71
C VAL B 751 27.91 -32.03 -35.99
N ASP B 752 27.12 -33.10 -35.98
CA ASP B 752 26.96 -33.94 -37.15
C ASP B 752 26.26 -33.19 -38.29
N PHE B 753 25.52 -32.13 -37.95
CA PHE B 753 24.84 -31.35 -39.00
C PHE B 753 25.87 -30.44 -39.64
N LEU B 754 26.83 -29.98 -38.85
CA LEU B 754 27.87 -29.11 -39.38
C LEU B 754 28.64 -29.92 -40.41
N CYS B 755 28.95 -31.17 -40.05
CA CYS B 755 29.67 -32.06 -40.95
C CYS B 755 28.87 -32.21 -42.23
N HIS B 756 27.61 -32.64 -42.10
CA HIS B 756 26.73 -32.82 -43.25
C HIS B 756 26.77 -31.57 -44.14
N MET B 757 26.59 -30.41 -43.53
CA MET B 757 26.61 -29.14 -44.25
C MET B 757 27.96 -28.90 -44.92
N HIS B 758 29.04 -29.18 -44.19
CA HIS B 758 30.39 -29.00 -44.68
C HIS B 758 30.61 -29.79 -45.98
N LYS B 759 30.15 -31.03 -45.99
CA LYS B 759 30.28 -31.88 -47.17
C LYS B 759 29.39 -31.35 -48.29
N GLU B 760 28.16 -31.02 -47.96
CA GLU B 760 27.20 -30.50 -48.94
C GLU B 760 27.78 -29.31 -49.70
N ILE B 761 28.30 -28.32 -48.97
CA ILE B 761 28.90 -27.14 -49.57
C ILE B 761 30.09 -27.53 -50.41
N ARG B 762 30.84 -28.50 -49.92
CA ARG B 762 32.02 -29.02 -50.60
C ARG B 762 31.63 -29.57 -51.97
N GLN B 763 30.62 -30.45 -51.98
CA GLN B 763 30.14 -31.05 -53.22
C GLN B 763 29.86 -29.97 -54.25
N LEU B 764 29.25 -28.87 -53.79
CA LEU B 764 28.92 -27.76 -54.67
C LEU B 764 30.18 -27.04 -55.15
N LEU B 765 31.11 -26.78 -54.25
CA LEU B 765 32.35 -26.12 -54.63
C LEU B 765 33.37 -27.18 -55.00
N SER B 766 33.42 -27.52 -56.29
CA SER B 766 34.34 -28.53 -56.78
C SER B 766 34.19 -28.72 -58.29
N GLN C 3 -24.56 43.05 13.37
CA GLN C 3 -23.39 43.55 12.58
C GLN C 3 -23.04 44.99 12.95
N VAL C 4 -23.86 45.58 13.83
CA VAL C 4 -23.61 46.93 14.31
C VAL C 4 -22.57 46.72 15.41
N ILE C 5 -22.32 45.44 15.70
CA ILE C 5 -21.37 45.03 16.70
C ILE C 5 -19.97 45.49 16.30
N GLU C 6 -19.68 45.39 15.01
CA GLU C 6 -18.37 45.80 14.51
C GLU C 6 -18.20 47.31 14.70
N ASP C 7 -19.22 48.09 14.33
CA ASP C 7 -19.15 49.53 14.50
C ASP C 7 -18.96 49.89 15.97
N ASP C 8 -19.81 49.35 16.84
CA ASP C 8 -19.74 49.62 18.26
C ASP C 8 -18.35 49.39 18.86
N ARG C 9 -17.80 48.19 18.69
CA ARG C 9 -16.48 47.90 19.25
C ARG C 9 -15.47 48.88 18.64
N ASN C 10 -15.65 49.20 17.37
CA ASN C 10 -14.76 50.14 16.66
C ASN C 10 -14.76 51.50 17.36
N ASN C 11 -15.96 52.05 17.59
CA ASN C 11 -16.10 53.35 18.22
C ASN C 11 -15.69 53.30 19.69
N ARG C 12 -16.08 52.22 20.37
CA ARG C 12 -15.78 52.07 21.78
C ARG C 12 -14.37 51.54 22.04
N GLY C 13 -13.63 51.24 20.96
CA GLY C 13 -12.27 50.75 21.13
C GLY C 13 -11.25 51.04 20.04
N THR C 14 -10.75 52.27 19.98
CA THR C 14 -9.73 52.67 19.01
C THR C 14 -8.48 53.11 19.81
N GLU C 15 -8.36 52.57 21.02
CA GLU C 15 -7.27 52.88 21.92
C GLU C 15 -6.34 51.68 22.10
N PRO C 16 -5.30 51.82 22.95
CA PRO C 16 -4.40 50.68 23.14
C PRO C 16 -4.92 49.56 24.03
N PHE C 17 -4.48 48.34 23.71
CA PHE C 17 -4.84 47.18 24.48
C PHE C 17 -3.57 46.78 25.22
N VAL C 18 -3.56 47.03 26.53
CA VAL C 18 -2.43 46.72 27.39
C VAL C 18 -2.66 45.33 27.94
N THR C 19 -1.76 44.40 27.67
CA THR C 19 -1.92 43.03 28.13
C THR C 19 -1.33 42.81 29.53
N GLY C 20 -1.67 43.70 30.45
CA GLY C 20 -1.19 43.59 31.81
C GLY C 20 -2.21 42.89 32.69
N VAL C 21 -3.49 43.01 32.33
CA VAL C 21 -4.57 42.39 33.09
C VAL C 21 -4.62 40.88 32.84
N ARG C 22 -4.81 40.12 33.90
CA ARG C 22 -4.87 38.67 33.82
C ARG C 22 -5.68 38.15 32.63
N GLY C 23 -7.00 38.03 32.79
CA GLY C 23 -7.82 37.51 31.71
C GLY C 23 -8.67 38.55 30.98
N GLN C 24 -8.01 39.42 30.23
CA GLN C 24 -8.70 40.48 29.50
C GLN C 24 -9.16 40.05 28.13
N VAL C 25 -10.47 40.10 27.89
CA VAL C 25 -11.02 39.76 26.58
C VAL C 25 -10.63 40.90 25.66
N PRO C 26 -9.87 40.62 24.59
CA PRO C 26 -9.45 41.66 23.64
C PRO C 26 -10.58 42.15 22.74
N PRO C 27 -10.31 43.15 21.91
CA PRO C 27 -11.37 43.65 21.01
C PRO C 27 -11.64 42.63 19.91
N LEU C 28 -12.61 42.95 19.04
CA LEU C 28 -12.94 42.07 17.91
C LEU C 28 -11.79 42.15 16.91
N VAL C 29 -11.72 41.17 16.01
CA VAL C 29 -10.67 41.16 15.00
C VAL C 29 -11.01 42.17 13.91
N THR C 30 -12.24 42.68 13.95
CA THR C 30 -12.71 43.65 12.98
C THR C 30 -12.32 45.06 13.41
N THR C 31 -11.90 45.19 14.67
CA THR C 31 -11.47 46.47 15.22
C THR C 31 -9.98 46.61 14.99
N ASN C 32 -9.50 47.84 14.89
CA ASN C 32 -8.08 48.07 14.71
C ASN C 32 -7.64 48.80 15.97
N PHE C 33 -6.62 48.27 16.61
CA PHE C 33 -6.13 48.83 17.87
C PHE C 33 -4.65 48.61 18.05
N LEU C 34 -4.06 49.28 19.03
CA LEU C 34 -2.64 49.13 19.31
C LEU C 34 -2.40 48.28 20.56
N VAL C 35 -1.62 47.23 20.42
CA VAL C 35 -1.33 46.36 21.54
C VAL C 35 -0.02 46.72 22.25
N LYS C 36 -0.11 46.92 23.57
CA LYS C 36 1.03 47.22 24.43
C LYS C 36 1.19 45.98 25.31
N ASP C 37 2.22 45.17 25.07
CA ASP C 37 2.45 43.95 25.85
C ASP C 37 2.27 44.11 27.36
N GLN C 38 3.35 44.31 28.09
CA GLN C 38 3.27 44.49 29.55
C GLN C 38 2.90 43.26 30.41
N GLY C 39 3.18 42.05 29.91
CA GLY C 39 2.89 40.87 30.72
C GLY C 39 2.25 39.66 30.03
N ASN C 40 1.20 39.90 29.25
CA ASN C 40 0.52 38.82 28.57
C ASN C 40 0.70 38.86 27.06
N ALA C 41 0.54 37.68 26.43
CA ALA C 41 0.70 37.57 24.99
C ALA C 41 -0.36 38.39 24.26
N SER C 42 0.08 39.06 23.20
CA SER C 42 -0.81 39.87 22.40
C SER C 42 -1.86 38.98 21.77
N PRO C 43 -3.09 39.50 21.58
CA PRO C 43 -4.14 38.69 20.97
C PRO C 43 -3.80 38.34 19.51
N ARG C 44 -2.74 38.96 18.97
CA ARG C 44 -2.31 38.68 17.59
C ARG C 44 -1.56 37.35 17.59
N TYR C 45 -1.08 36.96 18.77
CA TYR C 45 -0.36 35.70 18.91
C TYR C 45 -1.33 34.62 19.41
N ILE C 46 -2.12 34.97 20.41
CA ILE C 46 -3.07 34.03 20.97
C ILE C 46 -4.42 34.67 21.27
N ARG C 47 -5.49 33.98 20.87
CA ARG C 47 -6.86 34.41 21.13
C ARG C 47 -7.58 33.19 21.70
N CYS C 48 -8.34 33.38 22.76
CA CYS C 48 -9.04 32.28 23.40
C CYS C 48 -10.54 32.34 23.24
N THR C 49 -11.19 31.18 23.43
CA THR C 49 -12.63 31.06 23.33
C THR C 49 -13.24 31.55 24.65
N SER C 50 -12.53 31.29 25.74
CA SER C 50 -12.95 31.68 27.07
C SER C 50 -11.74 32.24 27.81
N TYR C 51 -11.94 33.37 28.48
CA TYR C 51 -10.87 34.04 29.23
C TYR C 51 -11.04 33.89 30.74
N ASN C 52 -12.21 33.42 31.16
CA ASN C 52 -12.49 33.18 32.57
C ASN C 52 -12.97 31.73 32.68
N ILE C 53 -12.01 30.81 32.64
CA ILE C 53 -12.23 29.38 32.69
C ILE C 53 -12.92 28.88 33.95
N PRO C 54 -13.86 27.92 33.80
CA PRO C 54 -14.57 27.36 34.96
C PRO C 54 -13.57 26.56 35.81
N CYS C 55 -13.70 26.62 37.13
CA CYS C 55 -12.78 25.92 38.01
C CYS C 55 -12.85 24.39 38.03
N THR C 56 -14.04 23.83 37.83
CA THR C 56 -14.22 22.38 37.88
C THR C 56 -14.74 21.73 36.61
N SER C 57 -14.35 20.49 36.39
CA SER C 57 -14.77 19.71 35.22
C SER C 57 -16.29 19.64 35.08
N ASP C 58 -16.97 19.44 36.22
CA ASP C 58 -18.43 19.34 36.24
C ASP C 58 -19.10 20.62 35.75
N MET C 59 -18.55 21.76 36.16
CA MET C 59 -19.09 23.06 35.75
C MET C 59 -18.86 23.23 34.25
N ALA C 60 -17.67 22.86 33.80
CA ALA C 60 -17.33 22.95 32.40
C ALA C 60 -18.31 22.11 31.59
N LYS C 61 -18.50 20.86 32.00
CA LYS C 61 -19.41 19.97 31.29
C LYS C 61 -20.84 20.48 31.31
N GLN C 62 -21.19 21.22 32.36
CA GLN C 62 -22.52 21.79 32.52
C GLN C 62 -22.81 22.86 31.47
N ALA C 63 -21.85 23.77 31.27
CA ALA C 63 -22.00 24.86 30.32
C ALA C 63 -21.77 24.46 28.87
N GLN C 64 -20.86 23.51 28.67
CA GLN C 64 -20.54 23.03 27.33
C GLN C 64 -19.74 24.02 26.49
N VAL C 65 -19.19 25.04 27.12
CA VAL C 65 -18.37 26.01 26.40
C VAL C 65 -16.98 25.40 26.24
N PRO C 66 -16.57 25.14 24.99
CA PRO C 66 -15.25 24.55 24.77
C PRO C 66 -14.10 25.52 25.04
N LEU C 67 -13.09 25.07 25.76
CA LEU C 67 -11.94 25.91 26.07
C LEU C 67 -10.86 25.60 25.03
N ALA C 68 -10.56 26.58 24.19
CA ALA C 68 -9.56 26.40 23.15
C ALA C 68 -8.78 27.67 22.89
N ALA C 69 -7.57 27.50 22.36
CA ALA C 69 -6.70 28.62 22.06
C ALA C 69 -6.26 28.60 20.61
N VAL C 70 -6.54 29.69 19.90
CA VAL C 70 -6.14 29.81 18.50
C VAL C 70 -4.76 30.50 18.56
N ILE C 71 -3.71 29.74 18.26
CA ILE C 71 -2.35 30.28 18.32
C ILE C 71 -1.67 30.51 16.96
N LYS C 72 -1.05 31.69 16.84
CA LYS C 72 -0.31 32.10 15.63
C LYS C 72 1.08 32.51 16.16
N PRO C 73 1.93 31.51 16.46
CA PRO C 73 3.29 31.67 16.98
C PRO C 73 4.15 32.79 16.42
N LEU C 74 4.24 32.89 15.09
CA LEU C 74 5.07 33.91 14.46
C LEU C 74 4.27 34.99 13.72
N ALA C 75 3.15 35.43 14.30
CA ALA C 75 2.31 36.43 13.66
C ALA C 75 3.11 37.64 13.20
N ARG C 76 2.67 38.25 12.09
CA ARG C 76 3.33 39.44 11.57
C ARG C 76 2.76 40.61 12.37
N LEU C 77 3.64 41.43 12.93
CA LEU C 77 3.21 42.56 13.74
C LEU C 77 3.20 43.90 13.01
N PRO C 78 2.30 44.81 13.43
CA PRO C 78 2.18 46.14 12.82
C PRO C 78 3.44 46.92 13.20
N PRO C 79 3.88 47.83 12.32
CA PRO C 79 5.07 48.66 12.52
C PRO C 79 5.22 49.23 13.93
N GLU C 80 4.10 49.63 14.52
CA GLU C 80 4.07 50.20 15.86
C GLU C 80 4.37 49.20 16.99
N GLU C 81 3.94 47.95 16.81
CA GLU C 81 4.13 46.93 17.84
C GLU C 81 5.48 46.24 17.83
N ALA C 82 6.21 46.42 18.93
CA ALA C 82 7.55 45.85 19.09
C ALA C 82 7.58 44.34 18.89
N SER C 83 8.59 43.86 18.17
CA SER C 83 8.73 42.43 17.94
C SER C 83 9.34 41.77 19.17
N PRO C 84 9.20 40.43 19.30
CA PRO C 84 9.75 39.71 20.45
C PRO C 84 11.28 39.84 20.51
N TYR C 85 11.78 40.18 21.70
CA TYR C 85 13.22 40.34 21.92
C TYR C 85 13.90 38.99 22.08
N VAL C 86 15.10 38.86 21.52
CA VAL C 86 15.86 37.61 21.62
C VAL C 86 16.81 37.63 22.81
N VAL C 87 16.50 36.78 23.79
CA VAL C 87 17.29 36.70 25.00
C VAL C 87 18.32 35.59 24.90
N ASP C 88 19.47 35.81 25.53
CA ASP C 88 20.55 34.84 25.55
C ASP C 88 20.88 34.54 27.01
N HIS C 89 20.66 33.30 27.42
CA HIS C 89 20.95 32.88 28.78
C HIS C 89 22.32 32.19 28.85
N GLY C 90 23.03 32.24 27.72
CA GLY C 90 24.35 31.65 27.65
C GLY C 90 24.46 30.13 27.62
N GLU C 91 25.64 29.64 27.99
CA GLU C 91 25.95 28.21 28.02
C GLU C 91 24.87 27.37 28.65
N SER C 92 24.44 27.78 29.85
CA SER C 92 23.40 27.07 30.58
C SER C 92 22.11 26.91 29.78
N GLY C 93 21.94 27.76 28.76
CA GLY C 93 20.73 27.69 27.96
C GLY C 93 19.59 28.33 28.74
N PRO C 94 18.41 28.49 28.15
CA PRO C 94 17.30 29.11 28.89
C PRO C 94 16.94 28.49 30.25
N LEU C 95 16.86 29.35 31.25
CA LEU C 95 16.52 28.95 32.62
C LEU C 95 15.09 28.43 32.67
N ARG C 96 14.92 27.20 33.14
CA ARG C 96 13.59 26.59 33.22
C ARG C 96 13.35 25.89 34.57
N CYS C 97 12.08 25.66 34.88
CA CYS C 97 11.73 24.97 36.12
C CYS C 97 12.38 23.59 36.02
N ASN C 98 13.09 23.18 37.06
CA ASN C 98 13.76 21.90 37.03
C ASN C 98 12.84 20.69 36.92
N ARG C 99 11.56 20.84 37.30
CA ARG C 99 10.68 19.69 37.19
C ARG C 99 9.71 19.73 36.02
N CYS C 100 8.82 20.73 35.96
CA CYS C 100 7.85 20.79 34.87
C CYS C 100 8.48 21.40 33.63
N LYS C 101 9.71 21.88 33.79
CA LYS C 101 10.45 22.45 32.68
C LYS C 101 9.85 23.69 32.03
N ALA C 102 9.01 24.44 32.76
CA ALA C 102 8.42 25.65 32.22
C ALA C 102 9.52 26.71 32.04
N TYR C 103 9.46 27.49 30.97
CA TYR C 103 10.45 28.53 30.72
C TYR C 103 10.25 29.71 31.67
N MET C 104 11.36 30.30 32.13
CA MET C 104 11.30 31.47 33.00
C MET C 104 10.34 32.42 32.28
N CYS C 105 9.47 33.08 33.03
CA CYS C 105 8.48 33.98 32.45
C CYS C 105 8.04 35.01 33.49
N PRO C 106 7.20 35.98 33.10
CA PRO C 106 6.73 37.01 34.05
C PRO C 106 5.94 36.46 35.24
N PHE C 107 5.46 35.22 35.14
CA PHE C 107 4.65 34.67 36.22
C PHE C 107 5.38 33.89 37.30
N MET C 108 6.69 33.69 37.11
CA MET C 108 7.50 32.99 38.11
C MET C 108 7.65 33.95 39.28
N GLN C 109 7.31 33.48 40.48
CA GLN C 109 7.42 34.31 41.67
C GLN C 109 8.81 34.16 42.27
N PHE C 110 9.61 35.23 42.27
CA PHE C 110 10.93 35.12 42.86
C PHE C 110 10.74 35.17 44.36
N ILE C 111 11.53 34.37 45.06
CA ILE C 111 11.41 34.22 46.51
C ILE C 111 12.71 34.43 47.28
N GLU C 112 12.58 34.55 48.61
CA GLU C 112 13.74 34.70 49.50
C GLU C 112 14.77 35.71 49.00
N GLY C 113 14.35 36.97 48.88
CA GLY C 113 15.25 38.01 48.42
C GLY C 113 15.80 37.79 47.02
N GLY C 114 15.17 36.89 46.26
CA GLY C 114 15.60 36.63 44.90
C GLY C 114 16.58 35.49 44.67
N ARG C 115 17.02 34.82 45.74
CA ARG C 115 17.96 33.74 45.57
C ARG C 115 17.31 32.47 45.01
N ARG C 116 15.98 32.49 44.92
CA ARG C 116 15.20 31.37 44.41
C ARG C 116 13.87 31.85 43.84
N PHE C 117 13.21 30.97 43.09
CA PHE C 117 11.91 31.28 42.50
C PHE C 117 11.00 30.06 42.50
N GLN C 118 9.71 30.29 42.74
CA GLN C 118 8.73 29.23 42.76
C GLN C 118 7.95 29.19 41.43
N CYS C 119 7.96 28.04 40.78
CA CYS C 119 7.26 27.88 39.50
C CYS C 119 5.75 28.11 39.61
N CYS C 120 5.21 28.95 38.74
CA CYS C 120 3.78 29.25 38.73
C CYS C 120 2.96 28.13 38.12
N PHE C 121 3.61 27.15 37.50
CA PHE C 121 2.90 26.04 36.88
C PHE C 121 2.80 24.80 37.76
N CYS C 122 3.87 24.47 38.48
CA CYS C 122 3.85 23.28 39.32
C CYS C 122 4.24 23.49 40.78
N SER C 123 4.42 24.76 41.17
CA SER C 123 4.81 25.10 42.54
C SER C 123 6.21 24.65 42.97
N CYS C 124 7.01 24.11 42.05
CA CYS C 124 8.36 23.68 42.43
C CYS C 124 9.27 24.88 42.64
N ILE C 125 9.98 24.88 43.77
CA ILE C 125 10.91 25.97 44.07
C ILE C 125 12.27 25.63 43.46
N ASN C 126 12.82 26.58 42.70
CA ASN C 126 14.10 26.43 42.01
C ASN C 126 15.16 27.43 42.46
N ASP C 127 16.42 27.03 42.32
CA ASP C 127 17.51 27.92 42.68
C ASP C 127 17.70 28.94 41.57
N VAL C 128 18.20 30.11 41.94
CA VAL C 128 18.49 31.15 40.96
C VAL C 128 19.98 31.07 40.73
N PRO C 129 20.41 30.73 39.51
CA PRO C 129 21.85 30.65 39.20
C PRO C 129 22.53 31.96 39.61
N PRO C 130 23.75 31.88 40.15
CA PRO C 130 24.50 33.07 40.59
C PRO C 130 24.73 34.13 39.51
N GLN C 131 24.90 33.70 38.27
CA GLN C 131 25.13 34.62 37.18
C GLN C 131 23.85 35.38 36.83
N TYR C 132 22.71 34.82 37.20
CA TYR C 132 21.41 35.41 36.92
C TYR C 132 20.80 36.14 38.12
N PHE C 133 21.38 35.97 39.30
CA PHE C 133 20.85 36.59 40.51
C PHE C 133 20.73 38.11 40.46
N GLN C 134 19.57 38.60 40.85
CA GLN C 134 19.30 40.03 40.88
C GLN C 134 18.44 40.25 42.11
N HIS C 135 18.65 41.38 42.76
CA HIS C 135 17.88 41.70 43.97
C HIS C 135 16.44 41.88 43.63
N LEU C 136 15.56 41.81 44.59
CA LEU C 136 14.21 42.03 44.19
C LEU C 136 14.06 43.48 44.59
N ASP C 137 13.33 43.73 45.66
CA ASP C 137 13.07 45.05 46.22
C ASP C 137 11.62 45.32 46.15
N HIS C 138 11.25 45.36 44.89
CA HIS C 138 9.99 45.67 44.43
C HIS C 138 8.82 44.83 44.92
N THR C 139 8.60 44.71 46.22
CA THR C 139 7.48 43.87 46.74
C THR C 139 7.46 42.42 46.21
N GLY C 140 8.64 41.93 45.84
CA GLY C 140 8.76 40.60 45.31
C GLY C 140 9.11 40.61 43.83
N LYS C 141 9.10 41.80 43.22
CA LYS C 141 9.41 41.95 41.80
C LYS C 141 10.90 42.17 41.58
N ARG C 142 11.42 41.54 40.53
CA ARG C 142 12.82 41.64 40.16
C ARG C 142 13.19 43.11 39.94
N VAL C 143 14.25 43.55 40.61
CA VAL C 143 14.71 44.93 40.50
C VAL C 143 15.05 45.28 39.04
N ASP C 144 15.35 44.25 38.25
CA ASP C 144 15.70 44.43 36.84
C ASP C 144 14.63 43.85 35.91
N ALA C 145 13.44 43.60 36.46
CA ALA C 145 12.35 43.03 35.68
C ALA C 145 12.18 43.68 34.31
N TYR C 146 12.07 45.01 34.29
CA TYR C 146 11.88 45.73 33.03
C TYR C 146 13.03 45.67 32.05
N ASP C 147 14.20 45.23 32.51
CA ASP C 147 15.37 45.12 31.63
C ASP C 147 15.44 43.72 31.06
N ARG C 148 14.64 42.82 31.61
CA ARG C 148 14.57 41.43 31.19
C ARG C 148 13.24 41.15 30.50
N PRO C 149 13.27 40.96 29.18
CA PRO C 149 11.98 40.68 28.54
C PRO C 149 11.27 39.43 29.09
N GLU C 150 12.03 38.39 29.42
CA GLU C 150 11.42 37.16 29.94
C GLU C 150 10.78 37.37 31.32
N LEU C 151 11.13 38.47 31.97
CA LEU C 151 10.57 38.76 33.30
C LEU C 151 9.49 39.83 33.27
N SER C 152 9.21 40.38 32.08
CA SER C 152 8.24 41.45 32.03
C SER C 152 7.26 41.43 30.87
N LEU C 153 7.57 40.66 29.84
CA LEU C 153 6.70 40.60 28.69
C LEU C 153 6.08 39.23 28.47
N GLY C 154 4.88 39.21 27.90
CA GLY C 154 4.21 37.95 27.63
C GLY C 154 4.89 37.15 26.52
N SER C 155 5.54 37.84 25.57
CA SER C 155 6.23 37.20 24.47
C SER C 155 7.70 37.64 24.36
N TYR C 156 8.56 36.71 23.95
CA TYR C 156 10.00 36.95 23.80
C TYR C 156 10.64 35.66 23.26
N GLU C 157 11.94 35.72 22.95
CA GLU C 157 12.64 34.56 22.43
C GLU C 157 13.88 34.19 23.23
N PHE C 158 14.44 33.05 22.88
CA PHE C 158 15.64 32.52 23.50
C PHE C 158 16.52 31.88 22.43
N LEU C 159 17.83 32.01 22.60
CA LEU C 159 18.73 31.34 21.68
C LEU C 159 18.77 29.93 22.26
N ALA C 160 18.64 28.92 21.42
CA ALA C 160 18.66 27.54 21.89
C ALA C 160 20.09 26.98 21.86
N THR C 161 20.39 26.08 22.78
CA THR C 161 21.71 25.47 22.83
C THR C 161 21.69 24.14 22.07
N VAL C 162 22.86 23.53 21.88
CA VAL C 162 22.94 22.27 21.13
C VAL C 162 22.00 21.17 21.61
N ASP C 163 21.66 21.17 22.89
CA ASP C 163 20.77 20.14 23.41
C ASP C 163 19.31 20.38 22.97
N TYR C 164 19.12 21.37 22.11
CA TYR C 164 17.80 21.70 21.58
C TYR C 164 17.76 21.42 20.08
N CYS C 165 18.86 20.90 19.54
CA CYS C 165 18.96 20.62 18.10
C CYS C 165 19.03 19.14 17.76
N LYS C 166 18.62 18.80 16.55
CA LYS C 166 18.69 17.41 16.09
C LYS C 166 20.13 16.93 16.18
N ASN C 167 20.30 15.66 16.57
CA ASN C 167 21.62 15.07 16.67
C ASN C 167 22.61 15.90 17.46
N ASN C 168 22.09 16.74 18.36
CA ASN C 168 22.90 17.58 19.22
C ASN C 168 23.86 18.55 18.50
N LYS C 169 23.65 18.73 17.20
CA LYS C 169 24.49 19.64 16.41
C LYS C 169 23.67 20.83 15.95
N PHE C 170 24.20 22.03 16.10
CA PHE C 170 23.49 23.23 15.63
C PHE C 170 23.16 22.99 14.17
N PRO C 171 21.98 23.42 13.72
CA PRO C 171 21.58 23.23 12.33
C PRO C 171 22.38 24.07 11.31
N SER C 172 22.06 23.88 10.05
CA SER C 172 22.69 24.61 8.94
C SER C 172 21.56 25.33 8.23
N PRO C 173 21.86 26.46 7.57
CA PRO C 173 20.79 27.17 6.87
C PRO C 173 20.04 26.24 5.92
N PRO C 174 18.70 26.32 5.91
CA PRO C 174 17.85 25.49 5.06
C PRO C 174 17.94 25.86 3.59
N ALA C 175 17.11 25.25 2.77
CA ALA C 175 17.10 25.51 1.33
C ALA C 175 15.75 25.31 0.68
N PHE C 176 15.61 25.81 -0.54
CA PHE C 176 14.36 25.69 -1.28
C PHE C 176 14.58 24.84 -2.53
N ILE C 177 13.52 24.18 -2.98
CA ILE C 177 13.58 23.35 -4.17
C ILE C 177 12.33 23.52 -5.02
N PHE C 178 12.53 23.96 -6.25
CA PHE C 178 11.42 24.18 -7.16
C PHE C 178 11.26 23.03 -8.14
N MET C 179 10.19 22.26 -7.94
CA MET C 179 9.91 21.11 -8.78
C MET C 179 8.72 21.43 -9.66
N ILE C 180 9.02 21.65 -10.94
CA ILE C 180 8.00 22.03 -11.92
C ILE C 180 7.50 20.92 -12.82
N ASP C 181 6.18 20.84 -12.94
CA ASP C 181 5.54 19.86 -13.81
C ASP C 181 5.68 20.40 -15.22
N VAL C 182 6.38 19.66 -16.08
CA VAL C 182 6.58 20.09 -17.45
C VAL C 182 5.87 19.18 -18.46
N SER C 183 4.71 18.68 -18.06
CA SER C 183 3.93 17.82 -18.93
C SER C 183 3.20 18.67 -19.97
N TYR C 184 2.38 18.03 -20.79
CA TYR C 184 1.63 18.73 -21.83
C TYR C 184 0.77 19.81 -21.20
N ASN C 185 -0.29 19.39 -20.52
CA ASN C 185 -1.24 20.29 -19.86
C ASN C 185 -0.61 21.53 -19.22
N ALA C 186 0.62 21.39 -18.73
CA ALA C 186 1.29 22.51 -18.07
C ALA C 186 2.05 23.42 -19.03
N ILE C 187 2.85 22.83 -19.91
CA ILE C 187 3.64 23.60 -20.87
C ILE C 187 2.80 24.44 -21.82
N ARG C 188 1.63 23.94 -22.19
CA ARG C 188 0.75 24.64 -23.11
C ARG C 188 0.18 25.96 -22.58
N THR C 189 -0.40 25.93 -21.39
CA THR C 189 -0.99 27.12 -20.77
C THR C 189 0.02 28.24 -20.55
N GLY C 190 1.29 27.96 -20.81
CA GLY C 190 2.32 28.98 -20.62
C GLY C 190 2.85 28.95 -19.20
N LEU C 191 2.22 28.14 -18.35
CA LEU C 191 2.60 28.01 -16.96
C LEU C 191 4.11 27.83 -16.81
N VAL C 192 4.62 26.67 -17.26
CA VAL C 192 6.05 26.39 -17.16
C VAL C 192 6.90 27.53 -17.71
N ARG C 193 6.31 28.30 -18.61
CA ARG C 193 7.00 29.43 -19.20
C ARG C 193 6.98 30.62 -18.24
N LEU C 194 5.79 30.98 -17.77
CA LEU C 194 5.62 32.10 -16.86
C LEU C 194 6.44 31.94 -15.58
N LEU C 195 6.37 30.77 -14.97
CA LEU C 195 7.10 30.51 -13.73
C LEU C 195 8.59 30.74 -13.93
N CYS C 196 9.17 30.06 -14.91
CA CYS C 196 10.59 30.19 -15.19
C CYS C 196 10.99 31.66 -15.34
N GLU C 197 10.06 32.47 -15.83
CA GLU C 197 10.29 33.90 -16.01
C GLU C 197 10.43 34.54 -14.63
N GLU C 198 9.34 34.47 -13.88
CA GLU C 198 9.27 35.04 -12.54
C GLU C 198 10.46 34.63 -11.67
N LEU C 199 10.70 33.32 -11.59
CA LEU C 199 11.79 32.78 -10.79
C LEU C 199 13.16 33.43 -11.06
N LYS C 200 13.33 33.96 -12.27
CA LYS C 200 14.58 34.62 -12.63
C LYS C 200 14.77 35.85 -11.76
N SER C 201 13.65 36.49 -11.43
CA SER C 201 13.64 37.70 -10.62
C SER C 201 13.23 37.48 -9.17
N LEU C 202 12.32 36.54 -8.94
CA LEU C 202 11.85 36.26 -7.58
C LEU C 202 12.92 35.69 -6.66
N LEU C 203 13.84 34.91 -7.23
CA LEU C 203 14.91 34.30 -6.44
C LEU C 203 15.96 35.29 -5.93
N ASP C 204 15.61 36.57 -5.92
CA ASP C 204 16.53 37.61 -5.45
C ASP C 204 16.12 38.10 -4.06
N PHE C 205 14.88 37.84 -3.68
CA PHE C 205 14.37 38.29 -2.38
C PHE C 205 14.08 37.15 -1.41
N LEU C 206 15.07 36.26 -1.25
CA LEU C 206 14.92 35.12 -0.34
C LEU C 206 15.14 35.63 1.09
N PRO C 207 14.38 35.07 2.05
CA PRO C 207 14.43 35.41 3.48
C PRO C 207 15.80 35.68 4.11
N ARG C 208 15.90 36.82 4.79
CA ARG C 208 17.13 37.23 5.49
C ARG C 208 16.73 37.58 6.92
N GLU C 209 17.70 37.65 7.83
CA GLU C 209 17.37 37.93 9.23
C GLU C 209 17.91 39.21 9.86
N GLY C 210 19.20 39.22 10.18
CA GLY C 210 19.77 40.41 10.80
C GLY C 210 20.59 41.21 9.80
N GLY C 211 19.93 41.73 8.78
CA GLY C 211 20.65 42.50 7.77
C GLY C 211 21.71 41.61 7.15
N ALA C 212 21.30 40.43 6.71
CA ALA C 212 22.21 39.47 6.09
C ALA C 212 22.75 39.95 4.76
N GLU C 213 22.06 40.91 4.15
CA GLU C 213 22.47 41.46 2.87
C GLU C 213 22.55 40.37 1.81
N GLU C 214 22.14 39.18 2.20
CA GLU C 214 22.13 38.02 1.31
C GLU C 214 21.48 36.85 2.04
N SER C 215 20.54 36.20 1.36
CA SER C 215 19.86 35.06 1.94
C SER C 215 20.85 33.94 2.15
N ALA C 216 20.49 33.00 3.04
CA ALA C 216 21.33 31.83 3.30
C ALA C 216 20.59 30.67 2.65
N ILE C 217 19.30 30.86 2.42
CA ILE C 217 18.47 29.83 1.79
C ILE C 217 19.16 29.56 0.46
N ARG C 218 19.38 28.29 0.13
CA ARG C 218 20.00 27.97 -1.14
C ARG C 218 18.91 27.36 -2.00
N VAL C 219 19.10 27.38 -3.31
CA VAL C 219 18.07 26.85 -4.19
C VAL C 219 18.51 25.66 -5.02
N GLY C 220 17.53 24.83 -5.38
CA GLY C 220 17.77 23.65 -6.18
C GLY C 220 16.64 23.60 -7.21
N PHE C 221 16.82 22.81 -8.26
CA PHE C 221 15.81 22.73 -9.31
C PHE C 221 15.54 21.34 -9.85
N VAL C 222 14.29 21.09 -10.23
CA VAL C 222 13.86 19.79 -10.75
C VAL C 222 12.55 19.93 -11.53
N THR C 223 12.41 19.14 -12.59
CA THR C 223 11.20 19.14 -13.40
C THR C 223 10.75 17.68 -13.44
N TYR C 224 9.54 17.41 -13.91
CA TYR C 224 9.08 16.04 -13.92
C TYR C 224 7.79 15.86 -14.71
N ASN C 225 7.36 14.61 -14.83
CA ASN C 225 6.12 14.31 -15.53
C ASN C 225 5.79 12.83 -15.59
N LYS C 226 6.79 11.96 -15.57
CA LYS C 226 6.52 10.52 -15.58
C LYS C 226 7.85 9.95 -15.20
N VAL C 227 8.83 10.84 -15.21
CA VAL C 227 10.20 10.54 -14.89
C VAL C 227 10.74 11.86 -14.37
N LEU C 228 11.70 11.79 -13.45
CA LEU C 228 12.28 12.98 -12.85
C LEU C 228 13.47 13.53 -13.62
N HIS C 229 13.63 14.85 -13.57
CA HIS C 229 14.74 15.54 -14.23
C HIS C 229 15.44 16.45 -13.23
N PHE C 230 16.62 16.03 -12.77
CA PHE C 230 17.38 16.83 -11.81
C PHE C 230 18.28 17.80 -12.55
N TYR C 231 18.54 18.95 -11.95
CA TYR C 231 19.39 19.95 -12.58
C TYR C 231 20.55 20.42 -11.73
N ASN C 232 21.74 20.38 -12.32
CA ASN C 232 22.95 20.82 -11.64
C ASN C 232 23.17 22.25 -12.09
N VAL C 233 23.54 23.12 -11.15
CA VAL C 233 23.78 24.52 -11.47
C VAL C 233 24.95 24.99 -10.59
N LYS C 234 26.01 24.19 -10.61
CA LYS C 234 27.22 24.47 -9.84
C LYS C 234 27.68 25.92 -10.02
N SER C 235 28.64 26.35 -9.21
CA SER C 235 29.13 27.72 -9.30
C SER C 235 29.87 27.99 -10.62
N SER C 236 30.02 26.95 -11.45
CA SER C 236 30.73 27.11 -12.72
C SER C 236 30.44 26.01 -13.74
N LEU C 237 29.61 26.33 -14.72
CA LEU C 237 29.26 25.38 -15.78
C LEU C 237 28.91 26.11 -17.07
N ALA C 238 28.45 27.35 -16.94
CA ALA C 238 28.06 28.15 -18.10
C ALA C 238 26.93 27.44 -18.83
N GLN C 239 26.55 26.27 -18.33
CA GLN C 239 25.48 25.46 -18.89
C GLN C 239 24.93 24.51 -17.84
N PRO C 240 23.60 24.33 -17.81
CA PRO C 240 22.95 23.44 -16.86
C PRO C 240 22.91 21.98 -17.33
N GLN C 241 23.50 21.09 -16.54
CA GLN C 241 23.51 19.67 -16.87
C GLN C 241 22.24 19.02 -16.35
N MET C 242 21.75 18.01 -17.05
CA MET C 242 20.55 17.33 -16.61
C MET C 242 20.84 15.87 -16.26
N MET C 243 20.09 15.36 -15.29
CA MET C 243 20.21 13.98 -14.84
C MET C 243 18.81 13.41 -14.73
N VAL C 244 18.43 12.56 -15.67
CA VAL C 244 17.10 11.97 -15.64
C VAL C 244 17.08 10.76 -14.72
N VAL C 245 16.17 10.77 -13.75
CA VAL C 245 16.05 9.66 -12.81
C VAL C 245 14.87 8.80 -13.21
N SER C 246 15.10 7.92 -14.18
CA SER C 246 14.07 7.01 -14.66
C SER C 246 13.72 6.03 -13.55
N ASP C 247 14.45 6.12 -12.45
CA ASP C 247 14.24 5.24 -11.30
C ASP C 247 12.90 5.45 -10.63
N VAL C 248 11.86 4.82 -11.17
CA VAL C 248 10.54 4.92 -10.59
C VAL C 248 10.63 4.10 -9.30
N ALA C 249 9.63 4.17 -8.44
CA ALA C 249 9.66 3.43 -7.19
C ALA C 249 10.92 3.82 -6.42
N ASP C 250 11.94 2.96 -6.48
CA ASP C 250 13.19 3.24 -5.79
C ASP C 250 13.89 4.45 -6.41
N MET C 251 13.60 5.62 -5.86
CA MET C 251 14.18 6.88 -6.34
C MET C 251 15.68 6.82 -6.57
N PHE C 252 16.43 6.58 -5.50
CA PHE C 252 17.89 6.54 -5.58
C PHE C 252 18.34 7.88 -6.14
N VAL C 253 17.76 8.95 -5.59
CA VAL C 253 18.08 10.31 -6.00
C VAL C 253 19.59 10.44 -6.15
N PRO C 254 20.05 10.97 -7.29
CA PRO C 254 21.49 11.14 -7.55
C PRO C 254 22.20 12.08 -6.58
N LEU C 255 23.14 11.56 -5.80
CA LEU C 255 23.89 12.42 -4.92
C LEU C 255 24.69 13.34 -5.86
N LEU C 256 24.31 14.61 -5.94
CA LEU C 256 24.98 15.60 -6.78
C LEU C 256 25.31 16.80 -5.89
N ASP C 257 26.40 17.50 -6.20
CA ASP C 257 26.81 18.66 -5.42
C ASP C 257 26.31 19.93 -6.09
N GLY C 258 26.19 19.89 -7.40
CA GLY C 258 25.71 21.04 -8.14
C GLY C 258 24.32 21.43 -7.67
N PHE C 259 23.54 20.45 -7.22
CA PHE C 259 22.20 20.71 -6.72
C PHE C 259 22.31 21.66 -5.53
N LEU C 260 21.26 22.42 -5.26
CA LEU C 260 21.25 23.38 -4.14
C LEU C 260 22.49 24.28 -4.16
N VAL C 261 22.34 25.48 -4.71
CA VAL C 261 23.45 26.44 -4.79
C VAL C 261 23.04 27.82 -4.33
N ASN C 262 24.03 28.70 -4.23
CA ASN C 262 23.80 30.09 -3.82
C ASN C 262 23.31 30.89 -5.03
N VAL C 263 22.17 31.53 -4.89
CA VAL C 263 21.58 32.31 -5.99
C VAL C 263 22.47 33.42 -6.52
N ASN C 264 23.43 33.86 -5.73
CA ASN C 264 24.31 34.95 -6.15
C ASN C 264 25.58 34.48 -6.86
N GLU C 265 26.03 33.27 -6.56
CA GLU C 265 27.24 32.73 -7.18
C GLU C 265 26.93 31.98 -8.46
N SER C 266 25.68 31.58 -8.64
CA SER C 266 25.26 30.85 -9.83
C SER C 266 24.18 31.62 -10.58
N ARG C 267 24.28 32.94 -10.54
CA ARG C 267 23.32 33.81 -11.18
C ARG C 267 23.20 33.60 -12.69
N ALA C 268 24.32 33.35 -13.35
CA ALA C 268 24.32 33.16 -14.80
C ALA C 268 23.79 31.79 -15.22
N VAL C 269 24.30 30.73 -14.58
CA VAL C 269 23.88 29.37 -14.90
C VAL C 269 22.41 29.11 -14.59
N ILE C 270 21.89 29.73 -13.54
CA ILE C 270 20.50 29.56 -13.15
C ILE C 270 19.58 30.22 -14.19
N THR C 271 19.94 31.44 -14.58
CA THR C 271 19.16 32.17 -15.57
C THR C 271 19.04 31.29 -16.81
N SER C 272 20.15 30.67 -17.16
CA SER C 272 20.19 29.80 -18.32
C SER C 272 19.10 28.73 -18.20
N LEU C 273 19.21 27.88 -17.17
CA LEU C 273 18.24 26.82 -16.94
C LEU C 273 16.79 27.27 -17.10
N LEU C 274 16.49 28.45 -16.54
CA LEU C 274 15.14 28.98 -16.61
C LEU C 274 14.71 29.43 -18.01
N ASP C 275 15.66 29.62 -18.91
CA ASP C 275 15.35 30.03 -20.28
C ASP C 275 15.44 28.82 -21.20
N GLN C 276 15.77 27.67 -20.63
CA GLN C 276 15.91 26.44 -21.40
C GLN C 276 14.74 25.48 -21.17
N ILE C 277 14.36 25.31 -19.91
CA ILE C 277 13.28 24.41 -19.53
C ILE C 277 11.99 24.59 -20.34
N PRO C 278 11.49 25.83 -20.44
CA PRO C 278 10.25 26.08 -21.20
C PRO C 278 10.33 25.57 -22.64
N GLU C 279 11.52 25.65 -23.23
CA GLU C 279 11.74 25.21 -24.61
C GLU C 279 12.03 23.71 -24.68
N MET C 280 12.85 23.25 -23.75
CA MET C 280 13.24 21.84 -23.67
C MET C 280 12.02 20.93 -23.72
N PHE C 281 10.88 21.41 -23.24
CA PHE C 281 9.66 20.63 -23.22
C PHE C 281 8.50 21.36 -23.91
N THR C 287 1.39 13.58 -20.87
CA THR C 287 0.09 13.52 -20.20
C THR C 287 0.15 12.73 -18.90
N GLU C 288 1.08 11.78 -18.83
CA GLU C 288 1.23 10.95 -17.64
C GLU C 288 2.18 11.65 -16.68
N THR C 289 1.86 11.63 -15.38
CA THR C 289 2.70 12.25 -14.35
C THR C 289 2.75 11.53 -13.01
N VAL C 290 3.88 11.71 -12.30
CA VAL C 290 4.07 11.09 -10.98
C VAL C 290 4.12 12.18 -9.90
N PHE C 291 3.49 11.91 -8.76
CA PHE C 291 3.45 12.87 -7.65
C PHE C 291 4.37 12.47 -6.50
N VAL C 292 4.03 11.37 -5.84
CA VAL C 292 4.81 10.86 -4.70
C VAL C 292 6.31 10.83 -4.96
N PRO C 293 6.75 10.17 -6.05
CA PRO C 293 8.19 10.11 -6.33
C PRO C 293 8.86 11.49 -6.38
N VAL C 294 8.08 12.54 -6.65
CA VAL C 294 8.60 13.89 -6.74
C VAL C 294 9.03 14.44 -5.38
N ILE C 295 8.11 14.41 -4.42
CA ILE C 295 8.40 14.91 -3.09
C ILE C 295 9.57 14.16 -2.45
N GLN C 296 9.57 12.83 -2.58
CA GLN C 296 10.66 12.02 -2.02
C GLN C 296 12.00 12.48 -2.58
N ALA C 297 11.97 12.95 -3.83
CA ALA C 297 13.18 13.42 -4.49
C ALA C 297 13.77 14.62 -3.75
N GLY C 298 12.95 15.63 -3.50
CA GLY C 298 13.42 16.81 -2.80
C GLY C 298 13.76 16.52 -1.35
N MET C 299 12.87 15.81 -0.67
CA MET C 299 13.08 15.43 0.72
C MET C 299 14.41 14.69 0.82
N GLU C 300 14.59 13.71 -0.05
CA GLU C 300 15.81 12.92 -0.08
C GLU C 300 17.00 13.85 -0.31
N ALA C 301 16.80 14.83 -1.18
CA ALA C 301 17.83 15.80 -1.52
C ALA C 301 18.27 16.62 -0.31
N LEU C 302 17.30 17.02 0.52
CA LEU C 302 17.59 17.79 1.73
C LEU C 302 18.29 16.93 2.76
N LYS C 303 17.94 15.64 2.78
CA LYS C 303 18.55 14.69 3.71
C LYS C 303 20.05 14.60 3.45
N ALA C 304 20.40 14.27 2.21
CA ALA C 304 21.81 14.17 1.82
C ALA C 304 22.53 15.48 2.09
N ALA C 305 21.84 16.59 1.87
CA ALA C 305 22.42 17.91 2.09
C ALA C 305 22.60 18.17 3.58
N GLU C 306 21.82 17.43 4.38
CA GLU C 306 21.85 17.53 5.84
C GLU C 306 21.46 18.90 6.37
N CYS C 307 20.38 19.43 5.79
CA CYS C 307 19.81 20.72 6.18
C CYS C 307 18.31 20.56 5.95
N ALA C 308 17.49 21.35 6.65
CA ALA C 308 16.05 21.25 6.42
C ALA C 308 15.65 22.23 5.31
N GLY C 309 14.40 22.20 4.87
CA GLY C 309 13.99 23.11 3.83
C GLY C 309 12.56 22.98 3.34
N LYS C 310 12.26 23.70 2.27
CA LYS C 310 10.93 23.70 1.68
C LYS C 310 10.99 23.22 0.22
N LEU C 311 9.89 22.65 -0.25
CA LEU C 311 9.80 22.19 -1.61
C LEU C 311 8.58 22.86 -2.23
N PHE C 312 8.78 23.54 -3.36
CA PHE C 312 7.67 24.20 -4.04
C PHE C 312 7.24 23.36 -5.24
N LEU C 313 6.07 22.75 -5.13
CA LEU C 313 5.54 21.90 -6.19
C LEU C 313 4.53 22.61 -7.08
N PHE C 314 4.74 22.49 -8.38
CA PHE C 314 3.87 23.09 -9.38
C PHE C 314 3.32 21.94 -10.22
N HIS C 315 2.19 21.40 -9.78
CA HIS C 315 1.54 20.27 -10.44
C HIS C 315 0.30 20.73 -11.19
N THR C 316 -0.16 19.93 -12.15
CA THR C 316 -1.33 20.31 -12.95
C THR C 316 -2.40 19.22 -13.11
N SER C 317 -1.97 17.97 -13.22
CA SER C 317 -2.94 16.89 -13.41
C SER C 317 -2.78 15.71 -12.45
N LEU C 318 -3.88 14.97 -12.27
CA LEU C 318 -3.92 13.82 -11.40
C LEU C 318 -2.82 12.82 -11.77
N PRO C 319 -2.16 12.22 -10.77
CA PRO C 319 -1.09 11.25 -11.04
C PRO C 319 -1.62 9.87 -11.39
N ILE C 320 -1.78 9.60 -12.69
CA ILE C 320 -2.28 8.31 -13.15
C ILE C 320 -1.16 7.47 -13.77
N ALA C 321 0.07 7.98 -13.68
CA ALA C 321 1.23 7.28 -14.21
C ALA C 321 1.39 5.91 -13.55
N GLU C 322 2.52 5.26 -13.81
CA GLU C 322 2.78 3.95 -13.24
C GLU C 322 3.96 4.08 -12.28
N ALA C 323 3.69 4.68 -11.12
CA ALA C 323 4.67 4.88 -10.08
C ALA C 323 3.97 4.86 -8.72
N PRO C 324 4.74 4.80 -7.61
CA PRO C 324 4.15 4.78 -6.27
C PRO C 324 3.26 5.97 -5.97
N GLY C 325 2.03 5.70 -5.55
CA GLY C 325 1.10 6.76 -5.21
C GLY C 325 0.16 7.20 -6.33
N LYS C 326 -0.10 6.31 -7.29
CA LYS C 326 -1.00 6.63 -8.38
C LYS C 326 -2.44 6.58 -7.87
N LEU C 327 -3.30 7.44 -8.41
CA LEU C 327 -4.70 7.47 -7.97
C LEU C 327 -5.67 7.02 -9.06
N LYS C 328 -6.91 6.76 -8.66
CA LYS C 328 -7.96 6.36 -9.59
C LYS C 328 -8.69 7.60 -10.10
N ASN C 329 -9.84 7.88 -9.50
CA ASN C 329 -10.66 9.03 -9.87
C ASN C 329 -11.90 9.01 -8.98
N ARG C 330 -11.98 8.00 -8.12
CA ARG C 330 -13.09 7.82 -7.19
C ARG C 330 -13.81 9.12 -6.93
N ASP C 331 -14.96 9.30 -7.56
CA ASP C 331 -15.72 10.55 -7.37
C ASP C 331 -17.15 10.43 -7.88
N ASP C 332 -18.10 10.72 -7.01
CA ASP C 332 -19.52 10.68 -7.39
C ASP C 332 -20.39 11.36 -6.33
N ARG C 333 -21.51 11.92 -6.77
CA ARG C 333 -22.43 12.62 -5.87
C ARG C 333 -23.27 11.60 -5.10
N LYS C 334 -23.09 10.33 -5.44
CA LYS C 334 -23.83 9.25 -4.78
C LYS C 334 -23.35 9.06 -3.34
N LEU C 335 -22.04 9.02 -3.14
CA LEU C 335 -21.46 8.87 -1.82
C LEU C 335 -21.94 10.01 -0.91
N ILE C 336 -22.24 11.15 -1.53
CA ILE C 336 -22.70 12.33 -0.80
C ILE C 336 -23.98 12.01 -0.04
N ASN C 337 -24.00 12.37 1.24
CA ASN C 337 -25.13 12.13 2.12
C ASN C 337 -25.21 10.63 2.39
N THR C 338 -24.04 9.99 2.43
CA THR C 338 -23.93 8.56 2.69
C THR C 338 -22.68 8.26 3.54
N ASP C 339 -22.74 7.16 4.29
CA ASP C 339 -21.66 6.74 5.18
C ASP C 339 -20.25 6.69 4.58
N LYS C 340 -20.14 6.88 3.26
CA LYS C 340 -18.84 6.83 2.59
C LYS C 340 -18.29 8.20 2.19
N GLU C 341 -19.01 9.27 2.54
CA GLU C 341 -18.55 10.63 2.21
C GLU C 341 -17.10 10.83 2.63
N LYS C 342 -16.78 10.33 3.82
CA LYS C 342 -15.43 10.43 4.38
C LYS C 342 -14.37 10.15 3.33
N THR C 343 -14.57 9.07 2.56
CA THR C 343 -13.62 8.65 1.52
C THR C 343 -13.18 9.82 0.65
N LEU C 344 -14.15 10.61 0.20
CA LEU C 344 -13.86 11.75 -0.66
C LEU C 344 -12.82 12.70 -0.08
N PHE C 345 -12.75 12.77 1.25
CA PHE C 345 -11.79 13.65 1.92
C PHE C 345 -10.57 12.88 2.42
N GLN C 346 -10.68 11.55 2.47
CA GLN C 346 -9.57 10.72 2.92
C GLN C 346 -8.67 10.40 1.74
N PRO C 347 -7.35 10.37 1.94
CA PRO C 347 -6.44 10.07 0.84
C PRO C 347 -6.65 8.62 0.39
N GLN C 348 -6.22 8.29 -0.82
CA GLN C 348 -6.39 6.93 -1.31
C GLN C 348 -5.23 6.07 -0.82
N THR C 349 -4.10 6.13 -1.52
CA THR C 349 -2.93 5.36 -1.15
C THR C 349 -2.46 5.80 0.25
N GLY C 350 -1.91 4.86 1.00
CA GLY C 350 -1.42 5.18 2.34
C GLY C 350 0.02 5.61 2.39
N ALA C 351 0.65 5.74 1.22
CA ALA C 351 2.04 6.15 1.13
C ALA C 351 2.18 7.66 1.27
N TYR C 352 1.04 8.35 1.19
CA TYR C 352 1.03 9.80 1.32
C TYR C 352 1.31 10.18 2.76
N GLN C 353 0.46 9.70 3.67
CA GLN C 353 0.62 9.98 5.09
C GLN C 353 2.01 9.50 5.51
N THR C 354 2.49 8.46 4.84
CA THR C 354 3.80 7.88 5.12
C THR C 354 4.94 8.77 4.62
N LEU C 355 4.83 9.28 3.41
CA LEU C 355 5.85 10.15 2.84
C LEU C 355 5.94 11.43 3.66
N ALA C 356 4.80 11.87 4.19
CA ALA C 356 4.75 13.07 5.01
C ALA C 356 5.63 12.89 6.25
N LYS C 357 5.41 11.79 6.97
CA LYS C 357 6.16 11.47 8.17
C LYS C 357 7.67 11.53 7.90
N GLU C 358 8.09 10.96 6.78
CA GLU C 358 9.51 10.96 6.42
C GLU C 358 10.01 12.39 6.19
N CYS C 359 9.11 13.26 5.75
CA CYS C 359 9.48 14.65 5.50
C CYS C 359 9.63 15.44 6.79
N VAL C 360 8.73 15.17 7.75
CA VAL C 360 8.78 15.85 9.03
C VAL C 360 10.10 15.49 9.71
N ALA C 361 10.53 14.25 9.54
CA ALA C 361 11.77 13.78 10.14
C ALA C 361 12.99 14.48 9.58
N GLN C 362 12.89 14.97 8.35
CA GLN C 362 14.02 15.64 7.71
C GLN C 362 13.90 17.15 7.69
N GLY C 363 12.80 17.68 8.22
CA GLY C 363 12.61 19.11 8.24
C GLY C 363 12.32 19.64 6.84
N CYS C 364 11.48 18.90 6.12
CA CYS C 364 11.11 19.25 4.76
C CYS C 364 9.62 19.63 4.67
N CYS C 365 9.37 20.91 4.41
CA CYS C 365 8.01 21.42 4.27
C CYS C 365 7.68 21.60 2.79
N VAL C 366 6.49 21.20 2.39
CA VAL C 366 6.10 21.32 0.97
C VAL C 366 4.86 22.17 0.71
N ASP C 367 4.99 23.09 -0.25
CA ASP C 367 3.89 23.95 -0.65
C ASP C 367 3.45 23.52 -2.04
N LEU C 368 2.13 23.40 -2.23
CA LEU C 368 1.60 22.96 -3.51
C LEU C 368 0.80 24.02 -4.27
N PHE C 369 0.88 23.94 -5.60
CA PHE C 369 0.19 24.85 -6.51
C PHE C 369 -0.55 24.02 -7.56
N LEU C 370 -1.84 23.80 -7.38
CA LEU C 370 -2.61 23.00 -8.34
C LEU C 370 -3.28 23.89 -9.40
N PHE C 371 -3.49 23.31 -10.59
CA PHE C 371 -4.13 24.00 -11.70
C PHE C 371 -5.10 22.99 -12.32
N PRO C 372 -6.13 22.58 -11.56
CA PRO C 372 -7.16 21.62 -11.93
C PRO C 372 -8.08 21.89 -13.12
N ASN C 373 -7.94 21.06 -14.15
CA ASN C 373 -8.78 21.14 -15.33
C ASN C 373 -9.87 20.10 -15.08
N GLN C 374 -9.45 18.98 -14.49
CA GLN C 374 -10.34 17.88 -14.13
C GLN C 374 -10.30 17.64 -12.62
N TYR C 375 -10.59 16.41 -12.23
CA TYR C 375 -10.58 16.02 -10.83
C TYR C 375 -9.17 15.58 -10.43
N VAL C 376 -8.39 16.50 -9.88
CA VAL C 376 -7.02 16.19 -9.46
C VAL C 376 -6.94 15.67 -8.03
N ASP C 377 -8.09 15.62 -7.36
CA ASP C 377 -8.18 15.13 -5.99
C ASP C 377 -7.22 15.83 -5.03
N VAL C 378 -7.60 17.02 -4.61
CA VAL C 378 -6.81 17.82 -3.68
C VAL C 378 -6.65 17.05 -2.37
N ALA C 379 -7.76 16.52 -1.86
CA ALA C 379 -7.79 15.77 -0.61
C ALA C 379 -6.57 14.86 -0.42
N THR C 380 -6.11 14.24 -1.50
CA THR C 380 -4.97 13.34 -1.41
C THR C 380 -3.66 14.06 -1.68
N LEU C 381 -3.60 14.79 -2.78
CA LEU C 381 -2.39 15.50 -3.18
C LEU C 381 -1.99 16.60 -2.20
N SER C 382 -2.91 17.00 -1.33
CA SER C 382 -2.61 18.04 -0.37
C SER C 382 -2.37 17.44 1.03
N VAL C 383 -2.24 16.13 1.11
CA VAL C 383 -2.01 15.47 2.39
C VAL C 383 -0.59 15.74 2.89
N VAL C 384 0.36 15.64 1.98
CA VAL C 384 1.76 15.89 2.33
C VAL C 384 1.97 17.32 2.85
N PRO C 385 1.43 18.32 2.15
CA PRO C 385 1.61 19.70 2.60
C PRO C 385 0.94 20.01 3.94
N GLN C 386 -0.23 19.42 4.20
CA GLN C 386 -0.92 19.66 5.46
C GLN C 386 -0.13 19.16 6.66
N LEU C 387 0.22 17.86 6.63
CA LEU C 387 0.98 17.24 7.71
C LEU C 387 2.40 17.78 7.83
N THR C 388 2.81 18.60 6.87
CA THR C 388 4.16 19.15 6.88
C THR C 388 4.18 20.65 7.16
N GLY C 389 3.00 21.24 7.35
CA GLY C 389 2.93 22.66 7.63
C GLY C 389 2.84 23.56 6.41
N GLY C 390 2.95 22.99 5.21
CA GLY C 390 2.90 23.77 3.99
C GLY C 390 1.53 24.33 3.64
N SER C 391 1.43 24.95 2.46
CA SER C 391 0.18 25.55 2.01
C SER C 391 -0.25 25.00 0.64
N VAL C 392 -1.55 25.11 0.34
CA VAL C 392 -2.11 24.64 -0.93
C VAL C 392 -2.78 25.78 -1.71
N TYR C 393 -2.26 26.06 -2.90
CA TYR C 393 -2.78 27.11 -3.79
C TYR C 393 -3.44 26.53 -5.04
N LYS C 394 -4.78 26.48 -5.07
CA LYS C 394 -5.50 25.95 -6.22
C LYS C 394 -6.02 27.04 -7.16
N TYR C 395 -5.76 26.87 -8.45
CA TYR C 395 -6.20 27.82 -9.49
C TYR C 395 -7.12 27.15 -10.50
N ALA C 396 -8.41 27.09 -10.16
CA ALA C 396 -9.40 26.48 -11.04
C ALA C 396 -9.30 26.94 -12.50
N SER C 397 -9.04 25.98 -13.39
CA SER C 397 -8.91 26.26 -14.82
C SER C 397 -7.87 27.36 -15.06
N PHE C 398 -6.59 27.02 -14.99
CA PHE C 398 -5.55 28.02 -15.18
C PHE C 398 -5.63 28.73 -16.52
N GLN C 399 -5.54 30.06 -16.46
CA GLN C 399 -5.58 30.93 -17.62
C GLN C 399 -4.52 32.00 -17.36
N VAL C 400 -3.42 31.97 -18.11
CA VAL C 400 -2.36 32.95 -17.89
C VAL C 400 -2.80 34.39 -18.14
N GLU C 401 -4.01 34.56 -18.69
CA GLU C 401 -4.56 35.88 -18.94
C GLU C 401 -5.41 36.31 -17.75
N ASN C 402 -6.49 35.58 -17.50
CA ASN C 402 -7.39 35.87 -16.39
C ASN C 402 -6.63 35.82 -15.07
N ASP C 403 -6.30 34.60 -14.66
CA ASP C 403 -5.59 34.36 -13.41
C ASP C 403 -4.07 34.34 -13.60
N GLN C 404 -3.49 35.52 -13.79
CA GLN C 404 -2.04 35.63 -13.96
C GLN C 404 -1.46 36.40 -12.78
N GLU C 405 -2.18 37.44 -12.35
CA GLU C 405 -1.76 38.25 -11.22
C GLU C 405 -1.89 37.41 -9.97
N ARG C 406 -3.03 36.72 -9.85
CA ARG C 406 -3.33 35.87 -8.72
C ARG C 406 -2.15 34.98 -8.36
N PHE C 407 -1.68 34.19 -9.32
CA PHE C 407 -0.56 33.28 -9.09
C PHE C 407 0.75 33.98 -8.72
N LEU C 408 1.24 34.85 -9.60
CA LEU C 408 2.50 35.55 -9.35
C LEU C 408 2.51 36.30 -8.02
N SER C 409 1.34 36.74 -7.57
CA SER C 409 1.27 37.47 -6.30
C SER C 409 1.48 36.48 -5.16
N ASP C 410 0.69 35.41 -5.16
CA ASP C 410 0.78 34.38 -4.13
C ASP C 410 2.20 33.84 -4.06
N LEU C 411 2.78 33.53 -5.22
CA LEU C 411 4.13 32.99 -5.29
C LEU C 411 5.21 33.94 -4.79
N ARG C 412 5.03 35.25 -4.99
CA ARG C 412 6.02 36.20 -4.51
C ARG C 412 5.97 36.33 -3.00
N ARG C 413 4.75 36.38 -2.46
CA ARG C 413 4.55 36.51 -1.03
C ARG C 413 5.05 35.24 -0.34
N ASP C 414 4.77 34.08 -0.94
CA ASP C 414 5.19 32.80 -0.38
C ASP C 414 6.70 32.71 -0.21
N VAL C 415 7.44 32.79 -1.31
CA VAL C 415 8.89 32.70 -1.29
C VAL C 415 9.60 33.76 -0.45
N GLN C 416 8.96 34.90 -0.26
CA GLN C 416 9.56 35.98 0.52
C GLN C 416 9.12 35.96 2.00
N LYS C 417 7.97 35.37 2.27
CA LYS C 417 7.43 35.32 3.63
C LYS C 417 8.45 34.84 4.65
N VAL C 418 8.51 35.53 5.79
CA VAL C 418 9.42 35.13 6.85
C VAL C 418 8.91 33.75 7.31
N VAL C 419 9.81 32.78 7.45
CA VAL C 419 9.40 31.43 7.85
C VAL C 419 10.37 30.71 8.78
N GLY C 420 9.85 29.67 9.42
CA GLY C 420 10.63 28.86 10.35
C GLY C 420 10.73 27.43 9.88
N PHE C 421 11.84 26.77 10.20
CA PHE C 421 12.07 25.39 9.77
C PHE C 421 12.30 24.37 10.88
N ASP C 422 11.99 23.11 10.58
CA ASP C 422 12.21 21.97 11.48
C ASP C 422 11.85 22.32 12.93
N ALA C 423 10.59 22.68 13.14
CA ALA C 423 10.16 23.11 14.45
C ALA C 423 9.22 22.18 15.18
N VAL C 424 8.98 22.50 16.45
CA VAL C 424 8.05 21.76 17.30
C VAL C 424 7.46 22.74 18.30
N MET C 425 6.13 22.79 18.35
CA MET C 425 5.44 23.66 19.29
C MET C 425 4.87 22.78 20.40
N ARG C 426 4.94 23.26 21.63
CA ARG C 426 4.42 22.52 22.78
C ARG C 426 3.74 23.53 23.68
N VAL C 427 2.97 23.04 24.63
CA VAL C 427 2.28 23.94 25.53
C VAL C 427 2.30 23.35 26.93
N ARG C 428 2.41 24.22 27.93
CA ARG C 428 2.39 23.79 29.33
C ARG C 428 1.38 24.67 30.06
N THR C 429 0.50 24.04 30.82
CA THR C 429 -0.51 24.78 31.56
C THR C 429 -0.35 24.58 33.06
N SER C 430 -0.88 25.54 33.83
CA SER C 430 -0.82 25.48 35.27
C SER C 430 -1.65 24.25 35.71
N THR C 431 -1.27 23.65 36.84
CA THR C 431 -1.96 22.44 37.31
C THR C 431 -3.48 22.53 37.27
N GLY C 432 -4.13 21.53 36.71
CA GLY C 432 -5.59 21.54 36.66
C GLY C 432 -6.19 21.48 35.28
N ILE C 433 -5.41 21.87 34.27
CA ILE C 433 -5.88 21.81 32.89
C ILE C 433 -4.77 21.27 31.98
N ARG C 434 -5.16 20.60 30.90
CA ARG C 434 -4.21 20.03 29.96
C ARG C 434 -4.75 20.20 28.55
N ALA C 435 -3.84 20.21 27.59
CA ALA C 435 -4.22 20.31 26.20
C ALA C 435 -4.70 18.89 25.87
N VAL C 436 -5.81 18.79 25.15
CA VAL C 436 -6.38 17.50 24.81
C VAL C 436 -6.65 17.33 23.31
N ASP C 437 -6.59 18.42 22.55
CA ASP C 437 -6.80 18.29 21.11
C ASP C 437 -6.02 19.37 20.36
N PHE C 438 -5.77 19.11 19.10
CA PHE C 438 -5.01 20.02 18.26
C PHE C 438 -5.61 20.06 16.85
N PHE C 439 -5.69 21.25 16.27
CA PHE C 439 -6.22 21.42 14.92
C PHE C 439 -5.31 22.30 14.11
N GLY C 440 -5.00 21.86 12.88
CA GLY C 440 -4.13 22.66 12.02
C GLY C 440 -3.26 21.84 11.08
N ALA C 441 -2.24 22.49 10.53
CA ALA C 441 -1.33 21.86 9.60
C ALA C 441 -0.06 21.39 10.33
N PHE C 442 -0.01 20.11 10.65
CA PHE C 442 1.15 19.58 11.36
C PHE C 442 1.10 18.06 11.46
N TYR C 443 2.14 17.48 12.08
CA TYR C 443 2.22 16.04 12.30
C TYR C 443 2.24 15.81 13.81
N MET C 444 1.46 14.85 14.29
CA MET C 444 1.42 14.53 15.70
C MET C 444 1.25 13.03 15.93
N SER C 445 2.18 12.44 16.68
CA SER C 445 2.12 11.02 16.98
C SER C 445 1.66 10.82 18.43
N ASN C 446 1.83 11.86 19.26
CA ASN C 446 1.41 11.82 20.66
C ASN C 446 0.46 12.96 21.01
N THR C 447 0.34 13.30 22.30
CA THR C 447 -0.56 14.39 22.67
C THR C 447 0.14 15.69 23.04
N THR C 448 1.46 15.75 22.86
CA THR C 448 2.20 16.96 23.21
C THR C 448 3.04 17.63 22.13
N ASP C 449 3.74 16.85 21.31
CA ASP C 449 4.60 17.42 20.28
C ASP C 449 3.93 17.82 18.97
N VAL C 450 3.77 19.13 18.78
CA VAL C 450 3.20 19.63 17.55
C VAL C 450 4.37 19.84 16.60
N GLU C 451 4.61 18.84 15.77
CA GLU C 451 5.71 18.88 14.81
C GLU C 451 5.35 19.70 13.59
N LEU C 452 6.21 20.67 13.29
CA LEU C 452 5.99 21.56 12.16
C LEU C 452 7.23 21.57 11.27
N ALA C 453 7.19 20.79 10.20
CA ALA C 453 8.32 20.74 9.27
C ALA C 453 8.67 22.17 8.88
N GLY C 454 7.65 22.97 8.63
CA GLY C 454 7.85 24.37 8.28
C GLY C 454 6.80 25.23 8.97
N LEU C 455 7.11 26.51 9.21
CA LEU C 455 6.14 27.39 9.85
C LEU C 455 6.23 28.82 9.34
N ASP C 456 5.08 29.47 9.21
CA ASP C 456 5.04 30.86 8.77
C ASP C 456 4.07 31.66 9.62
N GLY C 457 4.23 32.99 9.61
CA GLY C 457 3.38 33.87 10.39
C GLY C 457 1.91 33.96 9.99
N ASP C 458 1.47 33.05 9.13
CA ASP C 458 0.08 33.05 8.69
C ASP C 458 -0.62 31.82 9.27
N LYS C 459 0.14 30.74 9.44
CA LYS C 459 -0.40 29.50 9.98
C LYS C 459 -0.83 29.64 11.43
N THR C 460 -1.82 28.85 11.80
CA THR C 460 -2.32 28.89 13.16
C THR C 460 -2.63 27.47 13.67
N VAL C 461 -2.27 27.23 14.92
CA VAL C 461 -2.53 25.95 15.56
C VAL C 461 -3.53 26.23 16.67
N THR C 462 -4.61 25.45 16.70
CA THR C 462 -5.62 25.64 17.73
C THR C 462 -5.56 24.50 18.74
N VAL C 463 -5.56 24.87 20.02
CA VAL C 463 -5.48 23.90 21.09
C VAL C 463 -6.67 23.96 22.03
N GLU C 464 -7.28 22.79 22.27
CA GLU C 464 -8.42 22.70 23.18
C GLU C 464 -7.93 22.12 24.49
N PHE C 465 -8.48 22.60 25.60
CA PHE C 465 -8.07 22.12 26.91
C PHE C 465 -9.25 21.60 27.74
N LYS C 466 -8.99 20.58 28.55
CA LYS C 466 -10.01 19.99 29.40
C LYS C 466 -9.47 19.95 30.83
N HIS C 467 -10.36 19.81 31.81
CA HIS C 467 -9.92 19.76 33.20
C HIS C 467 -9.16 18.50 33.56
N ASP C 468 -8.19 18.69 34.42
CA ASP C 468 -7.28 17.68 34.89
C ASP C 468 -7.43 17.55 36.41
N ASP C 469 -7.83 18.66 37.04
CA ASP C 469 -7.98 18.73 38.48
C ASP C 469 -8.93 19.89 38.75
N ARG C 470 -9.01 20.34 40.00
CA ARG C 470 -9.85 21.47 40.36
C ARG C 470 -8.97 22.72 40.31
N LEU C 471 -9.51 23.81 39.77
CA LEU C 471 -8.74 25.03 39.67
C LEU C 471 -9.05 26.01 40.80
N ASN C 472 -8.14 26.94 41.04
CA ASN C 472 -8.30 27.92 42.09
C ASN C 472 -8.86 29.22 41.50
N GLU C 473 -9.74 29.87 42.25
CA GLU C 473 -10.35 31.12 41.81
C GLU C 473 -9.38 32.29 42.00
N GLU C 474 -8.43 32.14 42.92
CA GLU C 474 -7.45 33.17 43.21
C GLU C 474 -6.16 33.05 42.40
N SER C 475 -5.88 31.84 41.91
CA SER C 475 -4.67 31.61 41.14
C SER C 475 -4.86 31.81 39.65
N GLY C 476 -6.05 31.46 39.17
CA GLY C 476 -6.34 31.59 37.77
C GLY C 476 -5.65 30.47 37.01
N ALA C 477 -5.48 30.64 35.71
CA ALA C 477 -4.82 29.62 34.91
C ALA C 477 -3.74 30.25 34.06
N LEU C 478 -2.73 29.45 33.70
CA LEU C 478 -1.61 29.91 32.89
C LEU C 478 -1.34 29.03 31.67
N LEU C 479 -1.15 29.67 30.53
CA LEU C 479 -0.85 28.97 29.30
C LEU C 479 0.51 29.44 28.80
N GLN C 480 1.43 28.51 28.61
CA GLN C 480 2.70 28.90 28.06
C GLN C 480 2.87 28.10 26.77
N CYS C 481 3.33 28.77 25.72
CA CYS C 481 3.54 28.10 24.46
C CYS C 481 4.99 28.31 24.07
N ALA C 482 5.69 27.21 23.81
CA ALA C 482 7.08 27.29 23.41
C ALA C 482 7.19 26.70 22.01
N LEU C 483 7.73 27.50 21.10
CA LEU C 483 7.94 27.09 19.73
C LEU C 483 9.44 26.99 19.48
N LEU C 484 9.91 25.78 19.23
CA LEU C 484 11.32 25.56 18.94
C LEU C 484 11.46 25.48 17.43
N TYR C 485 12.31 26.32 16.85
CA TYR C 485 12.48 26.34 15.40
C TYR C 485 13.86 26.80 14.94
N THR C 486 14.21 26.43 13.72
CA THR C 486 15.47 26.82 13.08
C THR C 486 15.10 27.97 12.13
N SER C 487 15.81 29.10 12.22
CA SER C 487 15.52 30.26 11.38
C SER C 487 16.09 30.17 9.97
N CYS C 488 15.69 31.12 9.12
CA CYS C 488 16.15 31.16 7.74
C CYS C 488 17.68 31.30 7.70
N ALA C 489 18.25 31.84 8.78
CA ALA C 489 19.70 32.00 8.87
C ALA C 489 20.33 30.75 9.47
N GLY C 490 19.51 29.76 9.78
CA GLY C 490 20.02 28.53 10.37
C GLY C 490 20.35 28.63 11.84
N GLN C 491 19.71 29.55 12.54
CA GLN C 491 19.93 29.69 13.98
C GLN C 491 18.77 29.05 14.72
N ARG C 492 19.09 28.27 15.75
CA ARG C 492 18.08 27.59 16.54
C ARG C 492 17.57 28.54 17.62
N ARG C 493 16.26 28.74 17.67
CA ARG C 493 15.67 29.63 18.67
C ARG C 493 14.35 29.08 19.19
N LEU C 494 13.90 29.64 20.29
CA LEU C 494 12.62 29.29 20.91
C LEU C 494 11.80 30.58 20.99
N ARG C 495 10.48 30.45 20.84
CA ARG C 495 9.60 31.59 20.99
C ARG C 495 8.56 31.22 22.03
N ILE C 496 8.55 31.99 23.11
CA ILE C 496 7.64 31.76 24.21
C ILE C 496 6.50 32.78 24.25
N HIS C 497 5.29 32.27 24.48
CA HIS C 497 4.10 33.10 24.59
C HIS C 497 3.45 32.75 25.92
N ASN C 498 3.19 33.76 26.73
CA ASN C 498 2.57 33.54 28.03
C ASN C 498 1.25 34.26 28.11
N LEU C 499 0.24 33.53 28.57
CA LEU C 499 -1.10 34.11 28.70
C LEU C 499 -1.77 33.62 29.97
N ALA C 500 -2.20 34.56 30.79
CA ALA C 500 -2.88 34.26 32.04
C ALA C 500 -4.39 34.37 31.82
N LEU C 501 -5.14 33.50 32.49
CA LEU C 501 -6.59 33.52 32.37
C LEU C 501 -7.21 33.53 33.75
N ASN C 502 -8.51 33.82 33.80
CA ASN C 502 -9.25 33.85 35.05
C ASN C 502 -9.98 32.51 35.24
N CYS C 503 -10.32 32.21 36.50
CA CYS C 503 -11.03 30.99 36.88
C CYS C 503 -12.26 31.43 37.67
N CYS C 504 -13.40 30.85 37.35
CA CYS C 504 -14.64 31.21 38.03
C CYS C 504 -15.43 29.99 38.47
N THR C 505 -16.19 30.17 39.55
CA THR C 505 -17.03 29.11 40.08
C THR C 505 -18.48 29.42 39.73
N GLN C 506 -18.73 30.65 39.28
CA GLN C 506 -20.07 31.10 38.92
C GLN C 506 -20.23 31.08 37.40
N LEU C 507 -21.20 30.32 36.92
CA LEU C 507 -21.46 30.20 35.49
C LEU C 507 -21.53 31.50 34.70
N ALA C 508 -22.04 32.56 35.31
CA ALA C 508 -22.15 33.83 34.62
C ALA C 508 -20.77 34.41 34.27
N ASP C 509 -19.84 34.38 35.23
CA ASP C 509 -18.49 34.88 35.00
C ASP C 509 -17.86 34.15 33.83
N LEU C 510 -18.40 32.97 33.53
CA LEU C 510 -17.90 32.17 32.42
C LEU C 510 -18.48 32.73 31.12
N TYR C 511 -19.78 33.00 31.12
CA TYR C 511 -20.46 33.53 29.94
C TYR C 511 -20.17 35.00 29.64
N ARG C 512 -19.62 35.72 30.61
CA ARG C 512 -19.29 37.13 30.41
C ARG C 512 -17.93 37.30 29.73
N ASN C 513 -17.11 36.26 29.76
CA ASN C 513 -15.77 36.36 29.20
C ASN C 513 -15.43 35.43 28.04
N CYS C 514 -16.41 35.17 27.17
CA CYS C 514 -16.17 34.33 26.01
C CYS C 514 -15.90 35.22 24.80
N GLU C 515 -15.47 34.61 23.71
CA GLU C 515 -15.16 35.32 22.48
C GLU C 515 -15.76 34.52 21.35
N THR C 516 -16.88 35.01 20.82
CA THR C 516 -17.60 34.34 19.75
C THR C 516 -16.78 34.09 18.49
N ASP C 517 -16.06 35.11 18.03
CA ASP C 517 -15.26 34.93 16.81
C ASP C 517 -14.22 33.83 16.97
N THR C 518 -13.67 33.67 18.17
CA THR C 518 -12.68 32.63 18.43
C THR C 518 -13.42 31.29 18.53
N LEU C 519 -14.59 31.30 19.16
CA LEU C 519 -15.41 30.10 19.30
C LEU C 519 -15.78 29.58 17.92
N ILE C 520 -16.19 30.48 17.02
CA ILE C 520 -16.56 30.10 15.67
C ILE C 520 -15.37 29.47 14.94
N ASN C 521 -14.19 30.04 15.17
CA ASN C 521 -12.96 29.53 14.55
C ASN C 521 -12.67 28.11 15.02
N TYR C 522 -12.96 27.84 16.30
CA TYR C 522 -12.71 26.52 16.84
C TYR C 522 -13.76 25.46 16.45
N MET C 523 -15.05 25.79 16.53
CA MET C 523 -16.05 24.80 16.18
C MET C 523 -16.12 24.51 14.69
N ALA C 524 -15.65 25.43 13.87
CA ALA C 524 -15.67 25.22 12.44
C ALA C 524 -14.55 24.23 12.10
N LYS C 525 -13.40 24.39 12.75
CA LYS C 525 -12.26 23.52 12.51
C LYS C 525 -12.52 22.13 13.05
N PHE C 526 -13.34 22.03 14.08
CA PHE C 526 -13.71 20.76 14.69
C PHE C 526 -14.65 20.02 13.75
N ALA C 527 -15.64 20.75 13.24
CA ALA C 527 -16.63 20.17 12.33
C ALA C 527 -15.99 19.78 11.01
N TYR C 528 -15.05 20.59 10.53
CA TYR C 528 -14.39 20.28 9.27
C TYR C 528 -13.49 19.06 9.39
N ARG C 529 -13.01 18.77 10.60
CA ARG C 529 -12.17 17.59 10.78
C ARG C 529 -13.07 16.38 10.98
N GLY C 530 -14.24 16.62 11.58
CA GLY C 530 -15.19 15.55 11.82
C GLY C 530 -15.74 14.96 10.53
N VAL C 531 -15.81 15.79 9.49
CA VAL C 531 -16.31 15.35 8.20
C VAL C 531 -15.32 14.38 7.56
N LEU C 532 -14.24 14.09 8.27
CA LEU C 532 -13.20 13.20 7.76
C LEU C 532 -13.36 11.77 8.24
N ASN C 533 -14.10 11.59 9.34
CA ASN C 533 -14.31 10.26 9.91
C ASN C 533 -15.71 10.14 10.51
N SER C 534 -16.60 11.05 10.15
CA SER C 534 -17.96 11.04 10.68
C SER C 534 -18.91 11.64 9.64
N PRO C 535 -20.03 10.95 9.35
CA PRO C 535 -21.01 11.44 8.37
C PRO C 535 -21.37 12.90 8.59
N VAL C 536 -21.40 13.66 7.50
CA VAL C 536 -21.70 15.09 7.53
C VAL C 536 -22.99 15.50 8.28
N LYS C 537 -23.92 14.57 8.41
CA LYS C 537 -25.19 14.84 9.09
C LYS C 537 -25.01 14.77 10.60
N ALA C 538 -24.14 13.87 11.05
CA ALA C 538 -23.87 13.69 12.48
C ALA C 538 -23.04 14.88 12.96
N VAL C 539 -22.09 15.30 12.14
CA VAL C 539 -21.24 16.43 12.45
C VAL C 539 -22.15 17.63 12.62
N ARG C 540 -23.13 17.73 11.72
CA ARG C 540 -24.12 18.81 11.73
C ARG C 540 -24.77 18.97 13.10
N ASP C 541 -25.47 17.92 13.52
CA ASP C 541 -26.19 17.91 14.79
C ASP C 541 -25.31 18.08 16.02
N THR C 542 -24.10 17.54 15.96
CA THR C 542 -23.18 17.62 17.09
C THR C 542 -22.88 19.06 17.48
N LEU C 543 -22.63 19.90 16.47
CA LEU C 543 -22.33 21.31 16.68
C LEU C 543 -23.53 22.06 17.25
N ILE C 544 -24.64 21.94 16.54
CA ILE C 544 -25.88 22.61 16.94
C ILE C 544 -26.29 22.27 18.38
N THR C 545 -26.14 21.01 18.76
CA THR C 545 -26.50 20.61 20.12
C THR C 545 -25.61 21.34 21.13
N GLN C 546 -24.34 21.48 20.77
CA GLN C 546 -23.36 22.17 21.62
C GLN C 546 -23.80 23.64 21.75
N CYS C 547 -24.02 24.30 20.62
CA CYS C 547 -24.43 25.69 20.61
C CYS C 547 -25.74 25.88 21.36
N ALA C 548 -26.66 24.93 21.16
CA ALA C 548 -27.95 24.99 21.82
C ALA C 548 -27.77 24.77 23.33
N GLN C 549 -26.91 23.83 23.70
CA GLN C 549 -26.67 23.53 25.10
C GLN C 549 -25.98 24.67 25.84
N ILE C 550 -24.97 25.28 25.21
CA ILE C 550 -24.26 26.38 25.87
C ILE C 550 -25.21 27.55 26.08
N LEU C 551 -26.15 27.73 25.16
CA LEU C 551 -27.13 28.80 25.27
C LEU C 551 -28.21 28.42 26.28
N ALA C 552 -28.53 27.14 26.35
CA ALA C 552 -29.54 26.65 27.28
C ALA C 552 -29.04 26.80 28.71
N CYS C 553 -27.79 26.44 28.94
CA CYS C 553 -27.20 26.54 30.27
C CYS C 553 -27.14 27.98 30.76
N TYR C 554 -27.07 28.92 29.82
CA TYR C 554 -27.01 30.33 30.15
C TYR C 554 -28.38 30.78 30.65
N ARG C 555 -29.42 30.32 29.98
CA ARG C 555 -30.80 30.67 30.32
C ARG C 555 -31.27 30.02 31.62
N LYS C 556 -30.95 28.74 31.79
CA LYS C 556 -31.37 28.01 32.99
C LYS C 556 -30.67 28.50 34.25
N ASN C 557 -29.54 29.19 34.09
CA ASN C 557 -28.80 29.67 35.25
C ASN C 557 -28.45 31.15 35.24
N CYS C 558 -28.75 31.83 34.13
CA CYS C 558 -28.47 33.25 34.01
C CYS C 558 -29.54 33.95 33.19
N GLY C 565 -40.57 31.11 26.03
CA GLY C 565 -40.70 32.46 26.56
C GLY C 565 -39.87 33.42 25.73
N GLN C 566 -39.22 34.38 26.40
CA GLN C 566 -38.40 35.38 25.74
C GLN C 566 -37.07 34.80 25.24
N LEU C 567 -36.68 35.17 24.02
CA LEU C 567 -35.44 34.70 23.42
C LEU C 567 -34.27 35.51 23.99
N ILE C 568 -33.29 34.83 24.56
CA ILE C 568 -32.15 35.53 25.16
C ILE C 568 -30.80 34.97 24.74
N LEU C 569 -29.75 35.75 25.01
CA LEU C 569 -28.37 35.38 24.67
C LEU C 569 -27.41 36.15 25.56
N PRO C 570 -26.19 35.61 25.75
CA PRO C 570 -25.21 36.32 26.59
C PRO C 570 -24.64 37.47 25.74
N GLU C 571 -24.49 38.64 26.35
CA GLU C 571 -23.97 39.81 25.64
C GLU C 571 -22.79 39.57 24.68
N CYS C 572 -21.85 38.72 25.07
CA CYS C 572 -20.67 38.45 24.23
C CYS C 572 -20.86 37.32 23.22
N MET C 573 -22.10 36.88 23.04
CA MET C 573 -22.41 35.81 22.09
C MET C 573 -23.59 36.18 21.20
N LYS C 574 -23.99 37.44 21.25
CA LYS C 574 -25.13 37.93 20.47
C LYS C 574 -25.10 37.49 19.01
N LEU C 575 -23.90 37.26 18.47
CA LEU C 575 -23.75 36.86 17.08
C LEU C 575 -23.46 35.38 16.84
N LEU C 576 -23.51 34.57 17.90
CA LEU C 576 -23.23 33.14 17.76
C LEU C 576 -24.14 32.45 16.74
N PRO C 577 -25.47 32.61 16.89
CA PRO C 577 -26.41 31.97 15.95
C PRO C 577 -26.13 32.34 14.49
N VAL C 578 -25.94 33.63 14.24
CA VAL C 578 -25.68 34.14 12.89
C VAL C 578 -24.49 33.45 12.22
N TYR C 579 -23.37 33.37 12.93
CA TYR C 579 -22.17 32.74 12.39
C TYR C 579 -22.32 31.21 12.34
N LEU C 580 -22.97 30.64 13.36
CA LEU C 580 -23.18 29.21 13.42
C LEU C 580 -23.90 28.82 12.14
N ASN C 581 -24.90 29.63 11.78
CA ASN C 581 -25.69 29.41 10.58
C ASN C 581 -24.78 29.47 9.36
N CYS C 582 -23.81 30.39 9.39
CA CYS C 582 -22.88 30.53 8.28
C CYS C 582 -21.97 29.31 8.18
N VAL C 583 -21.58 28.78 9.35
CA VAL C 583 -20.71 27.61 9.40
C VAL C 583 -21.42 26.43 8.74
N LEU C 584 -22.61 26.12 9.24
CA LEU C 584 -23.40 25.02 8.70
C LEU C 584 -23.65 25.19 7.20
N LYS C 585 -23.99 26.40 6.77
CA LYS C 585 -24.27 26.67 5.37
C LYS C 585 -23.05 26.74 4.45
N SER C 586 -21.87 26.39 4.98
CA SER C 586 -20.67 26.42 4.16
C SER C 586 -20.61 25.17 3.30
N ASP C 587 -19.81 25.22 2.23
CA ASP C 587 -19.66 24.10 1.30
C ASP C 587 -19.32 22.76 1.94
N VAL C 588 -18.47 22.79 2.95
CA VAL C 588 -18.06 21.56 3.63
C VAL C 588 -19.18 20.92 4.43
N LEU C 589 -20.05 21.74 5.04
CA LEU C 589 -21.13 21.20 5.84
C LEU C 589 -22.50 21.17 5.15
N GLN C 590 -22.52 21.41 3.85
CA GLN C 590 -23.74 21.41 3.04
C GLN C 590 -23.40 21.70 1.59
N PRO C 591 -22.95 20.67 0.85
CA PRO C 591 -22.57 20.77 -0.56
C PRO C 591 -23.68 21.25 -1.48
N GLY C 592 -23.52 22.46 -2.01
CA GLY C 592 -24.51 23.01 -2.92
C GLY C 592 -24.58 22.19 -4.19
N ALA C 593 -25.35 22.64 -5.16
CA ALA C 593 -25.49 21.91 -6.41
C ALA C 593 -24.19 21.92 -7.22
N GLU C 594 -23.78 23.10 -7.68
CA GLU C 594 -22.57 23.22 -8.47
C GLU C 594 -21.29 23.26 -7.63
N VAL C 595 -21.20 22.39 -6.63
CA VAL C 595 -20.04 22.35 -5.77
C VAL C 595 -19.22 21.08 -6.04
N THR C 596 -18.03 21.26 -6.60
CA THR C 596 -17.16 20.13 -6.90
C THR C 596 -16.54 19.53 -5.64
N THR C 597 -15.96 18.35 -5.78
CA THR C 597 -15.34 17.65 -4.66
C THR C 597 -14.03 18.30 -4.27
N ASP C 598 -13.19 18.60 -5.27
CA ASP C 598 -11.92 19.24 -5.00
C ASP C 598 -12.16 20.51 -4.20
N ASP C 599 -13.22 21.22 -4.55
CA ASP C 599 -13.58 22.46 -3.86
C ASP C 599 -13.65 22.26 -2.35
N ARG C 600 -14.63 21.49 -1.89
CA ARG C 600 -14.78 21.24 -0.46
C ARG C 600 -13.46 20.87 0.19
N ALA C 601 -12.68 20.03 -0.50
CA ALA C 601 -11.39 19.57 -0.01
C ALA C 601 -10.39 20.72 0.17
N TYR C 602 -10.30 21.57 -0.84
CA TYR C 602 -9.39 22.71 -0.83
C TYR C 602 -9.80 23.76 0.21
N VAL C 603 -11.10 23.97 0.35
CA VAL C 603 -11.60 24.94 1.32
C VAL C 603 -11.43 24.41 2.74
N ARG C 604 -11.73 23.13 2.91
CA ARG C 604 -11.58 22.51 4.22
C ARG C 604 -10.11 22.55 4.60
N GLN C 605 -9.26 22.61 3.58
CA GLN C 605 -7.81 22.65 3.75
C GLN C 605 -7.32 24.05 4.11
N LEU C 606 -8.17 25.05 3.88
CA LEU C 606 -7.82 26.44 4.18
C LEU C 606 -8.34 26.84 5.56
N VAL C 607 -9.65 26.69 5.75
CA VAL C 607 -10.29 27.01 7.01
C VAL C 607 -9.52 26.36 8.16
N THR C 608 -9.10 25.11 7.94
CA THR C 608 -8.37 24.34 8.95
C THR C 608 -7.06 24.99 9.40
N SER C 609 -6.70 26.12 8.81
CA SER C 609 -5.46 26.76 9.18
C SER C 609 -5.57 28.26 9.30
N MET C 610 -6.78 28.80 9.20
CA MET C 610 -6.88 30.25 9.27
C MET C 610 -7.10 30.97 10.60
N ASP C 611 -6.62 32.20 10.56
CA ASP C 611 -6.67 33.21 11.61
C ASP C 611 -8.13 33.38 12.06
N VAL C 612 -8.36 33.97 13.23
CA VAL C 612 -9.72 34.22 13.68
C VAL C 612 -10.30 35.29 12.74
N THR C 613 -9.43 36.16 12.26
CA THR C 613 -9.80 37.22 11.33
C THR C 613 -10.26 36.58 10.02
N GLU C 614 -9.46 35.65 9.52
CA GLU C 614 -9.77 34.97 8.26
C GLU C 614 -11.06 34.14 8.36
N THR C 615 -11.36 33.64 9.56
CA THR C 615 -12.56 32.85 9.77
C THR C 615 -13.75 33.80 9.87
N ASN C 616 -13.56 34.90 10.59
CA ASN C 616 -14.60 35.89 10.76
C ASN C 616 -15.16 36.35 9.42
N VAL C 617 -14.26 36.74 8.52
CA VAL C 617 -14.66 37.22 7.20
C VAL C 617 -15.19 36.14 6.27
N PHE C 618 -14.60 34.94 6.34
CA PHE C 618 -15.02 33.82 5.50
C PHE C 618 -16.51 33.50 5.66
N PHE C 619 -16.91 33.17 6.89
CA PHE C 619 -18.30 32.81 7.17
C PHE C 619 -19.28 33.97 7.06
N TYR C 620 -18.78 35.19 7.24
CA TYR C 620 -19.64 36.36 7.11
C TYR C 620 -18.86 37.39 6.29
N PRO C 621 -18.92 37.25 4.96
CA PRO C 621 -18.22 38.16 4.05
C PRO C 621 -18.55 39.62 4.26
N ARG C 622 -17.65 40.49 3.82
CA ARG C 622 -17.82 41.93 3.94
C ARG C 622 -18.51 42.47 2.69
N LEU C 623 -19.72 42.97 2.87
CA LEU C 623 -20.51 43.52 1.77
C LEU C 623 -20.68 45.03 1.90
N LEU C 624 -20.12 45.78 0.97
CA LEU C 624 -20.23 47.24 1.01
C LEU C 624 -20.49 47.90 -0.34
N PRO C 625 -21.32 48.96 -0.36
CA PRO C 625 -21.66 49.70 -1.58
C PRO C 625 -20.54 50.60 -2.07
N LEU C 626 -20.50 50.81 -3.38
CA LEU C 626 -19.48 51.64 -4.01
C LEU C 626 -20.06 52.97 -4.51
N THR C 627 -21.33 53.23 -4.22
CA THR C 627 -21.99 54.45 -4.67
C THR C 627 -22.92 55.14 -3.67
N GLU C 632 -15.34 60.82 0.50
CA GLU C 632 -14.17 60.36 -0.23
C GLU C 632 -13.00 60.32 0.76
N SER C 633 -13.22 60.96 1.90
CA SER C 633 -12.26 61.04 3.00
C SER C 633 -12.19 59.66 3.64
N THR C 634 -12.44 59.59 4.94
CA THR C 634 -12.43 58.30 5.64
C THR C 634 -13.49 57.47 4.91
N THR C 635 -13.05 56.60 4.01
CA THR C 635 -13.97 55.80 3.22
C THR C 635 -14.06 54.32 3.53
N GLU C 636 -13.90 53.50 2.49
CA GLU C 636 -14.03 52.05 2.60
C GLU C 636 -15.47 51.88 3.10
N PRO C 637 -16.44 52.35 2.29
CA PRO C 637 -17.87 52.31 2.58
C PRO C 637 -18.30 51.29 3.63
N PRO C 638 -18.86 51.77 4.74
CA PRO C 638 -19.33 50.91 5.83
C PRO C 638 -20.20 49.78 5.30
N ALA C 639 -19.66 48.57 5.33
CA ALA C 639 -20.37 47.39 4.85
C ALA C 639 -21.79 47.32 5.39
N VAL C 640 -22.57 46.38 4.87
CA VAL C 640 -23.94 46.20 5.30
C VAL C 640 -24.20 44.71 5.44
N ARG C 641 -25.40 44.36 5.88
CA ARG C 641 -25.77 42.95 6.05
C ARG C 641 -25.51 42.17 4.77
N ALA C 642 -25.06 40.92 4.94
CA ALA C 642 -24.79 40.06 3.79
C ALA C 642 -26.10 39.42 3.34
N SER C 643 -27.05 40.27 2.95
CA SER C 643 -28.36 39.79 2.50
C SER C 643 -28.67 40.42 1.15
N GLU C 644 -29.57 39.80 0.39
CA GLU C 644 -29.96 40.32 -0.90
C GLU C 644 -30.81 41.56 -0.66
N GLU C 645 -31.35 41.68 0.55
CA GLU C 645 -32.18 42.82 0.92
C GLU C 645 -31.40 44.13 0.88
N ARG C 646 -30.12 44.06 1.22
CA ARG C 646 -29.29 45.26 1.26
C ARG C 646 -28.64 45.53 -0.09
N LEU C 647 -29.26 45.05 -1.18
CA LEU C 647 -28.74 45.26 -2.52
C LEU C 647 -29.65 46.14 -3.38
N SER C 648 -29.24 47.39 -3.56
CA SER C 648 -30.01 48.36 -4.34
C SER C 648 -29.70 48.25 -5.83
N ASN C 649 -30.74 48.35 -6.66
CA ASN C 649 -30.60 48.27 -8.11
C ASN C 649 -29.72 49.38 -8.67
N GLY C 650 -30.06 50.62 -8.36
CA GLY C 650 -29.30 51.76 -8.85
C GLY C 650 -27.97 51.93 -8.14
N ASP C 651 -27.52 50.88 -7.47
CA ASP C 651 -26.25 50.92 -6.74
C ASP C 651 -25.45 49.66 -6.97
N ILE C 652 -24.13 49.76 -6.77
CA ILE C 652 -23.21 48.64 -6.93
C ILE C 652 -22.52 48.37 -5.61
N TYR C 653 -22.52 47.11 -5.19
CA TYR C 653 -21.88 46.71 -3.95
C TYR C 653 -20.69 45.84 -4.25
N LEU C 654 -19.78 45.70 -3.29
CA LEU C 654 -18.61 44.86 -3.46
C LEU C 654 -18.52 43.90 -2.27
N LEU C 655 -18.34 42.62 -2.56
CA LEU C 655 -18.27 41.61 -1.51
C LEU C 655 -16.90 40.96 -1.41
N GLU C 656 -16.50 40.66 -0.17
CA GLU C 656 -15.22 40.04 0.14
C GLU C 656 -15.41 39.01 1.26
N ASN C 657 -14.88 37.80 1.04
CA ASN C 657 -14.97 36.74 2.04
C ASN C 657 -13.56 36.31 2.44
N GLY C 658 -12.57 37.03 1.92
CA GLY C 658 -11.18 36.73 2.22
C GLY C 658 -10.53 35.86 1.16
N LEU C 659 -11.34 35.11 0.43
CA LEU C 659 -10.82 34.22 -0.61
C LEU C 659 -11.23 34.69 -2.01
N ASN C 660 -12.40 35.32 -2.11
CA ASN C 660 -12.90 35.81 -3.39
C ASN C 660 -13.40 37.24 -3.30
N LEU C 661 -13.22 37.99 -4.38
CA LEU C 661 -13.67 39.39 -4.46
C LEU C 661 -14.77 39.51 -5.51
N PHE C 662 -15.93 39.97 -5.10
CA PHE C 662 -17.05 40.11 -6.03
C PHE C 662 -17.34 41.54 -6.47
N LEU C 663 -18.31 41.66 -7.37
CA LEU C 663 -18.73 42.93 -7.92
C LEU C 663 -20.16 42.75 -8.45
N TRP C 664 -21.11 43.39 -7.79
CA TRP C 664 -22.52 43.26 -8.17
C TRP C 664 -23.09 44.54 -8.78
N VAL C 665 -23.75 44.41 -9.93
CA VAL C 665 -24.35 45.54 -10.64
C VAL C 665 -25.86 45.32 -10.85
N GLY C 666 -26.65 46.37 -10.70
CA GLY C 666 -28.09 46.26 -10.85
C GLY C 666 -28.71 46.87 -12.11
N ALA C 667 -29.77 47.65 -11.92
CA ALA C 667 -30.48 48.29 -13.02
C ALA C 667 -30.89 49.74 -12.72
N SER C 668 -32.02 50.16 -13.30
CA SER C 668 -32.56 51.50 -13.11
C SER C 668 -31.53 52.62 -13.21
N VAL C 669 -30.36 52.33 -13.78
CA VAL C 669 -29.32 53.33 -13.91
C VAL C 669 -29.49 54.11 -15.21
N GLN C 670 -29.23 55.41 -15.15
CA GLN C 670 -29.37 56.28 -16.32
C GLN C 670 -28.51 55.78 -17.49
N GLN C 671 -27.37 56.44 -17.70
CA GLN C 671 -26.46 56.05 -18.78
C GLN C 671 -25.24 56.97 -18.83
N GLY C 672 -24.08 56.43 -18.46
CA GLY C 672 -22.87 57.21 -18.48
C GLY C 672 -22.08 57.16 -17.19
N VAL C 673 -22.36 56.16 -16.36
CA VAL C 673 -21.67 56.00 -15.09
C VAL C 673 -21.25 54.55 -14.88
N VAL C 674 -21.97 53.63 -15.52
CA VAL C 674 -21.66 52.20 -15.40
C VAL C 674 -21.10 51.64 -16.70
N GLN C 685 -25.28 43.37 -22.14
CA GLN C 685 -24.67 44.58 -21.61
C GLN C 685 -23.17 44.39 -21.34
N ILE C 686 -22.85 43.87 -20.16
CA ILE C 686 -21.45 43.63 -19.77
C ILE C 686 -21.13 42.14 -19.77
N THR C 687 -19.85 41.81 -19.84
CA THR C 687 -19.40 40.42 -19.84
C THR C 687 -19.55 39.81 -18.45
N SER C 688 -20.75 39.34 -18.15
CA SER C 688 -21.03 38.72 -16.86
C SER C 688 -19.95 37.69 -16.56
N GLY C 689 -19.32 37.83 -15.40
CA GLY C 689 -18.27 36.91 -15.03
C GLY C 689 -16.95 37.42 -15.57
N LEU C 690 -16.67 38.70 -15.33
CA LEU C 690 -15.42 39.31 -15.78
C LEU C 690 -14.39 39.15 -14.65
N SER C 691 -13.15 38.82 -15.02
CA SER C 691 -12.10 38.62 -14.04
C SER C 691 -11.09 39.77 -13.90
N VAL C 692 -11.31 40.87 -14.62
CA VAL C 692 -10.41 42.01 -14.54
C VAL C 692 -11.16 43.34 -14.65
N LEU C 693 -10.53 44.43 -14.19
CA LEU C 693 -11.13 45.76 -14.22
C LEU C 693 -10.21 46.73 -14.96
N PRO C 694 -10.63 47.19 -16.16
CA PRO C 694 -9.84 48.12 -16.97
C PRO C 694 -9.51 49.44 -16.27
N VAL C 695 -8.27 49.88 -16.43
CA VAL C 695 -7.80 51.13 -15.82
C VAL C 695 -8.43 52.34 -16.52
N LEU C 696 -9.01 53.24 -15.73
CA LEU C 696 -9.64 54.44 -16.27
C LEU C 696 -9.29 55.68 -15.44
N ASP C 697 -9.19 56.82 -16.12
CA ASP C 697 -8.85 58.08 -15.47
C ASP C 697 -10.08 58.92 -15.09
N ASN C 698 -10.79 58.48 -14.04
CA ASN C 698 -11.97 59.16 -13.55
C ASN C 698 -12.19 58.84 -12.08
N PRO C 699 -12.38 59.87 -11.24
CA PRO C 699 -12.59 59.76 -9.80
C PRO C 699 -13.48 58.63 -9.30
N LEU C 700 -14.29 58.04 -10.18
CA LEU C 700 -15.17 56.95 -9.78
C LEU C 700 -14.60 55.57 -10.07
N SER C 701 -13.49 55.53 -10.81
CA SER C 701 -12.83 54.27 -11.14
C SER C 701 -11.61 54.15 -10.24
N LYS C 702 -11.11 55.29 -9.79
CA LYS C 702 -9.94 55.33 -8.92
C LYS C 702 -10.32 54.96 -7.48
N LYS C 703 -11.62 54.93 -7.22
CA LYS C 703 -12.11 54.56 -5.90
C LYS C 703 -12.22 53.04 -5.87
N VAL C 704 -13.07 52.50 -6.75
CA VAL C 704 -13.29 51.05 -6.81
C VAL C 704 -12.01 50.26 -7.05
N ARG C 705 -11.13 50.75 -7.91
CA ARG C 705 -9.88 50.04 -8.16
C ARG C 705 -8.93 50.18 -6.97
N GLY C 706 -8.91 51.36 -6.37
CA GLY C 706 -8.05 51.57 -5.22
C GLY C 706 -8.54 50.79 -4.02
N LEU C 707 -9.82 50.44 -4.05
CA LEU C 707 -10.43 49.67 -2.97
C LEU C 707 -10.04 48.20 -3.10
N ILE C 708 -10.12 47.67 -4.32
CA ILE C 708 -9.75 46.29 -4.57
C ILE C 708 -8.33 46.06 -4.04
N ASP C 709 -7.41 46.90 -4.49
CA ASP C 709 -6.01 46.81 -4.07
C ASP C 709 -5.92 46.93 -2.55
N SER C 710 -6.75 47.77 -1.96
CA SER C 710 -6.76 47.97 -0.52
C SER C 710 -7.20 46.69 0.20
N LEU C 711 -8.34 46.16 -0.20
CA LEU C 711 -8.88 44.95 0.40
C LEU C 711 -7.96 43.74 0.21
N ARG C 712 -7.34 43.65 -0.96
CA ARG C 712 -6.44 42.54 -1.27
C ARG C 712 -5.16 42.59 -0.44
N ALA C 713 -4.76 43.80 -0.06
CA ALA C 713 -3.54 44.00 0.72
C ALA C 713 -3.67 43.52 2.17
N GLN C 714 -4.90 43.47 2.68
CA GLN C 714 -5.11 43.04 4.05
C GLN C 714 -5.59 41.59 4.10
N ARG C 715 -5.15 40.81 3.13
CA ARG C 715 -5.50 39.39 3.05
C ARG C 715 -4.24 38.59 2.72
N SER C 716 -4.14 37.38 3.28
CA SER C 716 -3.00 36.52 3.06
C SER C 716 -2.88 36.05 1.61
N ARG C 717 -4.02 35.92 0.93
CA ARG C 717 -4.02 35.48 -0.45
C ARG C 717 -4.73 36.41 -1.43
N TYR C 718 -4.16 36.50 -2.63
CA TYR C 718 -4.69 37.34 -3.70
C TYR C 718 -6.09 36.86 -4.07
N MET C 719 -7.10 37.68 -3.79
CA MET C 719 -8.48 37.33 -4.11
C MET C 719 -8.78 37.58 -5.58
N LYS C 720 -9.15 36.53 -6.30
CA LYS C 720 -9.45 36.66 -7.73
C LYS C 720 -10.82 37.30 -7.93
N LEU C 721 -10.82 38.44 -8.61
CA LEU C 721 -12.03 39.22 -8.89
C LEU C 721 -12.95 38.59 -9.93
N THR C 722 -14.26 38.68 -9.68
CA THR C 722 -15.27 38.15 -10.61
C THR C 722 -16.49 39.08 -10.59
N VAL C 723 -16.69 39.80 -11.69
CA VAL C 723 -17.81 40.74 -11.81
C VAL C 723 -19.10 40.00 -12.19
N VAL C 724 -20.23 40.45 -11.66
CA VAL C 724 -21.52 39.81 -11.97
C VAL C 724 -22.67 40.80 -12.11
N LYS C 725 -23.68 40.42 -12.90
CA LYS C 725 -24.86 41.26 -13.11
C LYS C 725 -26.12 40.65 -12.49
N GLN C 726 -26.78 41.46 -11.66
CA GLN C 726 -28.00 41.09 -10.96
C GLN C 726 -28.82 39.96 -11.59
N GLU C 727 -29.55 40.28 -12.65
CA GLU C 727 -30.40 39.30 -13.32
C GLU C 727 -29.71 38.38 -14.33
N ASP C 728 -30.16 37.13 -14.35
CA ASP C 728 -29.72 36.08 -15.28
C ASP C 728 -28.35 35.39 -15.28
N LYS C 729 -27.30 35.89 -14.64
CA LYS C 729 -26.02 35.17 -14.76
C LYS C 729 -25.53 34.24 -13.65
N MET C 730 -24.57 34.74 -12.87
CA MET C 730 -23.99 33.97 -11.78
C MET C 730 -24.71 34.32 -10.49
N GLU C 731 -25.80 35.06 -10.63
CA GLU C 731 -26.60 35.48 -9.50
C GLU C 731 -26.94 34.24 -8.67
N MET C 732 -26.99 33.08 -9.33
CA MET C 732 -27.32 31.83 -8.65
C MET C 732 -26.22 31.38 -7.71
N LEU C 733 -25.07 32.05 -7.79
CA LEU C 733 -23.94 31.70 -6.91
C LEU C 733 -23.72 32.79 -5.88
N PHE C 734 -23.59 34.02 -6.34
CA PHE C 734 -23.38 35.18 -5.47
C PHE C 734 -24.24 35.08 -4.21
N LYS C 735 -25.45 34.56 -4.39
CA LYS C 735 -26.41 34.39 -3.30
C LYS C 735 -25.81 33.62 -2.13
N HIS C 736 -24.90 32.69 -2.43
CA HIS C 736 -24.28 31.89 -1.38
C HIS C 736 -23.55 32.75 -0.36
N PHE C 737 -22.89 33.81 -0.83
CA PHE C 737 -22.15 34.68 0.07
C PHE C 737 -23.06 35.61 0.87
N LEU C 738 -24.36 35.59 0.56
CA LEU C 738 -25.33 36.41 1.27
C LEU C 738 -25.86 35.53 2.40
N VAL C 739 -24.93 34.91 3.11
CA VAL C 739 -25.18 33.99 4.22
C VAL C 739 -26.31 34.32 5.19
N GLU C 740 -26.92 35.50 5.06
CA GLU C 740 -27.99 35.87 5.98
C GLU C 740 -29.41 35.61 5.43
N ASP C 741 -29.49 34.90 4.30
CA ASP C 741 -30.77 34.57 3.69
C ASP C 741 -31.13 33.10 3.89
N LYS C 742 -32.18 32.67 3.19
CA LYS C 742 -32.62 31.28 3.23
C LYS C 742 -32.07 30.73 1.91
N SER C 743 -31.01 29.94 1.95
CA SER C 743 -30.48 29.42 0.71
C SER C 743 -31.44 28.47 0.00
N LEU C 744 -31.40 28.50 -1.33
CA LEU C 744 -32.25 27.65 -2.15
C LEU C 744 -32.03 26.19 -1.78
N SER C 745 -30.76 25.81 -1.64
CA SER C 745 -30.39 24.44 -1.30
C SER C 745 -30.72 24.05 0.14
N GLY C 746 -31.77 24.63 0.68
CA GLY C 746 -32.15 24.30 2.03
C GLY C 746 -31.26 24.88 3.12
N GLY C 747 -30.90 26.15 2.96
CA GLY C 747 -30.10 26.81 3.97
C GLY C 747 -31.16 27.60 4.71
N ALA C 748 -31.07 27.71 6.04
CA ALA C 748 -32.10 28.45 6.75
C ALA C 748 -31.79 29.93 6.79
N SER C 749 -32.80 30.75 7.02
CA SER C 749 -32.60 32.18 7.10
C SER C 749 -32.14 32.50 8.51
N TYR C 750 -31.38 33.58 8.64
CA TYR C 750 -30.89 33.99 9.94
C TYR C 750 -32.07 34.20 10.87
N VAL C 751 -33.09 34.92 10.40
CA VAL C 751 -34.27 35.19 11.20
C VAL C 751 -34.97 33.88 11.58
N ASP C 752 -34.94 32.90 10.68
CA ASP C 752 -35.55 31.61 10.94
C ASP C 752 -34.67 30.82 11.92
N PHE C 753 -33.39 30.69 11.54
CA PHE C 753 -32.42 29.95 12.35
C PHE C 753 -32.50 30.35 13.82
N LEU C 754 -32.69 31.64 14.09
CA LEU C 754 -32.77 32.13 15.46
C LEU C 754 -34.00 31.51 16.13
N CYS C 755 -35.05 31.27 15.34
CA CYS C 755 -36.27 30.69 15.85
C CYS C 755 -36.08 29.19 16.03
N HIS C 756 -35.51 28.54 15.03
CA HIS C 756 -35.26 27.11 15.06
C HIS C 756 -34.21 26.76 16.10
N MET C 757 -33.79 27.78 16.85
CA MET C 757 -32.81 27.62 17.91
C MET C 757 -33.52 27.97 19.22
N HIS C 758 -34.56 28.78 19.12
CA HIS C 758 -35.32 29.16 20.30
C HIS C 758 -36.07 27.94 20.79
N LYS C 759 -36.79 27.28 19.87
CA LYS C 759 -37.54 26.08 20.23
C LYS C 759 -36.55 24.94 20.48
N GLU C 760 -35.49 24.90 19.69
CA GLU C 760 -34.47 23.87 19.82
C GLU C 760 -33.93 23.88 21.26
N ILE C 761 -33.57 25.08 21.72
CA ILE C 761 -33.06 25.30 23.07
C ILE C 761 -34.18 25.01 24.07
N ARG C 762 -35.38 25.42 23.70
CA ARG C 762 -36.56 25.25 24.54
C ARG C 762 -36.72 23.81 25.01
N GLN C 763 -36.79 22.89 24.05
CA GLN C 763 -36.96 21.47 24.36
C GLN C 763 -35.92 20.96 25.35
N LEU C 764 -34.67 21.41 25.20
CA LEU C 764 -33.61 20.99 26.10
C LEU C 764 -33.91 21.42 27.54
N LEU C 765 -34.40 22.65 27.70
CA LEU C 765 -34.74 23.17 29.03
C LEU C 765 -36.17 22.81 29.38
N SER C 766 -36.77 21.92 28.57
CA SER C 766 -38.14 21.49 28.78
C SER C 766 -38.22 19.98 28.98
#